data_9BYB
#
_entry.id   9BYB
#
_cell.length_a   1.00
_cell.length_b   1.00
_cell.length_c   1.00
_cell.angle_alpha   90.00
_cell.angle_beta   90.00
_cell.angle_gamma   90.00
#
_symmetry.space_group_name_H-M   'P 1'
#
loop_
_entity.id
_entity.type
_entity.pdbx_description
1 polymer 'Magnesium-transporting ATPase, P-type 1'
2 non-polymer 'MAGNESIUM ION'
3 non-polymer CARDIOLIPIN
#
_entity_poly.entity_id   1
_entity_poly.type   'polypeptide(L)'
_entity_poly.pdbx_seq_one_letter_code
;MHHHHHHHHLEDNNEINARLEFAKTSTKEELFQKFKTSNKGLSEEQVEISREQYGDNTITRGKKSSLIKRLYQAFINPFT
IILFVLALVSAFTDIILAAPGEKNPQGLIIITTMVLISGILRFVQETRSGNAAENLLKMITTTTNVHRLESGSQEIPIEE
VLVGDIIHLSAGDMVPADLRIIQAKDLFISQASLTGESEPVEKLDLATAAAAASITESVNLAFMGSNVISGSAYGVVIAT
GDATIFGEMAKSVTEDSTKTTFEKGVNSVSWVLIRFMLVMVPFVLLINGFTKGDWMEAALFALAVAVGLTPEMLPMIVTT
CLAKGAVTMSKEKTIIKNLNSIQNLGSMNILCTDKTGTLTQDKVVLMRHLDIHGQENIRVLRHGFLNSYYQTGLKNLMDL
AIIEGAEAKQDKNPELGGLSSKYTKVDEIPFDFERRRMSVVVKSNTNGATSKTQMITKGAAEEMLDICTLVEDKGNVVHL
TPELRAYILKKVDELNEEGMRVILVAQKTNPSPIDTFSVQDESEMVLMGYLAFLDPPKESTAKAIKALNKYGVSVKILTG
DNDKVTRSVCKQVGLPVDKTILGSDIDQLDDNELAAVAAAASVFAKLSPQQKARIVTTLRNSGNSVGYMGDGINDAAAMK
SSDVGISVDSAVDIAKESADVILLEKDLMVLEKGIIEGRKTYANMIKYIKMTASSNFGNMFSVLIASAFLPFIPMLSIHI
LLLNLIYDFSCTAIPWDNVDEEYLVVPRKWDASSVSKFMLWIGPTSSVFDITTYLLMFFVICPATFGPFSSLVPGSVAYI
GFIALFHTGWFVESMWTQTLVIHMIRTPKIPFLQSRASAPLTILTFMGIIGLTIIPFTSFGHSIGLMALPINFFPWLILT
VVMYMMLVTIFKKIFVSKYGELL
;
_entity_poly.pdbx_strand_id   A,B
#
# COMPACT_ATOMS: atom_id res chain seq x y z
N PHE A 22 36.00 50.26 -34.59
CA PHE A 22 36.88 49.74 -35.63
C PHE A 22 38.05 50.69 -35.87
N ALA A 23 37.73 51.95 -36.13
CA ALA A 23 38.74 52.98 -36.40
C ALA A 23 39.40 53.35 -35.08
N LYS A 24 40.46 52.63 -34.73
CA LYS A 24 41.19 52.89 -33.50
C LYS A 24 42.07 54.13 -33.65
N THR A 25 42.80 54.45 -32.60
CA THR A 25 43.69 55.60 -32.62
C THR A 25 45.02 55.26 -33.29
N SER A 26 44.95 54.66 -34.48
CA SER A 26 46.12 54.34 -35.28
C SER A 26 46.15 55.12 -36.59
N THR A 27 45.16 55.96 -36.85
CA THR A 27 45.11 56.77 -38.07
C THR A 27 45.97 58.03 -37.89
N LYS A 28 47.28 57.80 -37.86
CA LYS A 28 48.25 58.86 -37.62
C LYS A 28 48.83 59.35 -38.94
N GLU A 29 49.32 60.59 -38.94
CA GLU A 29 49.88 61.26 -40.11
C GLU A 29 48.80 61.53 -41.16
N GLU A 30 47.57 61.14 -40.87
CA GLU A 30 46.40 61.46 -41.68
C GLU A 30 45.35 62.25 -40.91
N LEU A 31 45.19 61.96 -39.63
CA LEU A 31 44.25 62.70 -38.78
C LEU A 31 44.98 63.27 -37.58
N PHE A 32 45.94 62.51 -37.04
CA PHE A 32 46.78 63.01 -35.96
C PHE A 32 47.90 63.88 -36.52
N GLN A 33 48.45 64.73 -35.65
CA GLN A 33 49.42 65.76 -35.99
C GLN A 33 48.89 66.72 -37.06
N LYS A 34 47.58 66.73 -37.28
CA LYS A 34 46.92 67.64 -38.21
C LYS A 34 45.45 67.72 -37.82
N PHE A 35 44.64 68.30 -38.68
CA PHE A 35 43.20 68.36 -38.47
C PHE A 35 42.39 67.83 -39.65
N LYS A 36 43.00 67.68 -40.82
CA LYS A 36 42.35 67.24 -42.06
C LYS A 36 41.37 68.30 -42.54
N THR A 37 41.21 69.36 -41.75
CA THR A 37 40.42 70.53 -42.10
C THR A 37 41.15 71.75 -41.54
N SER A 38 40.59 72.93 -41.78
CA SER A 38 41.17 74.14 -41.21
C SER A 38 40.89 74.21 -39.72
N ASN A 39 41.81 74.82 -38.98
CA ASN A 39 41.66 75.00 -37.55
C ASN A 39 40.52 75.98 -37.30
N LYS A 40 39.37 75.45 -36.87
CA LYS A 40 38.16 76.22 -36.58
C LYS A 40 37.55 76.79 -37.85
N GLY A 41 38.23 76.62 -38.99
CA GLY A 41 37.71 77.06 -40.26
C GLY A 41 36.94 75.96 -40.97
N LEU A 42 35.85 75.52 -40.37
CA LEU A 42 35.09 74.37 -40.86
C LEU A 42 33.79 74.83 -41.48
N SER A 43 33.43 74.25 -42.62
CA SER A 43 32.32 74.71 -43.43
C SER A 43 31.13 73.75 -43.36
N GLU A 44 30.03 74.18 -43.99
CA GLU A 44 28.80 73.39 -44.02
C GLU A 44 28.99 72.06 -44.75
N GLU A 45 29.70 72.09 -45.89
CA GLU A 45 29.95 70.85 -46.63
C GLU A 45 30.66 69.83 -45.76
N GLN A 46 31.51 70.28 -44.83
CA GLN A 46 32.20 69.35 -43.94
C GLN A 46 31.20 68.63 -43.03
N VAL A 47 30.21 69.36 -42.49
CA VAL A 47 29.27 68.72 -41.58
C VAL A 47 28.33 67.78 -42.33
N GLU A 48 27.98 68.12 -43.58
CA GLU A 48 27.20 67.17 -44.36
C GLU A 48 28.03 65.94 -44.74
N ILE A 49 29.33 66.12 -44.99
CA ILE A 49 30.20 64.97 -45.21
C ILE A 49 30.23 64.07 -43.98
N SER A 50 30.36 64.69 -42.80
CA SER A 50 30.37 63.90 -41.57
C SER A 50 29.05 63.18 -41.34
N ARG A 51 27.92 63.85 -41.63
CA ARG A 51 26.62 63.21 -41.48
C ARG A 51 26.47 62.05 -42.45
N GLU A 52 26.92 62.21 -43.69
CA GLU A 52 26.85 61.12 -44.66
C GLU A 52 27.73 59.95 -44.23
N GLN A 53 28.93 60.22 -43.73
CA GLN A 53 29.85 59.15 -43.37
C GLN A 53 29.47 58.44 -42.07
N TYR A 54 28.82 59.14 -41.14
CA TYR A 54 28.50 58.53 -39.85
C TYR A 54 27.01 58.52 -39.52
N GLY A 55 26.31 59.61 -39.77
CA GLY A 55 24.91 59.73 -39.38
C GLY A 55 24.72 60.65 -38.20
N ASP A 56 23.49 60.62 -37.67
CA ASP A 56 23.13 61.52 -36.58
C ASP A 56 23.92 61.21 -35.32
N ASN A 57 24.25 62.26 -34.56
CA ASN A 57 25.00 62.15 -33.32
C ASN A 57 24.00 62.16 -32.15
N THR A 58 23.21 61.09 -32.07
CA THR A 58 22.14 60.99 -31.10
C THR A 58 22.30 59.71 -30.29
N ILE A 59 21.64 59.68 -29.13
CA ILE A 59 21.60 58.51 -28.26
C ILE A 59 20.18 57.97 -28.28
N THR A 60 20.04 56.68 -28.56
CA THR A 60 18.74 56.05 -28.70
C THR A 60 18.15 55.74 -27.32
N ARG A 61 16.87 56.03 -27.16
CA ARG A 61 16.17 55.79 -25.90
C ARG A 61 14.74 55.36 -26.20
N GLY A 62 14.13 54.67 -25.24
CA GLY A 62 12.76 54.21 -25.39
C GLY A 62 12.27 53.55 -24.12
N LYS A 63 10.97 53.26 -24.12
CA LYS A 63 10.31 52.61 -22.99
C LYS A 63 9.16 51.77 -23.52
N LYS A 64 8.43 51.14 -22.59
CA LYS A 64 7.28 50.32 -22.95
C LYS A 64 6.28 50.31 -21.80
N SER A 65 5.04 49.94 -22.13
CA SER A 65 4.00 49.84 -21.12
C SER A 65 3.12 48.60 -21.31
N SER A 66 3.57 47.63 -22.10
CA SER A 66 2.82 46.41 -22.35
C SER A 66 3.20 45.29 -21.40
N LEU A 67 3.54 45.62 -20.15
CA LEU A 67 3.96 44.61 -19.18
C LEU A 67 2.88 43.55 -18.97
N ILE A 68 1.61 43.93 -19.15
CA ILE A 68 0.52 43.00 -18.87
C ILE A 68 0.58 41.80 -19.82
N LYS A 69 0.68 42.06 -21.12
CA LYS A 69 0.70 40.97 -22.08
C LYS A 69 1.95 40.13 -21.94
N ARG A 70 3.10 40.77 -21.70
CA ARG A 70 4.35 40.03 -21.58
C ARG A 70 4.45 39.26 -20.27
N LEU A 71 3.67 39.65 -19.26
CA LEU A 71 3.77 39.05 -17.94
C LEU A 71 2.63 38.11 -17.60
N TYR A 72 1.55 38.10 -18.37
CA TYR A 72 0.50 37.11 -18.13
C TYR A 72 1.00 35.70 -18.44
N GLN A 73 1.57 35.50 -19.62
CA GLN A 73 1.92 34.16 -20.07
C GLN A 73 3.03 33.56 -19.21
N ALA A 74 2.77 32.35 -18.70
CA ALA A 74 3.73 31.57 -17.92
C ALA A 74 3.07 30.30 -17.40
N PHE A 75 2.71 30.31 -16.13
CA PHE A 75 1.91 29.29 -15.48
C PHE A 75 0.43 29.66 -15.46
N ILE A 76 0.08 30.78 -16.08
CA ILE A 76 -1.30 31.24 -16.12
C ILE A 76 -2.04 30.62 -17.30
N ASN A 77 -1.32 30.24 -18.34
CA ASN A 77 -1.97 29.61 -19.48
C ASN A 77 -2.72 28.33 -19.12
N PRO A 78 -2.22 27.43 -18.27
CA PRO A 78 -3.08 26.33 -17.84
C PRO A 78 -4.34 26.80 -17.15
N PHE A 79 -4.27 27.90 -16.40
CA PHE A 79 -5.48 28.43 -15.78
C PHE A 79 -6.46 28.94 -16.82
N THR A 80 -5.98 29.61 -17.85
CA THR A 80 -6.89 30.08 -18.90
C THR A 80 -7.48 28.91 -19.67
N ILE A 81 -6.70 27.86 -19.90
CA ILE A 81 -7.25 26.67 -20.56
C ILE A 81 -8.31 26.01 -19.68
N ILE A 82 -8.05 25.96 -18.37
CA ILE A 82 -9.03 25.42 -17.43
C ILE A 82 -10.30 26.26 -17.47
N LEU A 83 -10.16 27.58 -17.50
CA LEU A 83 -11.32 28.46 -17.63
C LEU A 83 -12.09 28.15 -18.90
N PHE A 84 -11.37 27.97 -20.02
CA PHE A 84 -12.02 27.68 -21.28
C PHE A 84 -12.79 26.37 -21.20
N VAL A 85 -12.23 25.38 -20.52
CA VAL A 85 -12.91 24.09 -20.44
C VAL A 85 -14.14 24.16 -19.54
N LEU A 86 -14.05 24.87 -18.41
CA LEU A 86 -15.28 25.10 -17.64
C LEU A 86 -16.31 25.87 -18.43
N ALA A 87 -15.90 26.85 -19.23
CA ALA A 87 -16.85 27.59 -20.04
C ALA A 87 -17.51 26.67 -21.06
N LEU A 88 -16.74 25.78 -21.67
CA LEU A 88 -17.29 24.81 -22.60
C LEU A 88 -18.28 23.89 -21.90
N VAL A 89 -17.96 23.45 -20.67
CA VAL A 89 -18.89 22.60 -19.93
C VAL A 89 -20.17 23.36 -19.59
N SER A 90 -20.05 24.63 -19.20
CA SER A 90 -21.23 25.43 -18.92
C SER A 90 -22.09 25.58 -20.16
N ALA A 91 -21.48 25.87 -21.31
CA ALA A 91 -22.24 26.02 -22.54
C ALA A 91 -22.92 24.71 -22.93
N PHE A 92 -22.18 23.60 -22.86
CA PHE A 92 -22.75 22.32 -23.27
C PHE A 92 -23.88 21.88 -22.36
N THR A 93 -23.72 22.04 -21.04
CA THR A 93 -24.77 21.70 -20.11
C THR A 93 -25.90 22.72 -20.10
N ASP A 94 -25.72 23.87 -20.75
CA ASP A 94 -26.77 24.88 -20.82
C ASP A 94 -27.36 25.04 -22.21
N ILE A 95 -26.63 24.66 -23.26
CA ILE A 95 -27.21 24.70 -24.61
C ILE A 95 -28.17 23.55 -24.83
N ILE A 96 -28.13 22.53 -23.98
CA ILE A 96 -29.07 21.41 -24.03
C ILE A 96 -30.03 21.45 -22.84
N LEU A 97 -29.49 21.51 -21.62
CA LEU A 97 -30.30 21.55 -20.41
C LEU A 97 -30.41 22.98 -19.89
N ALA A 98 -31.15 23.15 -18.80
CA ALA A 98 -31.32 24.45 -18.18
C ALA A 98 -30.98 24.50 -16.69
N ALA A 99 -31.25 23.44 -15.94
CA ALA A 99 -30.93 23.44 -14.52
C ALA A 99 -29.45 23.14 -14.27
N PRO A 100 -28.86 22.10 -14.87
CA PRO A 100 -27.42 21.88 -14.63
C PRO A 100 -26.55 22.97 -15.25
N GLY A 101 -27.01 23.59 -16.33
CA GLY A 101 -26.18 24.55 -17.05
C GLY A 101 -26.11 25.91 -16.41
N GLU A 102 -26.29 25.96 -15.09
CA GLU A 102 -26.13 27.20 -14.36
C GLU A 102 -25.33 27.06 -13.07
N LYS A 103 -24.96 25.84 -12.68
CA LYS A 103 -24.07 25.66 -11.54
C LYS A 103 -22.59 25.75 -11.94
N ASN A 104 -22.30 25.76 -13.24
CA ASN A 104 -20.92 25.92 -13.68
C ASN A 104 -20.31 27.27 -13.31
N PRO A 105 -21.06 28.38 -13.21
CA PRO A 105 -20.47 29.61 -12.66
C PRO A 105 -19.74 29.37 -11.35
N GLN A 106 -20.22 28.43 -10.53
CA GLN A 106 -19.58 28.17 -9.25
C GLN A 106 -18.11 27.81 -9.41
N GLY A 107 -17.72 27.29 -10.57
CA GLY A 107 -16.32 27.00 -10.83
C GLY A 107 -15.67 28.01 -11.75
N LEU A 108 -16.42 28.49 -12.74
CA LEU A 108 -15.87 29.44 -13.69
C LEU A 108 -15.47 30.73 -13.00
N ILE A 109 -16.29 31.22 -12.08
CA ILE A 109 -16.00 32.51 -11.43
C ILE A 109 -14.74 32.39 -10.58
N ILE A 110 -14.61 31.32 -9.80
CA ILE A 110 -13.44 31.18 -8.95
C ILE A 110 -12.19 31.01 -9.81
N ILE A 111 -12.27 30.21 -10.88
CA ILE A 111 -11.09 30.02 -11.73
C ILE A 111 -10.72 31.32 -12.45
N THR A 112 -11.70 32.10 -12.89
CA THR A 112 -11.40 33.34 -13.57
C THR A 112 -10.90 34.42 -12.63
N THR A 113 -11.29 34.39 -11.36
CA THR A 113 -10.66 35.29 -10.40
C THR A 113 -9.25 34.84 -10.10
N MET A 114 -9.00 33.53 -10.14
CA MET A 114 -7.67 33.01 -9.91
C MET A 114 -6.71 33.32 -11.06
N VAL A 115 -7.22 33.35 -12.29
CA VAL A 115 -6.38 33.78 -13.41
C VAL A 115 -5.89 35.21 -13.19
N LEU A 116 -6.80 36.10 -12.78
CA LEU A 116 -6.41 37.49 -12.54
C LEU A 116 -5.50 37.62 -11.33
N ILE A 117 -5.72 36.81 -10.29
CA ILE A 117 -4.83 36.84 -9.14
C ILE A 117 -3.42 36.44 -9.56
N SER A 118 -3.30 35.37 -10.34
CA SER A 118 -1.98 34.96 -10.82
C SER A 118 -1.36 36.03 -11.71
N GLY A 119 -2.16 36.65 -12.56
CA GLY A 119 -1.63 37.69 -13.43
C GLY A 119 -1.08 38.87 -12.66
N ILE A 120 -1.85 39.36 -11.69
CA ILE A 120 -1.40 40.49 -10.88
C ILE A 120 -0.15 40.11 -10.08
N LEU A 121 -0.15 38.93 -9.48
CA LEU A 121 0.97 38.54 -8.64
C LEU A 121 2.22 38.19 -9.45
N ARG A 122 2.08 37.89 -10.73
CA ARG A 122 3.25 37.69 -11.58
C ARG A 122 3.76 38.99 -12.16
N PHE A 123 2.84 39.92 -12.48
CA PHE A 123 3.26 41.25 -12.91
C PHE A 123 3.96 42.00 -11.79
N VAL A 124 3.51 41.82 -10.55
CA VAL A 124 4.12 42.52 -9.43
C VAL A 124 5.54 42.05 -9.19
N GLN A 125 5.77 40.75 -9.18
CA GLN A 125 7.09 40.21 -8.91
C GLN A 125 8.04 40.34 -10.09
N GLU A 126 7.69 41.13 -11.09
CA GLU A 126 8.57 41.37 -12.22
C GLU A 126 8.73 42.85 -12.55
N THR A 127 7.66 43.65 -12.39
CA THR A 127 7.70 45.05 -12.82
C THR A 127 8.36 45.97 -11.80
N ARG A 128 8.69 45.48 -10.61
CA ARG A 128 9.35 46.33 -9.62
C ARG A 128 10.69 46.82 -10.15
N SER A 129 11.49 45.93 -10.74
CA SER A 129 12.73 46.35 -11.36
C SER A 129 12.47 47.19 -12.61
N GLY A 130 11.43 46.87 -13.36
CA GLY A 130 11.16 47.60 -14.59
C GLY A 130 10.86 49.07 -14.35
N ASN A 131 10.00 49.35 -13.36
CA ASN A 131 9.73 50.73 -13.00
C ASN A 131 10.69 51.29 -11.96
N ALA A 132 11.63 50.46 -11.47
CA ALA A 132 12.70 50.93 -10.61
C ALA A 132 13.93 51.36 -11.40
N ALA A 133 13.88 51.32 -12.73
CA ALA A 133 15.00 51.71 -13.58
C ALA A 133 14.67 53.04 -14.24
N GLU A 134 15.42 54.08 -13.88
CA GLU A 134 15.30 55.41 -14.47
C GLU A 134 16.63 55.83 -15.09
N ASN A 135 17.37 54.87 -15.64
CA ASN A 135 18.66 55.12 -16.24
C ASN A 135 18.56 56.09 -17.42
N LEU A 136 17.61 55.84 -18.31
CA LEU A 136 17.40 56.72 -19.47
C LEU A 136 16.88 58.07 -19.01
N LEU A 137 16.09 58.08 -17.95
CA LEU A 137 15.59 59.34 -17.38
C LEU A 137 16.76 60.20 -16.91
N LYS A 138 17.72 59.58 -16.23
CA LYS A 138 18.93 60.28 -15.81
C LYS A 138 19.96 60.26 -16.93
N MET A 139 21.20 60.63 -16.61
CA MET A 139 22.29 60.74 -17.60
C MET A 139 21.89 61.85 -18.58
N ILE A 140 21.91 61.59 -19.89
CA ILE A 140 21.51 62.54 -20.93
C ILE A 140 22.05 63.95 -20.66
N THR A 141 23.32 64.17 -20.99
CA THR A 141 23.99 65.44 -20.80
C THR A 141 24.32 66.07 -22.14
N THR A 142 24.15 67.38 -22.22
CA THR A 142 24.36 68.16 -23.43
C THR A 142 24.93 69.53 -23.04
N THR A 143 24.86 70.49 -23.97
CA THR A 143 25.26 71.87 -23.74
C THR A 143 26.73 72.01 -23.32
N THR A 144 27.65 71.68 -24.22
CA THR A 144 29.07 71.82 -23.94
C THR A 144 29.58 73.08 -24.62
N ASN A 145 30.65 73.64 -24.06
CA ASN A 145 31.24 74.85 -24.61
C ASN A 145 32.01 74.52 -25.88
N VAL A 146 31.55 75.05 -27.02
CA VAL A 146 32.15 74.79 -28.32
C VAL A 146 32.41 76.13 -29.01
N HIS A 147 33.54 76.21 -29.70
CA HIS A 147 33.87 77.37 -30.52
C HIS A 147 33.53 77.07 -31.97
N ARG A 148 32.84 78.02 -32.62
CA ARG A 148 32.38 77.83 -33.98
C ARG A 148 32.43 79.20 -34.67
N LEU A 149 32.74 79.18 -35.96
CA LEU A 149 32.79 80.39 -36.75
C LEU A 149 31.45 81.14 -36.77
N GLU A 150 30.35 80.44 -36.50
CA GLU A 150 29.04 81.07 -36.57
C GLU A 150 28.87 82.15 -35.51
N SER A 151 29.18 81.83 -34.24
CA SER A 151 28.95 82.77 -33.15
C SER A 151 30.08 82.77 -32.13
N GLY A 152 31.32 82.54 -32.54
CA GLY A 152 32.42 82.52 -31.59
C GLY A 152 32.27 81.37 -30.61
N SER A 153 32.50 81.67 -29.32
CA SER A 153 32.28 80.68 -28.28
C SER A 153 30.80 80.61 -27.95
N GLN A 154 30.28 79.40 -27.78
CA GLN A 154 28.87 79.20 -27.54
C GLN A 154 28.67 77.90 -26.78
N GLU A 155 27.43 77.63 -26.39
CA GLU A 155 27.04 76.36 -25.78
C GLU A 155 26.28 75.55 -26.81
N ILE A 156 26.93 74.51 -27.33
CA ILE A 156 26.33 73.65 -28.35
C ILE A 156 26.01 72.31 -27.70
N PRO A 157 24.80 71.80 -27.86
CA PRO A 157 24.45 70.51 -27.26
C PRO A 157 25.23 69.38 -27.91
N ILE A 158 25.41 68.31 -27.12
CA ILE A 158 26.03 67.10 -27.65
C ILE A 158 25.20 66.53 -28.80
N GLU A 159 23.89 66.81 -28.80
CA GLU A 159 23.06 66.46 -29.94
C GLU A 159 23.38 67.29 -31.18
N GLU A 160 24.22 68.31 -31.06
CA GLU A 160 24.60 69.16 -32.18
C GLU A 160 26.08 69.10 -32.52
N VAL A 161 26.88 68.36 -31.75
CA VAL A 161 28.32 68.29 -32.03
C VAL A 161 28.54 67.41 -33.25
N LEU A 162 29.60 67.70 -34.00
CA LEU A 162 29.88 67.05 -35.26
C LEU A 162 31.21 66.31 -35.20
N VAL A 163 31.36 65.31 -36.07
CA VAL A 163 32.61 64.57 -36.17
C VAL A 163 33.67 65.47 -36.78
N GLY A 164 34.83 65.54 -36.13
CA GLY A 164 35.90 66.42 -36.56
C GLY A 164 35.83 67.83 -36.03
N ASP A 165 34.96 68.08 -35.05
CA ASP A 165 34.82 69.43 -34.50
C ASP A 165 36.07 69.81 -33.71
N ILE A 166 36.57 71.02 -33.97
CA ILE A 166 37.63 71.59 -33.14
C ILE A 166 36.98 72.12 -31.87
N ILE A 167 37.39 71.57 -30.73
CA ILE A 167 36.73 71.80 -29.45
C ILE A 167 37.75 72.40 -28.48
N HIS A 168 37.34 73.45 -27.78
CA HIS A 168 38.14 74.08 -26.74
C HIS A 168 37.67 73.58 -25.38
N LEU A 169 38.64 73.21 -24.54
CA LEU A 169 38.37 72.60 -23.25
C LEU A 169 38.97 73.46 -22.15
N SER A 170 38.15 73.82 -21.17
CA SER A 170 38.57 74.55 -19.99
C SER A 170 38.31 73.69 -18.75
N ALA A 171 38.56 74.28 -17.59
CA ALA A 171 38.34 73.57 -16.33
C ALA A 171 36.85 73.52 -16.00
N GLY A 172 36.36 72.33 -15.66
CA GLY A 172 34.98 72.15 -15.26
C GLY A 172 33.99 71.92 -16.39
N ASP A 173 34.46 71.83 -17.64
CA ASP A 173 33.56 71.65 -18.76
C ASP A 173 33.24 70.17 -19.00
N MET A 174 32.21 69.93 -19.80
CA MET A 174 31.77 68.59 -20.13
C MET A 174 32.27 68.23 -21.53
N VAL A 175 32.87 67.05 -21.66
CA VAL A 175 33.40 66.63 -22.97
C VAL A 175 32.24 66.29 -23.90
N PRO A 176 32.26 66.73 -25.15
CA PRO A 176 31.10 66.51 -26.03
C PRO A 176 31.07 65.14 -26.70
N ALA A 177 32.24 64.57 -26.98
CA ALA A 177 32.31 63.31 -27.71
C ALA A 177 33.69 62.70 -27.48
N ASP A 178 33.85 61.46 -27.95
CA ASP A 178 35.18 60.85 -27.92
C ASP A 178 36.14 61.72 -28.70
N LEU A 179 37.28 62.01 -28.09
CA LEU A 179 38.03 63.20 -28.47
C LEU A 179 39.53 62.91 -28.49
N ARG A 180 40.10 62.93 -29.69
CA ARG A 180 41.55 62.84 -29.87
C ARG A 180 42.13 64.24 -29.72
N ILE A 181 42.89 64.45 -28.66
CA ILE A 181 43.39 65.79 -28.35
C ILE A 181 44.57 66.11 -29.27
N ILE A 182 44.66 67.38 -29.66
CA ILE A 182 45.73 67.85 -30.53
C ILE A 182 46.64 68.86 -29.84
N GLN A 183 46.11 69.66 -28.92
CA GLN A 183 46.91 70.59 -28.12
C GLN A 183 46.60 70.34 -26.65
N ALA A 184 47.63 70.31 -25.83
CA ALA A 184 47.47 70.08 -24.40
C ALA A 184 48.59 70.76 -23.63
N LYS A 185 48.28 71.15 -22.39
CA LYS A 185 49.28 71.72 -21.49
C LYS A 185 48.97 71.19 -20.08
N ASP A 186 49.57 70.05 -19.75
CA ASP A 186 49.32 69.36 -18.49
C ASP A 186 47.83 69.15 -18.26
N LEU A 187 47.13 68.78 -19.34
CA LEU A 187 45.69 68.56 -19.26
C LEU A 187 45.38 67.40 -18.33
N PHE A 188 44.42 67.59 -17.44
CA PHE A 188 44.03 66.58 -16.46
C PHE A 188 42.54 66.31 -16.59
N ILE A 189 42.18 65.03 -16.67
CA ILE A 189 40.79 64.62 -16.90
C ILE A 189 40.39 63.66 -15.79
N SER A 190 39.22 63.89 -15.19
CA SER A 190 38.66 62.99 -14.20
C SER A 190 37.95 61.85 -14.93
N GLN A 191 38.46 60.63 -14.76
CA GLN A 191 37.98 59.47 -15.51
C GLN A 191 37.18 58.50 -14.66
N ALA A 192 36.53 59.00 -13.61
CA ALA A 192 35.68 58.15 -12.78
C ALA A 192 34.43 57.69 -13.52
N SER A 193 34.05 58.39 -14.58
CA SER A 193 32.87 57.99 -15.34
C SER A 193 33.08 56.68 -16.10
N LEU A 194 34.32 56.34 -16.42
CA LEU A 194 34.61 55.11 -17.14
C LEU A 194 35.55 54.17 -16.40
N THR A 195 36.54 54.69 -15.70
CA THR A 195 37.45 53.86 -14.92
C THR A 195 37.11 53.79 -13.45
N GLY A 196 36.19 54.64 -12.98
CA GLY A 196 35.80 54.64 -11.59
C GLY A 196 36.71 55.43 -10.68
N GLU A 197 37.81 55.99 -11.20
CA GLU A 197 38.77 56.73 -10.39
C GLU A 197 38.55 58.23 -10.59
N SER A 198 38.23 58.92 -9.51
CA SER A 198 38.02 60.37 -9.58
C SER A 198 39.33 61.13 -9.69
N GLU A 199 40.46 60.51 -9.37
CA GLU A 199 41.74 61.21 -9.44
C GLU A 199 42.06 61.55 -10.89
N PRO A 200 42.51 62.76 -11.18
CA PRO A 200 42.75 63.14 -12.57
C PRO A 200 43.89 62.33 -13.19
N VAL A 201 43.73 62.04 -14.48
CA VAL A 201 44.76 61.40 -15.29
C VAL A 201 45.24 62.42 -16.31
N GLU A 202 46.56 62.45 -16.53
CA GLU A 202 47.13 63.36 -17.50
C GLU A 202 46.82 62.90 -18.92
N LYS A 203 46.50 63.85 -19.78
CA LYS A 203 46.21 63.61 -21.19
C LYS A 203 47.15 64.46 -22.02
N LEU A 204 47.91 63.82 -22.91
CA LEU A 204 48.95 64.50 -23.67
C LEU A 204 48.60 64.50 -25.15
N ASP A 205 49.00 65.57 -25.82
CA ASP A 205 48.69 65.78 -27.24
C ASP A 205 49.81 65.32 -28.17
N LEU A 206 50.91 64.80 -27.64
CA LEU A 206 52.03 64.40 -28.47
C LEU A 206 51.69 63.15 -29.28
N ALA A 207 52.54 62.87 -30.27
CA ALA A 207 52.38 61.68 -31.10
C ALA A 207 52.63 60.44 -30.24
N THR A 208 51.56 59.70 -29.95
CA THR A 208 51.63 58.54 -29.08
C THR A 208 51.83 57.27 -29.92
N ALA A 209 51.73 56.12 -29.25
CA ALA A 209 51.84 54.85 -29.94
C ALA A 209 50.60 54.59 -30.79
N ALA A 210 50.82 54.02 -31.98
CA ALA A 210 49.70 53.72 -32.87
C ALA A 210 48.84 52.59 -32.33
N ALA A 211 49.48 51.55 -31.77
CA ALA A 211 48.73 50.40 -31.27
C ALA A 211 47.92 50.74 -30.01
N ALA A 212 48.39 51.69 -29.21
CA ALA A 212 47.70 52.15 -28.01
C ALA A 212 47.45 51.00 -27.02
N ALA A 213 46.60 51.26 -26.04
CA ALA A 213 46.31 50.30 -24.98
C ALA A 213 44.88 50.55 -24.50
N SER A 214 44.57 50.06 -23.30
CA SER A 214 43.23 50.21 -22.73
C SER A 214 42.92 51.69 -22.49
N ILE A 215 41.70 51.93 -22.01
CA ILE A 215 41.22 53.30 -21.85
C ILE A 215 42.07 54.08 -20.85
N THR A 216 42.54 53.41 -19.79
CA THR A 216 43.37 54.09 -18.81
C THR A 216 44.70 54.52 -19.41
N GLU A 217 45.19 53.82 -20.43
CA GLU A 217 46.43 54.16 -21.11
C GLU A 217 46.19 54.83 -22.45
N SER A 218 44.96 55.27 -22.73
CA SER A 218 44.65 56.02 -23.94
C SER A 218 45.00 57.49 -23.68
N VAL A 219 46.30 57.77 -23.71
CA VAL A 219 46.81 59.09 -23.34
C VAL A 219 46.61 60.12 -24.42
N ASN A 220 46.32 59.70 -25.66
CA ASN A 220 46.16 60.65 -26.76
C ASN A 220 44.72 61.08 -26.97
N LEU A 221 43.74 60.34 -26.45
CA LEU A 221 42.34 60.69 -26.66
C LEU A 221 41.57 60.53 -25.36
N ALA A 222 40.45 61.24 -25.27
CA ALA A 222 39.57 61.23 -24.11
C ALA A 222 38.29 60.47 -24.44
N PHE A 223 37.37 60.45 -23.48
CA PHE A 223 36.11 59.74 -23.61
C PHE A 223 34.97 60.60 -23.08
N MET A 224 33.76 60.26 -23.51
CA MET A 224 32.58 61.01 -23.12
C MET A 224 32.30 60.88 -21.62
N GLY A 225 31.65 61.89 -21.06
CA GLY A 225 31.23 61.88 -19.68
C GLY A 225 32.28 62.32 -18.68
N SER A 226 33.49 62.64 -19.12
CA SER A 226 34.57 63.01 -18.22
C SER A 226 34.65 64.53 -18.08
N ASN A 227 35.02 64.96 -16.88
CA ASN A 227 35.15 66.39 -16.57
C ASN A 227 36.62 66.76 -16.49
N VAL A 228 36.98 67.85 -17.18
CA VAL A 228 38.35 68.33 -17.14
C VAL A 228 38.60 69.01 -15.80
N ILE A 229 39.65 68.58 -15.10
CA ILE A 229 39.96 69.12 -13.78
C ILE A 229 40.77 70.41 -13.89
N SER A 230 41.84 70.39 -14.67
CA SER A 230 42.67 71.58 -14.82
C SER A 230 43.24 71.62 -16.24
N GLY A 231 43.54 72.83 -16.71
CA GLY A 231 44.14 73.01 -18.01
C GLY A 231 43.12 73.24 -19.12
N SER A 232 43.63 73.77 -20.23
CA SER A 232 42.83 74.05 -21.41
C SER A 232 43.46 73.32 -22.60
N ALA A 233 42.63 72.95 -23.56
CA ALA A 233 43.10 72.11 -24.66
C ALA A 233 42.27 72.36 -25.91
N TYR A 234 42.83 71.99 -27.05
CA TYR A 234 42.12 71.96 -28.32
C TYR A 234 42.16 70.55 -28.87
N GLY A 235 40.99 70.06 -29.31
CA GLY A 235 40.89 68.69 -29.78
C GLY A 235 39.97 68.55 -30.96
N VAL A 236 39.97 67.34 -31.54
CA VAL A 236 39.17 67.01 -32.71
C VAL A 236 38.29 65.82 -32.38
N VAL A 237 37.00 65.91 -32.73
CA VAL A 237 36.07 64.82 -32.48
C VAL A 237 36.33 63.69 -33.47
N ILE A 238 36.40 62.46 -32.95
CA ILE A 238 36.64 61.27 -33.77
C ILE A 238 35.33 60.58 -34.13
N ALA A 239 34.44 60.40 -33.17
CA ALA A 239 33.15 59.79 -33.40
C ALA A 239 32.14 60.41 -32.46
N THR A 240 30.87 60.11 -32.71
CA THR A 240 29.77 60.68 -31.93
C THR A 240 28.69 59.61 -31.79
N GLY A 241 27.51 60.05 -31.36
CA GLY A 241 26.36 59.16 -31.30
C GLY A 241 26.60 57.96 -30.39
N ASP A 242 26.25 56.78 -30.90
CA ASP A 242 26.39 55.54 -30.15
C ASP A 242 27.79 54.97 -30.21
N ALA A 243 28.68 55.54 -31.04
CA ALA A 243 30.05 55.07 -31.11
C ALA A 243 30.87 55.43 -29.88
N THR A 244 30.45 56.43 -29.12
CA THR A 244 31.15 56.81 -27.91
C THR A 244 30.92 55.77 -26.82
N ILE A 245 31.90 55.64 -25.92
CA ILE A 245 31.80 54.66 -24.85
C ILE A 245 30.62 54.98 -23.95
N PHE A 246 30.47 56.25 -23.58
CA PHE A 246 29.30 56.66 -22.82
C PHE A 246 28.02 56.44 -23.63
N GLY A 247 28.05 56.79 -24.92
CA GLY A 247 26.92 56.50 -25.78
C GLY A 247 26.68 55.01 -25.91
N GLU A 248 27.75 54.22 -25.97
CA GLU A 248 27.60 52.77 -26.04
C GLU A 248 26.88 52.24 -24.81
N MET A 249 27.32 52.67 -23.63
CA MET A 249 26.71 52.15 -22.40
C MET A 249 25.29 52.65 -22.24
N ALA A 250 25.01 53.88 -22.69
CA ALA A 250 23.64 54.38 -22.67
C ALA A 250 22.75 53.56 -23.60
N LYS A 251 23.25 53.20 -24.78
CA LYS A 251 22.48 52.38 -25.71
C LYS A 251 22.28 50.98 -25.15
N SER A 252 23.30 50.42 -24.52
CA SER A 252 23.18 49.06 -23.99
C SER A 252 22.29 49.02 -22.77
N VAL A 253 22.32 50.05 -21.92
CA VAL A 253 21.48 50.09 -20.74
C VAL A 253 20.10 50.59 -21.17
N THR A 254 19.11 49.72 -21.05
CA THR A 254 17.73 50.04 -21.43
C THR A 254 16.82 49.42 -20.38
N GLU A 255 15.54 49.30 -20.70
CA GLU A 255 14.64 48.50 -19.87
C GLU A 255 14.66 47.03 -20.31
N ASP A 256 15.87 46.52 -20.53
CA ASP A 256 16.07 45.13 -20.94
C ASP A 256 16.48 44.26 -19.74
N SER A 257 15.61 44.24 -18.73
CA SER A 257 15.87 43.43 -17.56
C SER A 257 15.86 41.96 -17.97
N THR A 258 17.04 41.35 -18.01
CA THR A 258 17.17 39.97 -18.48
C THR A 258 16.46 39.02 -17.53
N LYS A 259 15.92 37.94 -18.10
CA LYS A 259 15.22 36.93 -17.33
C LYS A 259 16.16 36.30 -16.31
N THR A 260 15.94 36.58 -15.03
CA THR A 260 16.78 36.00 -14.00
C THR A 260 16.58 34.50 -13.93
N THR A 261 17.39 33.84 -13.11
CA THR A 261 17.27 32.39 -12.97
C THR A 261 15.94 31.98 -12.36
N PHE A 262 15.33 32.89 -11.58
CA PHE A 262 14.07 32.54 -10.91
C PHE A 262 12.96 32.32 -11.92
N GLU A 263 12.82 33.23 -12.89
CA GLU A 263 11.76 33.09 -13.88
C GLU A 263 11.95 31.83 -14.70
N LYS A 264 13.20 31.52 -15.06
CA LYS A 264 13.47 30.30 -15.81
C LYS A 264 13.11 29.07 -14.98
N GLY A 265 13.45 29.07 -13.69
CA GLY A 265 13.09 27.93 -12.86
C GLY A 265 11.58 27.76 -12.71
N VAL A 266 10.87 28.87 -12.52
CA VAL A 266 9.42 28.79 -12.36
C VAL A 266 8.77 28.32 -13.66
N ASN A 267 9.24 28.80 -14.80
CA ASN A 267 8.72 28.32 -16.07
C ASN A 267 9.02 26.84 -16.25
N SER A 268 10.19 26.38 -15.82
CA SER A 268 10.50 24.96 -15.94
C SER A 268 9.56 24.12 -15.08
N VAL A 269 9.26 24.58 -13.87
CA VAL A 269 8.33 23.84 -13.02
C VAL A 269 6.94 23.81 -13.64
N SER A 270 6.48 24.97 -14.12
CA SER A 270 5.18 25.03 -14.79
C SER A 270 5.13 24.09 -15.98
N TRP A 271 6.23 23.98 -16.71
CA TRP A 271 6.27 23.09 -17.86
C TRP A 271 6.30 21.63 -17.44
N VAL A 272 6.91 21.31 -16.31
CA VAL A 272 6.82 19.95 -15.78
C VAL A 272 5.36 19.61 -15.50
N LEU A 273 4.65 20.54 -14.86
CA LEU A 273 3.23 20.31 -14.61
C LEU A 273 2.45 20.15 -15.91
N ILE A 274 2.78 20.95 -16.92
CA ILE A 274 2.06 20.89 -18.19
C ILE A 274 2.30 19.55 -18.88
N ARG A 275 3.54 19.06 -18.86
CA ARG A 275 3.81 17.74 -19.45
C ARG A 275 3.07 16.65 -18.70
N PHE A 276 3.05 16.73 -17.36
CA PHE A 276 2.32 15.73 -16.60
C PHE A 276 0.83 15.74 -16.93
N MET A 277 0.22 16.91 -17.05
CA MET A 277 -1.20 16.96 -17.36
C MET A 277 -1.48 16.67 -18.83
N LEU A 278 -0.51 16.83 -19.71
CA LEU A 278 -0.68 16.45 -21.11
C LEU A 278 -0.52 14.95 -21.32
N VAL A 279 0.12 14.25 -20.39
CA VAL A 279 0.17 12.80 -20.43
C VAL A 279 -1.04 12.14 -19.75
N MET A 280 -1.62 12.77 -18.74
CA MET A 280 -2.67 12.15 -17.94
C MET A 280 -4.07 12.45 -18.45
N VAL A 281 -4.37 13.72 -18.68
CA VAL A 281 -5.72 14.15 -19.07
C VAL A 281 -6.23 13.42 -20.31
N PRO A 282 -5.47 13.27 -21.40
CA PRO A 282 -5.97 12.50 -22.54
C PRO A 282 -6.05 11.01 -22.31
N PHE A 283 -5.54 10.51 -21.19
CA PHE A 283 -5.68 9.09 -20.83
C PHE A 283 -7.00 8.84 -20.13
N VAL A 284 -7.34 9.66 -19.13
CA VAL A 284 -8.60 9.52 -18.42
C VAL A 284 -9.77 9.73 -19.36
N LEU A 285 -9.68 10.76 -20.21
CA LEU A 285 -10.74 11.02 -21.18
C LEU A 285 -10.96 9.84 -22.11
N LEU A 286 -9.91 9.25 -22.67
CA LEU A 286 -10.04 8.08 -23.51
C LEU A 286 -10.57 6.85 -22.77
N ILE A 287 -10.08 6.59 -21.55
CA ILE A 287 -10.58 5.44 -20.80
C ILE A 287 -12.07 5.58 -20.55
N ASN A 288 -12.52 6.76 -20.13
CA ASN A 288 -13.92 6.97 -19.80
C ASN A 288 -14.79 7.23 -21.02
N GLY A 289 -14.19 7.46 -22.18
CA GLY A 289 -14.96 7.59 -23.39
C GLY A 289 -15.08 6.27 -24.12
N PHE A 290 -14.21 5.32 -23.79
CA PHE A 290 -14.28 3.98 -24.37
C PHE A 290 -15.09 3.03 -23.49
N THR A 291 -14.79 2.98 -22.19
CA THR A 291 -15.70 2.35 -21.25
C THR A 291 -16.73 3.39 -20.83
N LYS A 292 -17.82 2.95 -20.19
CA LYS A 292 -18.90 3.83 -19.74
C LYS A 292 -19.22 4.91 -20.77
N GLY A 293 -19.70 4.49 -21.94
CA GLY A 293 -19.66 5.37 -23.09
C GLY A 293 -20.59 6.56 -23.03
N ASP A 294 -20.29 7.49 -22.10
CA ASP A 294 -20.96 8.78 -21.98
C ASP A 294 -19.85 9.83 -22.02
N TRP A 295 -19.71 10.47 -23.19
CA TRP A 295 -18.56 11.32 -23.43
C TRP A 295 -18.59 12.58 -22.57
N MET A 296 -19.78 13.05 -22.22
CA MET A 296 -19.87 14.21 -21.34
C MET A 296 -19.29 13.89 -19.97
N GLU A 297 -19.64 12.71 -19.45
CA GLU A 297 -19.14 12.27 -18.15
C GLU A 297 -17.65 11.97 -18.18
N ALA A 298 -17.10 11.72 -19.37
CA ALA A 298 -15.65 11.57 -19.55
C ALA A 298 -14.94 12.91 -19.63
N ALA A 299 -15.55 13.89 -20.30
CA ALA A 299 -14.98 15.23 -20.32
C ALA A 299 -14.98 15.83 -18.93
N LEU A 300 -16.02 15.54 -18.13
CA LEU A 300 -16.01 15.96 -16.73
C LEU A 300 -14.86 15.33 -15.98
N PHE A 301 -14.58 14.05 -16.23
CA PHE A 301 -13.45 13.37 -15.59
C PHE A 301 -12.13 14.04 -15.95
N ALA A 302 -11.94 14.32 -17.25
CA ALA A 302 -10.69 14.93 -17.69
C ALA A 302 -10.53 16.33 -17.11
N LEU A 303 -11.64 17.09 -17.05
CA LEU A 303 -11.61 18.40 -16.43
C LEU A 303 -11.26 18.32 -14.95
N ALA A 304 -11.81 17.33 -14.25
CA ALA A 304 -11.44 17.15 -12.84
C ALA A 304 -9.96 16.85 -12.70
N VAL A 305 -9.42 16.01 -13.57
CA VAL A 305 -7.99 15.72 -13.50
C VAL A 305 -7.16 16.97 -13.76
N ALA A 306 -7.52 17.74 -14.78
CA ALA A 306 -6.76 18.96 -15.09
C ALA A 306 -6.84 19.95 -13.94
N VAL A 307 -8.02 20.12 -13.34
CA VAL A 307 -8.18 21.06 -12.24
C VAL A 307 -7.35 20.61 -11.05
N GLY A 308 -7.38 19.32 -10.72
CA GLY A 308 -6.64 18.88 -9.57
C GLY A 308 -5.16 18.72 -9.76
N LEU A 309 -4.67 18.71 -11.00
CA LEU A 309 -3.23 18.63 -11.24
C LEU A 309 -2.54 19.98 -11.06
N THR A 310 -3.18 21.06 -11.43
CA THR A 310 -2.57 22.37 -11.28
C THR A 310 -2.64 22.83 -9.84
N PRO A 311 -1.53 23.13 -9.18
CA PRO A 311 -1.60 23.84 -7.90
C PRO A 311 -2.11 25.25 -8.14
N GLU A 312 -3.34 25.51 -7.69
CA GLU A 312 -4.03 26.73 -8.09
C GLU A 312 -3.41 27.97 -7.49
N MET A 313 -3.01 27.94 -6.22
CA MET A 313 -2.41 29.08 -5.56
C MET A 313 -0.89 29.01 -5.53
N LEU A 314 -0.27 28.28 -6.45
CA LEU A 314 1.19 28.31 -6.52
C LEU A 314 1.75 29.71 -6.73
N PRO A 315 1.24 30.53 -7.67
CA PRO A 315 1.81 31.88 -7.81
C PRO A 315 1.68 32.72 -6.55
N MET A 316 0.59 32.58 -5.81
CA MET A 316 0.46 33.37 -4.59
C MET A 316 1.42 32.92 -3.50
N ILE A 317 1.66 31.61 -3.38
CA ILE A 317 2.65 31.13 -2.43
C ILE A 317 4.03 31.61 -2.81
N VAL A 318 4.36 31.54 -4.11
CA VAL A 318 5.66 32.02 -4.58
C VAL A 318 5.83 33.50 -4.26
N THR A 319 4.80 34.29 -4.53
CA THR A 319 4.86 35.72 -4.25
C THR A 319 5.02 35.97 -2.76
N THR A 320 4.32 35.22 -1.92
CA THR A 320 4.42 35.46 -0.48
C THR A 320 5.78 35.05 0.05
N CYS A 321 6.40 33.99 -0.52
CA CYS A 321 7.74 33.64 -0.10
C CYS A 321 8.74 34.74 -0.47
N LEU A 322 8.65 35.22 -1.71
CA LEU A 322 9.54 36.29 -2.14
C LEU A 322 9.32 37.54 -1.30
N ALA A 323 8.06 37.86 -1.00
CA ALA A 323 7.76 39.04 -0.20
C ALA A 323 8.30 38.91 1.21
N LYS A 324 8.19 37.72 1.81
CA LYS A 324 8.74 37.52 3.14
C LYS A 324 10.25 37.71 3.13
N GLY A 325 10.92 37.13 2.13
CA GLY A 325 12.37 37.31 2.04
C GLY A 325 12.75 38.77 1.90
N ALA A 326 12.09 39.48 0.99
CA ALA A 326 12.43 40.87 0.75
C ALA A 326 12.13 41.73 1.97
N VAL A 327 11.00 41.49 2.64
CA VAL A 327 10.65 42.28 3.81
C VAL A 327 11.64 42.03 4.94
N THR A 328 12.00 40.76 5.19
CA THR A 328 12.89 40.47 6.30
C THR A 328 14.30 40.95 6.00
N MET A 329 14.66 41.08 4.72
CA MET A 329 15.96 41.67 4.41
C MET A 329 15.92 43.19 4.44
N SER A 330 14.75 43.79 4.21
CA SER A 330 14.66 45.24 4.24
C SER A 330 14.93 45.81 5.64
N LYS A 331 14.86 44.98 6.68
CA LYS A 331 15.10 45.46 8.03
C LYS A 331 16.58 45.68 8.29
N GLU A 332 17.47 44.96 7.60
CA GLU A 332 18.90 45.06 7.84
C GLU A 332 19.54 46.20 7.04
N LYS A 333 18.93 47.38 7.13
CA LYS A 333 19.42 48.59 6.46
C LYS A 333 19.77 48.32 5.00
N THR A 334 18.83 47.70 4.29
CA THR A 334 19.08 47.28 2.91
C THR A 334 17.77 47.36 2.16
N ILE A 335 17.56 48.46 1.43
CA ILE A 335 16.32 48.62 0.67
C ILE A 335 16.36 47.72 -0.55
N ILE A 336 15.30 46.96 -0.75
CA ILE A 336 15.19 46.06 -1.88
C ILE A 336 14.27 46.68 -2.92
N LYS A 337 14.73 46.74 -4.17
CA LYS A 337 13.96 47.38 -5.23
C LYS A 337 13.08 46.43 -6.00
N ASN A 338 13.55 45.21 -6.27
CA ASN A 338 12.80 44.22 -7.01
C ASN A 338 12.55 43.01 -6.12
N LEU A 339 11.35 42.45 -6.21
CA LEU A 339 10.97 41.34 -5.34
C LEU A 339 11.85 40.12 -5.57
N ASN A 340 12.33 39.93 -6.80
CA ASN A 340 13.12 38.76 -7.14
C ASN A 340 14.59 38.87 -6.77
N SER A 341 15.02 40.06 -6.31
CA SER A 341 16.44 40.28 -6.07
C SER A 341 16.97 39.37 -4.97
N ILE A 342 16.21 39.18 -3.90
CA ILE A 342 16.70 38.37 -2.79
C ILE A 342 16.77 36.91 -3.19
N GLN A 343 15.82 36.43 -3.99
CA GLN A 343 15.87 35.04 -4.43
C GLN A 343 17.04 34.82 -5.38
N ASN A 344 17.28 35.76 -6.30
CA ASN A 344 18.44 35.64 -7.18
C ASN A 344 19.73 35.73 -6.39
N LEU A 345 19.74 36.50 -5.29
CA LEU A 345 20.90 36.53 -4.40
C LEU A 345 21.12 35.17 -3.76
N GLY A 346 20.04 34.52 -3.34
CA GLY A 346 20.18 33.20 -2.76
C GLY A 346 20.71 32.18 -3.75
N SER A 347 20.19 32.20 -4.98
CA SER A 347 20.64 31.30 -6.02
C SER A 347 21.90 31.80 -6.73
N MET A 348 22.53 32.85 -6.21
CA MET A 348 23.74 33.38 -6.83
C MET A 348 24.90 32.41 -6.66
N ASN A 349 25.71 32.29 -7.71
CA ASN A 349 26.84 31.38 -7.72
C ASN A 349 28.18 32.08 -7.84
N ILE A 350 28.26 33.17 -8.61
CA ILE A 350 29.48 33.94 -8.77
C ILE A 350 29.13 35.40 -8.56
N LEU A 351 29.91 36.08 -7.71
CA LEU A 351 29.71 37.50 -7.44
C LEU A 351 30.87 38.28 -8.05
N CYS A 352 30.56 39.11 -9.03
CA CYS A 352 31.56 39.94 -9.70
C CYS A 352 31.46 41.35 -9.16
N THR A 353 32.54 41.85 -8.56
CA THR A 353 32.51 43.12 -7.87
C THR A 353 33.50 44.10 -8.50
N ASP A 354 33.11 45.37 -8.56
CA ASP A 354 34.05 46.41 -8.93
C ASP A 354 35.05 46.61 -7.80
N LYS A 355 36.27 47.02 -8.17
CA LYS A 355 37.32 47.18 -7.18
C LYS A 355 37.30 48.57 -6.55
N THR A 356 37.40 49.61 -7.38
CA THR A 356 37.44 50.98 -6.87
C THR A 356 36.05 51.39 -6.39
N GLY A 357 36.00 51.99 -5.20
CA GLY A 357 34.76 52.43 -4.61
C GLY A 357 33.97 51.34 -3.92
N THR A 358 34.03 50.09 -4.40
CA THR A 358 33.25 49.00 -3.84
C THR A 358 34.06 48.15 -2.87
N LEU A 359 35.15 47.55 -3.34
CA LEU A 359 36.00 46.79 -2.44
C LEU A 359 36.91 47.72 -1.64
N THR A 360 37.52 48.68 -2.29
CA THR A 360 38.29 49.70 -1.60
C THR A 360 37.37 50.88 -1.27
N GLN A 361 37.92 51.92 -0.65
CA GLN A 361 37.11 53.04 -0.19
C GLN A 361 37.45 54.35 -0.90
N ASP A 362 38.25 54.29 -1.97
CA ASP A 362 38.57 55.48 -2.77
C ASP A 362 39.11 56.62 -1.91
N LYS A 363 39.97 56.28 -0.96
CA LYS A 363 40.55 57.28 -0.06
C LYS A 363 42.05 57.02 0.04
N VAL A 364 42.84 57.99 -0.39
CA VAL A 364 44.30 57.86 -0.29
C VAL A 364 44.69 57.86 1.18
N VAL A 365 45.48 56.86 1.57
CA VAL A 365 45.90 56.69 2.96
C VAL A 365 47.36 56.24 2.94
N LEU A 366 48.13 56.74 3.92
CA LEU A 366 49.51 56.30 4.10
C LEU A 366 49.55 54.83 4.49
N MET A 367 50.39 54.06 3.81
CA MET A 367 50.69 52.71 4.26
C MET A 367 52.18 52.43 4.43
N ARG A 368 53.05 53.18 3.77
CA ARG A 368 54.49 53.00 3.95
C ARG A 368 55.17 54.35 3.96
N HIS A 369 55.58 54.79 5.14
CA HIS A 369 56.53 55.88 5.30
C HIS A 369 57.89 55.22 5.51
N LEU A 370 58.84 55.53 4.62
CA LEU A 370 60.01 54.70 4.46
C LEU A 370 61.22 55.57 4.13
N ASP A 371 62.41 55.10 4.51
CA ASP A 371 63.63 55.76 4.09
C ASP A 371 64.02 55.31 2.69
N ILE A 372 65.22 55.71 2.26
CA ILE A 372 65.67 55.37 0.92
C ILE A 372 66.13 53.93 0.80
N HIS A 373 66.35 53.23 1.92
CA HIS A 373 66.91 51.89 1.88
C HIS A 373 66.03 50.85 2.58
N GLY A 374 64.76 51.18 2.83
CA GLY A 374 63.83 50.21 3.36
C GLY A 374 63.85 50.05 4.87
N GLN A 375 63.93 51.17 5.59
CA GLN A 375 63.81 51.17 7.04
C GLN A 375 62.82 52.24 7.46
N GLU A 376 62.00 51.91 8.46
CA GLU A 376 60.96 52.82 8.93
C GLU A 376 61.62 53.97 9.68
N ASN A 377 61.80 55.09 8.99
CA ASN A 377 62.44 56.26 9.57
C ASN A 377 61.36 57.26 9.97
N ILE A 378 61.18 57.44 11.28
CA ILE A 378 60.18 58.38 11.78
C ILE A 378 60.52 59.81 11.38
N ARG A 379 61.80 60.11 11.12
CA ARG A 379 62.18 61.47 10.76
C ARG A 379 61.51 61.92 9.46
N VAL A 380 61.44 61.03 8.47
CA VAL A 380 60.78 61.40 7.22
C VAL A 380 59.29 61.61 7.46
N LEU A 381 58.69 60.83 8.37
CA LEU A 381 57.29 61.03 8.70
C LEU A 381 57.07 62.39 9.34
N ARG A 382 57.97 62.78 10.26
CA ARG A 382 57.88 64.11 10.87
C ARG A 382 58.03 65.21 9.85
N HIS A 383 59.00 65.06 8.94
CA HIS A 383 59.22 66.08 7.92
C HIS A 383 58.00 66.22 7.03
N GLY A 384 57.38 65.09 6.66
CA GLY A 384 56.11 65.16 5.95
C GLY A 384 55.01 65.79 6.77
N PHE A 385 55.00 65.54 8.07
CA PHE A 385 54.01 66.15 8.96
C PHE A 385 54.06 67.66 8.88
N LEU A 386 55.24 68.24 9.09
CA LEU A 386 55.34 69.70 8.98
C LEU A 386 55.10 70.17 7.55
N ASN A 387 55.63 69.45 6.57
CA ASN A 387 55.45 69.81 5.17
C ASN A 387 53.98 69.88 4.77
N SER A 388 53.12 69.08 5.39
CA SER A 388 51.69 69.13 5.11
C SER A 388 50.92 70.07 6.04
N TYR A 389 51.20 70.00 7.34
CA TYR A 389 50.54 70.83 8.33
C TYR A 389 50.80 72.32 8.14
N TYR A 390 51.89 72.67 7.46
CA TYR A 390 52.22 74.06 7.21
C TYR A 390 51.85 74.51 5.80
N GLN A 391 51.44 73.59 4.93
CA GLN A 391 51.02 73.93 3.58
C GLN A 391 49.64 74.56 3.68
N THR A 392 49.61 75.88 3.90
CA THR A 392 48.36 76.60 4.05
C THR A 392 47.87 77.27 2.77
N GLY A 393 48.74 77.42 1.78
CA GLY A 393 48.35 78.07 0.54
C GLY A 393 47.46 77.25 -0.37
N LEU A 394 47.43 75.94 -0.19
CA LEU A 394 46.59 75.07 -1.02
C LEU A 394 46.44 73.73 -0.33
N LYS A 395 45.23 73.22 -0.29
CA LYS A 395 44.93 71.92 0.31
C LYS A 395 44.56 70.92 -0.78
N ASN A 396 44.97 69.68 -0.56
CA ASN A 396 44.71 68.61 -1.51
C ASN A 396 44.51 67.31 -0.75
N LEU A 397 43.89 66.34 -1.43
CA LEU A 397 43.64 65.04 -0.80
C LEU A 397 44.93 64.34 -0.42
N MET A 398 46.01 64.61 -1.17
CA MET A 398 47.30 64.02 -0.82
C MET A 398 47.80 64.52 0.53
N ASP A 399 47.78 65.83 0.73
CA ASP A 399 48.23 66.41 1.99
C ASP A 399 47.37 65.92 3.15
N LEU A 400 46.05 65.87 2.94
CA LEU A 400 45.16 65.33 3.97
C LEU A 400 45.50 63.88 4.26
N ALA A 401 45.85 63.10 3.23
CA ALA A 401 46.25 61.72 3.44
C ALA A 401 47.49 61.65 4.32
N ILE A 402 48.49 62.48 4.05
CA ILE A 402 49.69 62.48 4.86
C ILE A 402 49.37 62.85 6.30
N ILE A 403 48.54 63.88 6.49
CA ILE A 403 48.22 64.32 7.85
C ILE A 403 47.48 63.22 8.61
N GLU A 404 46.48 62.61 7.98
CA GLU A 404 45.70 61.58 8.64
C GLU A 404 46.54 60.36 8.95
N GLY A 405 47.37 59.92 8.00
CA GLY A 405 48.22 58.76 8.24
C GLY A 405 49.28 59.03 9.28
N ALA A 406 49.70 60.29 9.42
CA ALA A 406 50.68 60.63 10.44
C ALA A 406 50.03 60.67 11.82
N GLU A 407 48.77 61.10 11.89
CA GLU A 407 48.04 60.94 13.15
C GLU A 407 47.88 59.47 13.50
N ALA A 408 47.54 58.63 12.51
CA ALA A 408 47.25 57.23 12.79
C ALA A 408 48.50 56.35 12.81
N LYS A 409 49.67 56.92 12.59
CA LYS A 409 50.91 56.15 12.51
C LYS A 409 51.47 55.80 13.88
N GLN A 410 50.69 55.99 14.95
CA GLN A 410 51.00 55.66 16.33
C GLN A 410 52.01 56.63 16.92
N ASP A 411 52.67 57.44 16.11
CA ASP A 411 53.59 58.45 16.62
C ASP A 411 52.78 59.63 17.13
N LYS A 412 53.06 60.07 18.35
CA LYS A 412 52.24 61.08 19.00
C LYS A 412 52.33 62.40 18.25
N ASN A 413 51.28 62.72 17.51
CA ASN A 413 51.16 63.97 16.76
C ASN A 413 51.21 65.23 17.61
N PRO A 414 50.59 65.30 18.80
CA PRO A 414 50.66 66.55 19.57
C PRO A 414 52.09 66.96 19.90
N GLU A 415 52.97 66.00 20.20
CA GLU A 415 54.38 66.31 20.36
C GLU A 415 54.93 66.93 19.08
N LEU A 416 54.65 66.30 17.94
CA LEU A 416 54.95 66.92 16.65
C LEU A 416 54.28 68.28 16.55
N GLY A 417 53.04 68.40 17.04
CA GLY A 417 52.39 69.70 17.07
C GLY A 417 53.18 70.73 17.86
N GLY A 418 53.79 70.29 18.95
CA GLY A 418 54.68 71.19 19.69
C GLY A 418 55.85 71.65 18.82
N LEU A 419 56.40 70.74 18.02
CA LEU A 419 57.44 71.12 17.08
C LEU A 419 56.92 72.12 16.06
N SER A 420 55.61 72.13 15.82
CA SER A 420 55.02 73.16 14.96
C SER A 420 55.27 74.54 15.55
N SER A 421 55.12 74.67 16.87
CA SER A 421 55.51 75.92 17.53
C SER A 421 57.03 76.09 17.56
N LYS A 422 57.78 74.99 17.51
CA LYS A 422 59.23 75.05 17.48
C LYS A 422 59.80 75.18 16.08
N TYR A 423 58.99 74.95 15.06
CA TYR A 423 59.40 75.07 13.66
C TYR A 423 58.37 75.98 12.98
N THR A 424 58.58 77.29 13.07
CA THR A 424 57.63 78.23 12.48
C THR A 424 57.90 78.40 10.99
N LYS A 425 56.86 78.80 10.26
CA LYS A 425 56.92 78.91 8.82
C LYS A 425 57.69 80.14 8.39
N VAL A 426 58.61 79.98 7.44
CA VAL A 426 59.20 81.12 6.76
C VAL A 426 58.36 81.51 5.55
N ASP A 427 58.05 80.54 4.70
CA ASP A 427 57.28 80.77 3.48
C ASP A 427 56.89 79.43 2.90
N GLU A 428 56.23 79.46 1.74
CA GLU A 428 55.91 78.24 1.02
C GLU A 428 55.74 78.54 -0.45
N ILE A 429 56.19 77.60 -1.28
CA ILE A 429 55.94 77.61 -2.72
C ILE A 429 54.86 76.56 -3.00
N PRO A 430 53.65 76.97 -3.38
CA PRO A 430 52.57 75.99 -3.54
C PRO A 430 52.82 75.07 -4.73
N PHE A 431 51.95 74.06 -4.84
CA PHE A 431 52.06 73.12 -5.95
C PHE A 431 51.85 73.83 -7.28
N ASP A 432 52.92 73.95 -8.05
CA ASP A 432 52.88 74.67 -9.31
C ASP A 432 52.47 73.73 -10.44
N PHE A 433 52.18 74.33 -11.59
CA PHE A 433 51.77 73.58 -12.78
C PHE A 433 52.92 73.28 -13.72
N GLU A 434 54.14 73.69 -13.40
CA GLU A 434 55.29 73.50 -14.28
C GLU A 434 56.22 72.39 -13.81
N ARG A 435 56.73 72.50 -12.58
CA ARG A 435 57.66 71.51 -12.05
C ARG A 435 57.00 70.46 -11.17
N ARG A 436 55.76 70.71 -10.73
CA ARG A 436 54.99 69.75 -9.94
C ARG A 436 55.73 69.35 -8.66
N ARG A 437 56.15 70.37 -7.91
CA ARG A 437 56.72 70.20 -6.58
C ARG A 437 56.13 71.29 -5.70
N MET A 438 55.91 70.98 -4.42
CA MET A 438 55.46 72.00 -3.49
C MET A 438 56.40 71.98 -2.29
N SER A 439 56.74 73.17 -1.81
CA SER A 439 57.79 73.33 -0.82
C SER A 439 57.29 74.22 0.33
N VAL A 440 57.78 73.94 1.52
CA VAL A 440 57.60 74.81 2.67
C VAL A 440 58.96 75.10 3.28
N VAL A 441 59.21 76.37 3.58
CA VAL A 441 60.42 76.81 4.25
C VAL A 441 60.01 77.20 5.66
N VAL A 442 60.62 76.55 6.65
CA VAL A 442 60.29 76.78 8.05
C VAL A 442 61.56 77.09 8.81
N LYS A 443 61.39 77.63 10.02
CA LYS A 443 62.52 77.86 10.91
C LYS A 443 62.76 76.63 11.77
N SER A 444 63.85 76.65 12.52
CA SER A 444 64.15 75.62 13.52
C SER A 444 64.34 76.27 14.88
N ASN A 445 63.38 77.15 15.20
CA ASN A 445 63.46 78.03 16.36
C ASN A 445 63.23 77.23 17.65
N THR A 446 64.27 76.49 18.03
CA THR A 446 64.25 75.79 19.30
C THR A 446 64.34 76.80 20.44
N ASN A 447 63.31 76.80 21.29
CA ASN A 447 63.18 77.75 22.40
C ASN A 447 63.19 79.20 21.92
N GLY A 448 62.80 79.44 20.68
CA GLY A 448 62.77 80.78 20.13
C GLY A 448 64.06 81.26 19.50
N ALA A 449 65.13 80.47 19.58
CA ALA A 449 66.40 80.89 19.02
C ALA A 449 66.37 80.82 17.49
N THR A 450 66.75 81.93 16.86
CA THR A 450 66.70 82.04 15.40
C THR A 450 67.87 81.25 14.81
N SER A 451 67.60 79.98 14.53
CA SER A 451 68.59 79.08 13.97
C SER A 451 68.44 78.99 12.46
N LYS A 452 69.14 78.05 11.84
CA LYS A 452 69.12 77.89 10.39
C LYS A 452 67.73 77.45 9.92
N THR A 453 67.45 77.74 8.65
CA THR A 453 66.15 77.40 8.08
C THR A 453 66.18 75.98 7.50
N GLN A 454 64.99 75.38 7.44
CA GLN A 454 64.81 74.07 6.83
C GLN A 454 63.83 74.19 5.69
N MET A 455 64.24 73.75 4.50
CA MET A 455 63.39 73.78 3.31
C MET A 455 63.01 72.35 2.97
N ILE A 456 61.70 72.08 2.92
CA ILE A 456 61.19 70.74 2.65
C ILE A 456 60.34 70.80 1.38
N THR A 457 60.75 70.04 0.37
CA THR A 457 60.03 69.98 -0.90
C THR A 457 59.55 68.56 -1.13
N LYS A 458 58.28 68.41 -1.51
CA LYS A 458 57.76 67.10 -1.86
C LYS A 458 57.12 67.15 -3.24
N GLY A 459 57.07 65.99 -3.88
CA GLY A 459 56.41 65.92 -5.17
C GLY A 459 56.69 64.60 -5.86
N ALA A 460 56.43 64.57 -7.17
CA ALA A 460 56.70 63.39 -7.96
C ALA A 460 58.19 63.08 -7.94
N ALA A 461 58.50 61.78 -7.92
CA ALA A 461 59.89 61.36 -7.75
C ALA A 461 60.78 61.82 -8.89
N GLU A 462 60.27 61.75 -10.13
CA GLU A 462 61.12 61.86 -11.30
C GLU A 462 61.84 63.21 -11.36
N GLU A 463 61.09 64.31 -11.22
CA GLU A 463 61.65 65.64 -11.45
C GLU A 463 62.79 65.93 -10.48
N MET A 464 62.47 65.98 -9.19
CA MET A 464 63.47 66.31 -8.19
C MET A 464 64.50 65.20 -8.02
N LEU A 465 64.21 63.98 -8.51
CA LEU A 465 65.26 62.99 -8.66
C LEU A 465 66.27 63.41 -9.71
N ASP A 466 65.82 64.00 -10.82
CA ASP A 466 66.77 64.57 -11.76
C ASP A 466 67.52 65.74 -11.15
N ILE A 467 66.84 66.59 -10.36
CA ILE A 467 67.48 67.79 -9.83
C ILE A 467 68.24 67.55 -8.52
N CYS A 468 68.12 66.38 -7.91
CA CYS A 468 68.85 66.11 -6.67
C CYS A 468 70.35 66.03 -6.91
N THR A 469 71.10 66.38 -5.87
CA THR A 469 72.55 66.22 -5.85
C THR A 469 73.08 65.55 -4.59
N LEU A 470 72.31 65.57 -3.48
CA LEU A 470 72.69 64.92 -2.24
C LEU A 470 71.56 64.05 -1.73
N VAL A 471 71.94 62.98 -1.03
CA VAL A 471 71.00 62.11 -0.36
C VAL A 471 71.46 61.90 1.07
N GLU A 472 70.50 61.60 1.95
CA GLU A 472 70.75 61.36 3.36
C GLU A 472 70.55 59.88 3.63
N ASP A 473 71.63 59.18 3.96
CA ASP A 473 71.59 57.76 4.26
C ASP A 473 72.37 57.49 5.54
N LYS A 474 71.77 56.67 6.41
CA LYS A 474 72.41 56.22 7.65
C LYS A 474 72.87 57.39 8.51
N GLY A 475 72.15 58.51 8.44
CA GLY A 475 72.47 59.67 9.24
C GLY A 475 73.53 60.58 8.65
N ASN A 476 74.16 60.21 7.54
CA ASN A 476 75.14 61.03 6.86
C ASN A 476 74.61 61.44 5.49
N VAL A 477 75.34 62.30 4.80
CA VAL A 477 74.93 62.82 3.50
C VAL A 477 76.02 62.47 2.49
N VAL A 478 75.61 61.91 1.35
CA VAL A 478 76.53 61.59 0.27
C VAL A 478 75.96 62.13 -1.03
N HIS A 479 76.77 62.09 -2.10
CA HIS A 479 76.41 62.61 -3.40
C HIS A 479 75.38 61.71 -4.09
N LEU A 480 74.79 62.21 -5.18
CA LEU A 480 73.83 61.41 -5.97
C LEU A 480 74.61 60.51 -6.92
N THR A 481 75.18 59.44 -6.37
CA THR A 481 75.90 58.48 -7.19
C THR A 481 74.93 57.58 -7.95
N PRO A 482 75.33 57.07 -9.12
CA PRO A 482 74.41 56.22 -9.90
C PRO A 482 73.93 54.97 -9.19
N GLU A 483 74.73 54.41 -8.28
CA GLU A 483 74.31 53.19 -7.58
C GLU A 483 73.18 53.47 -6.59
N LEU A 484 73.30 54.55 -5.80
CA LEU A 484 72.23 54.86 -4.87
C LEU A 484 70.97 55.26 -5.63
N ARG A 485 71.13 56.04 -6.71
CA ARG A 485 70.00 56.36 -7.56
C ARG A 485 69.38 55.08 -8.11
N ALA A 486 70.21 54.08 -8.40
CA ALA A 486 69.69 52.80 -8.87
C ALA A 486 68.78 52.16 -7.84
N TYR A 487 69.20 52.13 -6.57
CA TYR A 487 68.30 51.56 -5.58
C TYR A 487 67.05 52.43 -5.38
N ILE A 488 67.16 53.75 -5.46
CA ILE A 488 65.95 54.58 -5.29
C ILE A 488 64.93 54.29 -6.37
N LEU A 489 65.36 54.26 -7.65
CA LEU A 489 64.39 53.88 -8.68
C LEU A 489 63.92 52.44 -8.55
N LYS A 490 64.78 51.51 -8.12
CA LYS A 490 64.33 50.13 -7.97
C LYS A 490 63.23 50.04 -6.91
N LYS A 491 63.38 50.76 -5.81
CA LYS A 491 62.33 50.74 -4.80
C LYS A 491 61.11 51.54 -5.24
N VAL A 492 61.31 52.59 -6.05
CA VAL A 492 60.18 53.37 -6.54
C VAL A 492 59.28 52.51 -7.42
N ASP A 493 59.85 51.82 -8.40
CA ASP A 493 58.98 50.98 -9.23
C ASP A 493 58.66 49.67 -8.53
N GLU A 494 59.32 49.37 -7.42
CA GLU A 494 58.83 48.30 -6.55
C GLU A 494 57.50 48.67 -5.92
N LEU A 495 57.41 49.88 -5.36
CA LEU A 495 56.14 50.36 -4.83
C LEU A 495 55.11 50.51 -5.94
N ASN A 496 55.53 51.01 -7.11
CA ASN A 496 54.62 51.13 -8.24
C ASN A 496 54.11 49.75 -8.67
N GLU A 497 54.98 48.74 -8.60
CA GLU A 497 54.54 47.37 -8.85
C GLU A 497 53.49 46.95 -7.83
N GLU A 498 53.65 47.37 -6.58
CA GLU A 498 52.66 47.11 -5.54
C GLU A 498 51.48 48.07 -5.62
N GLY A 499 51.50 49.02 -6.55
CA GLY A 499 50.38 49.90 -6.77
C GLY A 499 50.35 51.14 -5.91
N MET A 500 51.27 51.28 -4.95
CA MET A 500 51.27 52.46 -4.10
C MET A 500 51.67 53.69 -4.91
N ARG A 501 50.91 54.78 -4.76
CA ARG A 501 51.34 56.06 -5.29
C ARG A 501 52.46 56.60 -4.41
N VAL A 502 53.58 56.96 -5.04
CA VAL A 502 54.80 57.31 -4.32
C VAL A 502 55.04 58.80 -4.44
N ILE A 503 55.48 59.41 -3.35
CA ILE A 503 55.90 60.81 -3.33
C ILE A 503 57.30 60.85 -2.75
N LEU A 504 58.09 61.84 -3.19
CA LEU A 504 59.46 62.00 -2.74
C LEU A 504 59.58 63.30 -1.97
N VAL A 505 60.37 63.26 -0.89
CA VAL A 505 60.54 64.38 0.02
C VAL A 505 62.02 64.65 0.25
N ALA A 506 62.41 65.91 0.08
CA ALA A 506 63.80 66.33 0.21
C ALA A 506 63.89 67.52 1.15
N GLN A 507 64.89 67.48 2.03
CA GLN A 507 65.18 68.57 2.94
C GLN A 507 66.47 69.26 2.51
N LYS A 508 66.55 70.53 2.88
CA LYS A 508 67.75 71.34 2.68
C LYS A 508 67.96 72.18 3.93
N THR A 509 69.16 72.09 4.50
CA THR A 509 69.58 73.00 5.56
C THR A 509 70.01 74.31 4.91
N ASN A 510 69.17 75.34 5.01
CA ASN A 510 69.40 76.58 4.30
C ASN A 510 69.82 77.67 5.27
N PRO A 511 70.95 78.34 5.03
CA PRO A 511 71.28 79.53 5.82
C PRO A 511 70.24 80.62 5.61
N SER A 512 70.07 81.46 6.63
CA SER A 512 69.08 82.53 6.62
C SER A 512 69.21 83.38 5.37
N PRO A 513 68.22 83.35 4.48
CA PRO A 513 68.31 84.12 3.23
C PRO A 513 67.92 85.57 3.44
N ILE A 514 68.55 86.45 2.66
CA ILE A 514 68.22 87.87 2.71
C ILE A 514 66.79 88.09 2.23
N ASP A 515 66.40 87.44 1.14
CA ASP A 515 65.06 87.56 0.59
C ASP A 515 64.31 86.23 0.79
N THR A 516 63.09 86.17 0.25
CA THR A 516 62.28 84.98 0.36
C THR A 516 62.82 83.87 -0.54
N PHE A 517 62.25 82.69 -0.38
CA PHE A 517 62.70 81.53 -1.14
C PHE A 517 62.05 81.51 -2.53
N SER A 518 62.87 81.29 -3.54
CA SER A 518 62.44 81.33 -4.94
C SER A 518 62.70 79.97 -5.60
N VAL A 519 62.50 79.95 -6.92
CA VAL A 519 62.67 78.71 -7.68
C VAL A 519 64.12 78.24 -7.63
N GLN A 520 65.07 79.17 -7.81
CA GLN A 520 66.48 78.80 -7.78
C GLN A 520 66.93 78.32 -6.41
N ASP A 521 66.15 78.60 -5.36
CA ASP A 521 66.45 78.08 -4.03
C ASP A 521 66.15 76.59 -3.90
N GLU A 522 65.55 75.97 -4.92
CA GLU A 522 65.21 74.55 -4.90
C GLU A 522 66.25 73.68 -5.58
N SER A 523 67.53 74.03 -5.45
CA SER A 523 68.63 73.21 -5.93
C SER A 523 69.38 72.57 -4.77
N GLU A 524 70.12 71.51 -5.07
CA GLU A 524 70.95 70.80 -4.10
C GLU A 524 70.09 70.23 -2.95
N MET A 525 69.19 69.33 -3.31
CA MET A 525 68.31 68.69 -2.33
C MET A 525 69.05 67.61 -1.55
N VAL A 526 68.44 67.20 -0.44
CA VAL A 526 68.90 66.06 0.35
C VAL A 526 67.68 65.19 0.62
N LEU A 527 67.52 64.12 -0.15
CA LEU A 527 66.36 63.25 -0.01
C LEU A 527 66.34 62.59 1.37
N MET A 528 65.15 62.44 1.93
CA MET A 528 65.03 61.65 3.16
C MET A 528 64.37 60.29 2.93
N GLY A 529 63.29 60.26 2.17
CA GLY A 529 62.61 59.02 1.93
C GLY A 529 61.43 59.21 1.00
N TYR A 530 60.60 58.17 0.93
CA TYR A 530 59.42 58.18 0.09
C TYR A 530 58.21 57.68 0.87
N LEU A 531 57.04 58.09 0.40
CA LEU A 531 55.79 57.75 1.06
C LEU A 531 54.90 56.96 0.10
N ALA A 532 54.04 56.12 0.68
CA ALA A 532 53.16 55.24 -0.09
C ALA A 532 51.71 55.59 0.22
N PHE A 533 51.01 56.08 -0.79
CA PHE A 533 49.58 56.34 -0.71
C PHE A 533 48.82 55.25 -1.44
N LEU A 534 47.77 54.74 -0.83
CA LEU A 534 46.91 53.78 -1.52
C LEU A 534 45.52 53.84 -0.91
N ASP A 535 44.55 53.32 -1.64
CA ASP A 535 43.19 53.21 -1.12
C ASP A 535 43.00 51.81 -0.54
N PRO A 536 43.10 51.65 0.77
CA PRO A 536 42.99 50.32 1.35
C PRO A 536 41.57 49.81 1.23
N PRO A 537 41.39 48.49 1.16
CA PRO A 537 40.04 47.94 1.07
C PRO A 537 39.26 48.22 2.34
N LYS A 538 37.93 48.20 2.20
CA LYS A 538 37.08 48.36 3.37
C LYS A 538 37.41 47.27 4.38
N GLU A 539 37.43 47.65 5.67
CA GLU A 539 37.89 46.73 6.70
C GLU A 539 37.04 45.47 6.77
N SER A 540 35.83 45.49 6.23
CA SER A 540 34.98 44.32 6.17
C SER A 540 35.08 43.55 4.87
N THR A 541 35.90 44.01 3.92
CA THR A 541 35.97 43.36 2.62
C THR A 541 36.51 41.94 2.73
N ALA A 542 37.61 41.76 3.47
CA ALA A 542 38.21 40.44 3.58
C ALA A 542 37.26 39.46 4.27
N LYS A 543 36.61 39.91 5.35
CA LYS A 543 35.67 39.05 6.05
C LYS A 543 34.49 38.70 5.17
N ALA A 544 33.99 39.66 4.40
CA ALA A 544 32.88 39.38 3.50
C ALA A 544 33.28 38.37 2.43
N ILE A 545 34.48 38.51 1.87
CA ILE A 545 34.91 37.58 0.84
C ILE A 545 35.05 36.18 1.43
N LYS A 546 35.62 36.08 2.63
CA LYS A 546 35.74 34.77 3.27
C LYS A 546 34.38 34.15 3.53
N ALA A 547 33.44 34.94 4.04
CA ALA A 547 32.10 34.41 4.31
C ALA A 547 31.42 33.95 3.03
N LEU A 548 31.56 34.72 1.95
CA LEU A 548 30.95 34.32 0.69
C LEU A 548 31.58 33.04 0.17
N ASN A 549 32.91 32.93 0.25
CA ASN A 549 33.56 31.70 -0.19
C ASN A 549 33.15 30.51 0.65
N LYS A 550 32.81 30.73 1.92
CA LYS A 550 32.31 29.65 2.74
C LYS A 550 30.99 29.09 2.21
N TYR A 551 30.13 29.96 1.69
CA TYR A 551 28.81 29.57 1.20
C TYR A 551 28.83 29.12 -0.24
N GLY A 552 29.98 28.72 -0.76
CA GLY A 552 30.05 28.24 -2.14
C GLY A 552 29.84 29.30 -3.18
N VAL A 553 30.08 30.57 -2.85
CA VAL A 553 29.94 31.68 -3.78
C VAL A 553 31.35 32.14 -4.14
N SER A 554 31.74 31.91 -5.39
CA SER A 554 33.02 32.43 -5.85
C SER A 554 32.93 33.93 -6.06
N VAL A 555 34.07 34.60 -6.01
CA VAL A 555 34.13 36.06 -6.11
C VAL A 555 35.16 36.42 -7.16
N LYS A 556 34.80 37.35 -8.05
CA LYS A 556 35.69 37.89 -9.06
C LYS A 556 35.71 39.41 -8.95
N ILE A 557 36.78 40.02 -9.44
CA ILE A 557 37.05 41.43 -9.13
C ILE A 557 37.11 42.26 -10.42
N LEU A 558 36.19 42.00 -11.35
CA LEU A 558 36.06 42.82 -12.54
C LEU A 558 36.21 44.30 -12.20
N THR A 559 37.21 44.94 -12.81
CA THR A 559 37.44 46.35 -12.58
C THR A 559 38.16 46.95 -13.78
N GLY A 560 38.12 48.28 -13.87
CA GLY A 560 38.74 48.98 -14.98
C GLY A 560 40.11 49.54 -14.63
N ASP A 561 40.52 49.39 -13.38
CA ASP A 561 41.80 49.93 -12.93
C ASP A 561 42.95 49.07 -13.47
N ASN A 562 44.17 49.53 -13.22
CA ASN A 562 45.35 48.85 -13.74
C ASN A 562 45.56 47.52 -13.02
N ASP A 563 46.34 46.65 -13.67
CA ASP A 563 46.57 45.32 -13.11
C ASP A 563 47.40 45.36 -11.83
N LYS A 564 48.26 46.36 -11.69
CA LYS A 564 49.13 46.41 -10.51
C LYS A 564 48.33 46.60 -9.23
N VAL A 565 47.46 47.60 -9.20
CA VAL A 565 46.72 47.90 -7.98
C VAL A 565 45.73 46.79 -7.67
N THR A 566 45.08 46.23 -8.70
CA THR A 566 44.13 45.15 -8.44
C THR A 566 44.84 43.89 -8.00
N ARG A 567 46.05 43.62 -8.51
CA ARG A 567 46.82 42.49 -8.03
C ARG A 567 47.24 42.69 -6.58
N SER A 568 47.57 43.93 -6.21
CA SER A 568 47.91 44.21 -4.81
C SER A 568 46.68 44.01 -3.92
N VAL A 569 45.52 44.48 -4.35
CA VAL A 569 44.33 44.36 -3.51
C VAL A 569 43.89 42.90 -3.39
N CYS A 570 44.02 42.13 -4.47
CA CYS A 570 43.63 40.72 -4.44
C CYS A 570 44.38 39.93 -3.39
N LYS A 571 45.57 40.38 -2.98
CA LYS A 571 46.33 39.73 -1.92
C LYS A 571 45.89 40.16 -0.54
N GLN A 572 45.60 41.45 -0.35
CA GLN A 572 45.20 41.93 0.97
C GLN A 572 43.87 41.33 1.40
N VAL A 573 42.87 41.40 0.52
CA VAL A 573 41.58 40.78 0.84
C VAL A 573 41.71 39.27 0.85
N GLY A 574 42.55 38.71 -0.02
CA GLY A 574 42.77 37.28 -0.09
C GLY A 574 42.01 36.63 -1.21
N LEU A 575 42.68 36.41 -2.33
CA LEU A 575 42.07 35.82 -3.51
C LEU A 575 43.17 35.28 -4.41
N PRO A 576 42.85 34.37 -5.33
CA PRO A 576 43.86 33.95 -6.33
C PRO A 576 44.37 35.14 -7.11
N VAL A 577 45.67 35.43 -6.93
CA VAL A 577 46.30 36.55 -7.60
C VAL A 577 46.82 36.18 -8.99
N ASP A 578 46.79 34.90 -9.35
CA ASP A 578 47.29 34.44 -10.62
C ASP A 578 46.27 34.70 -11.74
N LYS A 579 46.78 34.72 -12.97
CA LYS A 579 45.97 34.91 -14.17
C LYS A 579 45.13 36.17 -14.09
N THR A 580 45.81 37.30 -13.89
CA THR A 580 45.17 38.61 -13.90
C THR A 580 44.86 38.98 -15.35
N ILE A 581 43.77 38.41 -15.86
CA ILE A 581 43.44 38.57 -17.26
C ILE A 581 43.14 40.03 -17.56
N LEU A 582 43.80 40.56 -18.59
CA LEU A 582 43.71 41.98 -18.91
C LEU A 582 42.41 42.27 -19.66
N GLY A 583 42.31 43.46 -20.22
CA GLY A 583 41.14 43.84 -20.98
C GLY A 583 41.33 43.73 -22.47
N SER A 584 42.54 44.06 -22.94
CA SER A 584 42.81 43.99 -24.38
C SER A 584 42.66 42.57 -24.90
N ASP A 585 43.25 41.60 -24.19
CA ASP A 585 43.16 40.22 -24.64
C ASP A 585 41.73 39.70 -24.58
N ILE A 586 41.00 40.04 -23.52
CA ILE A 586 39.63 39.54 -23.39
C ILE A 586 38.72 40.17 -24.43
N ASP A 587 39.02 41.41 -24.86
CA ASP A 587 38.32 41.97 -26.00
C ASP A 587 38.75 41.27 -27.29
N GLN A 588 39.99 40.81 -27.36
CA GLN A 588 40.49 40.17 -28.56
C GLN A 588 39.87 38.78 -28.79
N LEU A 589 39.69 38.01 -27.73
CA LEU A 589 39.30 36.62 -27.86
C LEU A 589 37.78 36.46 -27.93
N ASP A 590 37.36 35.28 -28.36
CA ASP A 590 35.97 34.99 -28.70
C ASP A 590 35.17 34.59 -27.46
N ASP A 591 33.84 34.62 -27.61
CA ASP A 591 32.94 34.30 -26.50
C ASP A 591 33.12 32.87 -26.02
N ASN A 592 33.26 31.92 -26.96
CA ASN A 592 33.39 30.52 -26.55
C ASN A 592 34.64 30.30 -25.72
N GLU A 593 35.76 30.93 -26.11
CA GLU A 593 36.95 30.86 -25.29
C GLU A 593 36.83 31.74 -24.06
N LEU A 594 36.00 32.79 -24.12
CA LEU A 594 35.84 33.66 -22.97
C LEU A 594 35.14 32.93 -21.85
N ALA A 595 34.20 32.05 -22.18
CA ALA A 595 33.55 31.23 -21.16
C ALA A 595 34.56 30.33 -20.46
N ALA A 596 35.49 29.76 -21.22
CA ALA A 596 36.50 28.89 -20.63
C ALA A 596 37.47 29.68 -19.75
N VAL A 597 37.89 30.87 -20.20
CA VAL A 597 38.90 31.61 -19.45
C VAL A 597 38.31 32.42 -18.31
N ALA A 598 37.01 32.70 -18.33
CA ALA A 598 36.40 33.48 -17.26
C ALA A 598 36.28 32.66 -15.99
N ALA A 599 35.83 31.42 -16.09
CA ALA A 599 35.77 30.55 -14.92
C ALA A 599 37.15 30.17 -14.42
N ALA A 600 38.19 30.33 -15.25
CA ALA A 600 39.56 30.03 -14.89
C ALA A 600 40.37 31.26 -14.55
N ALA A 601 39.71 32.33 -14.08
CA ALA A 601 40.40 33.55 -13.72
C ALA A 601 39.58 34.26 -12.64
N SER A 602 40.28 34.89 -11.70
CA SER A 602 39.63 35.51 -10.56
C SER A 602 39.67 37.04 -10.60
N VAL A 603 40.67 37.64 -11.23
CA VAL A 603 40.83 39.08 -11.25
C VAL A 603 40.89 39.56 -12.69
N PHE A 604 40.07 40.53 -13.02
CA PHE A 604 40.04 41.15 -14.34
C PHE A 604 40.37 42.62 -14.20
N ALA A 605 41.27 43.12 -15.04
CA ALA A 605 41.76 44.48 -14.92
C ALA A 605 41.69 45.19 -16.25
N LYS A 606 41.65 46.53 -16.17
CA LYS A 606 41.57 47.40 -17.34
C LYS A 606 40.38 47.04 -18.22
N LEU A 607 39.20 47.18 -17.64
CA LEU A 607 37.95 46.77 -18.27
C LEU A 607 37.10 47.98 -18.62
N SER A 608 36.70 48.06 -19.89
CA SER A 608 35.73 49.03 -20.33
C SER A 608 34.31 48.54 -20.00
N PRO A 609 33.35 49.45 -19.89
CA PRO A 609 31.99 49.02 -19.52
C PRO A 609 31.39 48.01 -20.48
N GLN A 610 31.84 47.98 -21.74
CA GLN A 610 31.44 46.89 -22.63
C GLN A 610 31.84 45.54 -22.02
N GLN A 611 33.09 45.45 -21.56
CA GLN A 611 33.65 44.16 -21.19
C GLN A 611 33.06 43.62 -19.90
N LYS A 612 32.67 44.49 -18.97
CA LYS A 612 32.05 44.01 -17.75
C LYS A 612 30.74 43.30 -18.05
N ALA A 613 29.88 43.92 -18.86
CA ALA A 613 28.63 43.28 -19.25
C ALA A 613 28.90 42.03 -20.08
N ARG A 614 29.92 42.07 -20.95
CA ARG A 614 30.25 40.90 -21.75
C ARG A 614 30.63 39.72 -20.86
N ILE A 615 31.49 39.95 -19.86
CA ILE A 615 31.91 38.88 -18.96
C ILE A 615 30.72 38.36 -18.16
N VAL A 616 29.91 39.27 -17.62
CA VAL A 616 28.78 38.84 -16.80
C VAL A 616 27.82 38.00 -17.63
N THR A 617 27.50 38.46 -18.83
CA THR A 617 26.58 37.71 -19.69
C THR A 617 27.17 36.36 -20.08
N THR A 618 28.46 36.31 -20.40
CA THR A 618 29.08 35.04 -20.77
C THR A 618 29.05 34.06 -19.61
N LEU A 619 29.36 34.52 -18.40
CA LEU A 619 29.28 33.65 -17.24
C LEU A 619 27.85 33.19 -16.99
N ARG A 620 26.88 34.05 -17.27
CA ARG A 620 25.48 33.64 -17.17
C ARG A 620 25.16 32.53 -18.17
N ASN A 621 25.66 32.66 -19.40
CA ASN A 621 25.39 31.63 -20.41
C ASN A 621 26.10 30.33 -20.09
N SER A 622 27.20 30.38 -19.34
CA SER A 622 27.95 29.18 -19.00
C SER A 622 27.27 28.33 -17.94
N GLY A 623 26.09 28.71 -17.48
CA GLY A 623 25.38 27.96 -16.47
C GLY A 623 25.49 28.46 -15.05
N ASN A 624 26.14 29.61 -14.85
CA ASN A 624 26.32 30.17 -13.51
C ASN A 624 25.40 31.37 -13.34
N SER A 625 24.65 31.39 -12.24
CA SER A 625 23.87 32.57 -11.87
C SER A 625 24.81 33.59 -11.25
N VAL A 626 24.93 34.76 -11.88
CA VAL A 626 25.97 35.73 -11.55
C VAL A 626 25.32 36.98 -11.00
N GLY A 627 25.78 37.41 -9.83
CA GLY A 627 25.43 38.71 -9.30
C GLY A 627 26.57 39.68 -9.48
N TYR A 628 26.25 40.97 -9.48
CA TYR A 628 27.25 42.00 -9.68
C TYR A 628 27.13 43.06 -8.61
N MET A 629 28.28 43.54 -8.14
CA MET A 629 28.36 44.64 -7.20
C MET A 629 29.05 45.82 -7.87
N GLY A 630 28.50 47.02 -7.71
CA GLY A 630 29.10 48.17 -8.34
C GLY A 630 28.82 49.44 -7.58
N ASP A 631 29.57 50.47 -7.92
CA ASP A 631 29.36 51.78 -7.31
C ASP A 631 29.47 52.94 -8.29
N GLY A 632 29.81 52.69 -9.56
CA GLY A 632 30.08 53.75 -10.50
C GLY A 632 29.17 53.70 -11.73
N ILE A 633 29.34 54.70 -12.58
CA ILE A 633 28.62 54.75 -13.84
C ILE A 633 29.00 53.57 -14.71
N ASN A 634 30.29 53.24 -14.74
CA ASN A 634 30.77 52.14 -15.58
C ASN A 634 30.16 50.81 -15.20
N ASP A 635 29.63 50.67 -13.99
CA ASP A 635 29.05 49.42 -13.55
C ASP A 635 27.69 49.13 -14.17
N ALA A 636 26.95 50.16 -14.60
CA ALA A 636 25.53 50.00 -14.90
C ALA A 636 25.26 48.90 -15.90
N ALA A 637 26.13 48.77 -16.92
CA ALA A 637 25.93 47.73 -17.93
C ALA A 637 25.96 46.34 -17.31
N ALA A 638 26.97 46.07 -16.49
CA ALA A 638 27.05 44.77 -15.83
C ALA A 638 25.95 44.62 -14.78
N MET A 639 25.60 45.69 -14.08
CA MET A 639 24.55 45.62 -13.08
C MET A 639 23.23 45.18 -13.70
N LYS A 640 22.91 45.72 -14.88
CA LYS A 640 21.70 45.31 -15.57
C LYS A 640 21.86 43.95 -16.25
N SER A 641 23.08 43.59 -16.65
CA SER A 641 23.30 42.33 -17.32
C SER A 641 23.41 41.15 -16.37
N SER A 642 23.38 41.38 -15.06
CA SER A 642 23.52 40.32 -14.07
C SER A 642 22.15 39.90 -13.54
N ASP A 643 22.14 38.79 -12.80
CA ASP A 643 20.92 38.32 -12.17
C ASP A 643 20.45 39.32 -11.11
N VAL A 644 21.35 39.77 -10.26
CA VAL A 644 21.05 40.74 -9.22
C VAL A 644 22.16 41.77 -9.17
N GLY A 645 21.80 43.04 -9.17
CA GLY A 645 22.75 44.12 -9.05
C GLY A 645 22.74 44.70 -7.66
N ILE A 646 23.89 44.68 -7.00
CA ILE A 646 24.04 45.16 -5.64
C ILE A 646 24.85 46.45 -5.67
N SER A 647 24.32 47.50 -5.05
CA SER A 647 24.94 48.82 -5.09
C SER A 647 25.35 49.22 -3.68
N VAL A 648 26.58 49.72 -3.54
CA VAL A 648 27.12 50.14 -2.25
C VAL A 648 26.61 51.54 -1.93
N ASP A 649 26.86 51.98 -0.69
CA ASP A 649 26.39 53.30 -0.26
C ASP A 649 27.01 54.42 -1.08
N SER A 650 28.32 54.34 -1.33
CA SER A 650 29.04 55.42 -2.00
C SER A 650 28.75 55.48 -3.48
N ALA A 651 27.72 54.79 -3.96
CA ALA A 651 27.47 54.70 -5.39
C ALA A 651 26.86 55.97 -5.94
N VAL A 652 27.14 56.24 -7.21
CA VAL A 652 26.48 57.31 -7.94
C VAL A 652 25.01 56.96 -8.12
N ASP A 653 24.16 58.00 -8.15
CA ASP A 653 22.71 57.78 -8.19
C ASP A 653 22.29 56.89 -9.35
N ILE A 654 23.03 56.92 -10.46
CA ILE A 654 22.74 56.01 -11.56
C ILE A 654 22.96 54.57 -11.14
N ALA A 655 24.07 54.31 -10.43
CA ALA A 655 24.33 52.97 -9.94
C ALA A 655 23.25 52.52 -8.96
N LYS A 656 22.82 53.43 -8.08
CA LYS A 656 21.76 53.09 -7.13
C LYS A 656 20.46 52.76 -7.85
N GLU A 657 20.13 53.55 -8.87
CA GLU A 657 18.85 53.36 -9.56
C GLU A 657 18.88 52.09 -10.41
N SER A 658 20.01 51.78 -11.05
CA SER A 658 20.09 50.64 -11.94
C SER A 658 20.32 49.31 -11.22
N ALA A 659 20.52 49.33 -9.91
CA ALA A 659 20.73 48.11 -9.15
C ALA A 659 19.41 47.51 -8.71
N ASP A 660 19.49 46.33 -8.09
CA ASP A 660 18.32 45.67 -7.53
C ASP A 660 18.29 45.69 -6.01
N VAL A 661 19.46 45.65 -5.37
CA VAL A 661 19.58 45.74 -3.92
C VAL A 661 20.50 46.90 -3.60
N ILE A 662 20.11 47.70 -2.61
CA ILE A 662 20.91 48.86 -2.18
C ILE A 662 21.23 48.69 -0.70
N LEU A 663 22.51 48.78 -0.37
CA LEU A 663 22.91 48.78 1.03
C LEU A 663 22.80 50.20 1.58
N LEU A 664 22.80 50.29 2.92
CA LEU A 664 22.68 51.58 3.59
C LEU A 664 23.74 51.83 4.65
N GLU A 665 24.57 50.85 5.00
CA GLU A 665 25.61 51.05 6.00
C GLU A 665 27.00 50.75 5.44
N LYS A 666 27.13 50.49 4.14
CA LYS A 666 28.39 50.22 3.46
C LYS A 666 29.20 49.09 4.13
N ASP A 667 28.55 48.26 4.94
CA ASP A 667 29.19 47.10 5.55
C ASP A 667 28.84 45.87 4.72
N LEU A 668 29.86 45.30 4.07
CA LEU A 668 29.62 44.15 3.20
C LEU A 668 29.27 42.90 3.98
N MET A 669 29.45 42.89 5.31
CA MET A 669 29.16 41.71 6.09
C MET A 669 27.67 41.36 6.05
N VAL A 670 26.81 42.35 5.86
CA VAL A 670 25.39 42.05 5.75
C VAL A 670 25.10 41.21 4.51
N LEU A 671 25.97 41.30 3.51
CA LEU A 671 25.71 40.65 2.23
C LEU A 671 25.48 39.16 2.40
N GLU A 672 26.39 38.48 3.09
CA GLU A 672 26.22 37.05 3.29
C GLU A 672 24.89 36.76 3.96
N LYS A 673 24.49 37.60 4.92
CA LYS A 673 23.20 37.42 5.56
C LYS A 673 22.08 37.38 4.52
N GLY A 674 22.09 38.34 3.59
CA GLY A 674 21.10 38.32 2.54
C GLY A 674 21.09 37.00 1.78
N ILE A 675 22.29 36.50 1.43
CA ILE A 675 22.36 35.23 0.73
C ILE A 675 21.65 34.15 1.53
N ILE A 676 21.92 34.11 2.85
CA ILE A 676 21.27 33.11 3.69
C ILE A 676 19.76 33.21 3.53
N GLU A 677 19.23 34.42 3.64
CA GLU A 677 17.79 34.59 3.46
C GLU A 677 17.38 34.11 2.08
N GLY A 678 18.08 34.58 1.06
CA GLY A 678 17.75 34.20 -0.30
C GLY A 678 17.81 32.72 -0.53
N ARG A 679 18.50 31.98 0.34
CA ARG A 679 18.50 30.54 0.20
C ARG A 679 17.32 29.91 0.93
N LYS A 680 17.07 30.33 2.17
CA LYS A 680 15.95 29.72 2.90
C LYS A 680 14.62 30.10 2.27
N THR A 681 14.50 31.35 1.82
CA THR A 681 13.33 31.75 1.04
C THR A 681 13.14 30.84 -0.17
N TYR A 682 14.24 30.42 -0.79
CA TYR A 682 14.12 29.45 -1.87
C TYR A 682 13.71 28.09 -1.33
N ALA A 683 14.34 27.64 -0.25
CA ALA A 683 14.13 26.27 0.21
C ALA A 683 12.66 26.02 0.49
N ASN A 684 12.06 26.83 1.36
CA ASN A 684 10.63 26.71 1.62
C ASN A 684 9.85 26.69 0.31
N MET A 685 10.16 27.62 -0.60
CA MET A 685 9.46 27.67 -1.87
C MET A 685 9.54 26.33 -2.58
N ILE A 686 10.75 25.80 -2.76
CA ILE A 686 10.83 24.51 -3.44
C ILE A 686 10.19 23.43 -2.59
N LYS A 687 10.36 23.55 -1.28
CA LYS A 687 9.69 22.61 -0.38
C LYS A 687 8.18 22.66 -0.60
N TYR A 688 7.64 23.84 -0.86
CA TYR A 688 6.23 23.94 -1.21
C TYR A 688 5.96 23.23 -2.53
N ILE A 689 6.75 23.54 -3.56
CA ILE A 689 6.44 23.06 -4.90
C ILE A 689 6.51 21.53 -4.92
N LYS A 690 7.46 20.97 -4.19
CA LYS A 690 7.54 19.52 -4.11
C LYS A 690 6.43 18.93 -3.23
N MET A 691 6.00 19.67 -2.20
CA MET A 691 4.90 19.18 -1.37
C MET A 691 3.61 19.06 -2.16
N THR A 692 3.24 20.11 -2.88
CA THR A 692 1.92 20.14 -3.49
C THR A 692 1.89 19.37 -4.80
N ALA A 693 2.81 19.69 -5.71
CA ALA A 693 2.79 19.05 -7.02
C ALA A 693 2.86 17.54 -6.89
N SER A 694 3.51 17.03 -5.85
CA SER A 694 3.48 15.60 -5.58
C SER A 694 2.09 15.16 -5.17
N SER A 695 1.59 15.72 -4.07
CA SER A 695 0.33 15.27 -3.49
C SER A 695 -0.79 15.36 -4.52
N ASN A 696 -0.90 16.50 -5.19
CA ASN A 696 -1.91 16.68 -6.23
C ASN A 696 -1.83 15.54 -7.22
N PHE A 697 -0.62 15.26 -7.73
CA PHE A 697 -0.45 14.16 -8.67
C PHE A 697 -1.00 12.88 -8.08
N GLY A 698 -0.60 12.56 -6.86
CA GLY A 698 -1.11 11.36 -6.23
C GLY A 698 -2.61 11.43 -6.13
N ASN A 699 -3.10 12.56 -5.63
CA ASN A 699 -4.54 12.72 -5.45
C ASN A 699 -5.28 12.84 -6.76
N MET A 700 -4.57 12.81 -7.90
CA MET A 700 -5.22 12.72 -9.19
C MET A 700 -4.55 11.69 -10.08
N PHE A 701 -3.78 10.78 -9.50
CA PHE A 701 -3.40 9.55 -10.17
C PHE A 701 -4.45 8.48 -9.98
N SER A 702 -4.95 8.34 -8.75
CA SER A 702 -5.94 7.33 -8.41
C SER A 702 -7.17 7.44 -9.29
N VAL A 703 -7.64 8.67 -9.50
CA VAL A 703 -8.80 8.90 -10.36
C VAL A 703 -8.59 8.20 -11.71
N LEU A 704 -7.40 8.38 -12.29
CA LEU A 704 -7.05 7.67 -13.52
C LEU A 704 -7.48 6.21 -13.43
N ILE A 705 -6.94 5.48 -12.46
CA ILE A 705 -7.29 4.08 -12.30
C ILE A 705 -8.78 3.94 -12.06
N ALA A 706 -9.32 4.70 -11.11
CA ALA A 706 -10.73 4.61 -10.81
C ALA A 706 -11.59 4.97 -12.00
N SER A 707 -11.03 5.68 -12.98
CA SER A 707 -11.78 6.01 -14.19
C SER A 707 -12.34 4.77 -14.86
N ALA A 708 -11.67 3.62 -14.73
CA ALA A 708 -12.18 2.42 -15.37
C ALA A 708 -13.16 1.64 -14.51
N PHE A 709 -13.23 1.93 -13.21
CA PHE A 709 -13.98 1.08 -12.30
C PHE A 709 -15.13 1.77 -11.58
N LEU A 710 -14.95 3.01 -11.13
CA LEU A 710 -16.03 3.64 -10.40
C LEU A 710 -17.20 3.95 -11.33
N PRO A 711 -18.44 3.68 -10.89
CA PRO A 711 -19.59 3.98 -11.75
C PRO A 711 -19.92 5.46 -11.84
N PHE A 712 -19.14 6.33 -11.21
CA PHE A 712 -19.40 7.76 -11.22
C PHE A 712 -18.14 8.50 -10.84
N ILE A 713 -18.16 9.82 -11.03
CA ILE A 713 -16.99 10.64 -10.73
C ILE A 713 -16.79 10.69 -9.22
N PRO A 714 -15.56 10.54 -8.72
CA PRO A 714 -15.36 10.55 -7.26
C PRO A 714 -15.38 11.95 -6.66
N MET A 715 -14.84 12.96 -7.36
CA MET A 715 -14.92 14.35 -6.93
C MET A 715 -15.21 15.23 -8.13
N LEU A 716 -16.12 16.17 -7.97
CA LEU A 716 -16.37 17.09 -9.07
C LEU A 716 -15.32 18.19 -9.06
N SER A 717 -15.37 19.03 -10.10
CA SER A 717 -14.38 20.09 -10.24
C SER A 717 -14.40 21.03 -9.06
N ILE A 718 -15.59 21.39 -8.56
CA ILE A 718 -15.68 22.38 -7.49
C ILE A 718 -15.10 21.82 -6.19
N HIS A 719 -15.33 20.54 -5.91
CA HIS A 719 -14.76 19.94 -4.70
C HIS A 719 -13.25 19.97 -4.76
N ILE A 720 -12.67 19.63 -5.91
CA ILE A 720 -11.21 19.63 -6.03
C ILE A 720 -10.66 21.04 -5.96
N LEU A 721 -11.39 22.01 -6.53
CA LEU A 721 -10.97 23.40 -6.41
C LEU A 721 -10.95 23.82 -4.95
N LEU A 722 -11.98 23.44 -4.19
CA LEU A 722 -12.00 23.79 -2.77
C LEU A 722 -10.86 23.12 -2.04
N LEU A 723 -10.55 21.87 -2.38
CA LEU A 723 -9.45 21.17 -1.73
C LEU A 723 -8.12 21.85 -2.02
N ASN A 724 -7.88 22.22 -3.27
CA ASN A 724 -6.62 22.84 -3.65
C ASN A 724 -6.54 24.31 -3.29
N LEU A 725 -7.66 24.92 -2.90
CA LEU A 725 -7.66 26.29 -2.41
C LEU A 725 -7.52 26.38 -0.90
N ILE A 726 -8.23 25.53 -0.16
CA ILE A 726 -8.13 25.56 1.29
C ILE A 726 -6.87 24.89 1.80
N TYR A 727 -6.20 24.10 0.96
CA TYR A 727 -4.91 23.55 1.34
C TYR A 727 -3.78 24.48 0.97
N ASP A 728 -3.95 25.28 -0.07
CA ASP A 728 -2.97 26.28 -0.47
C ASP A 728 -3.10 27.57 0.33
N PHE A 729 -4.08 27.67 1.22
CA PHE A 729 -4.15 28.77 2.17
C PHE A 729 -3.38 28.45 3.45
N SER A 730 -2.68 27.32 3.50
CA SER A 730 -1.75 27.05 4.59
C SER A 730 -0.32 27.01 4.08
N CYS A 731 -0.15 26.69 2.80
CA CYS A 731 1.11 26.98 2.14
C CYS A 731 1.37 28.48 2.03
N THR A 732 0.40 29.32 2.38
CA THR A 732 0.74 30.72 2.65
C THR A 732 1.49 30.85 3.96
N ALA A 733 1.40 29.84 4.83
CA ALA A 733 2.13 29.80 6.07
C ALA A 733 3.35 28.89 6.03
N ILE A 734 3.54 28.15 4.94
CA ILE A 734 4.76 27.32 4.83
C ILE A 734 6.04 28.17 4.78
N PRO A 735 6.07 29.38 4.20
CA PRO A 735 7.36 30.08 4.12
C PRO A 735 7.98 30.41 5.47
N TRP A 736 7.20 30.36 6.55
CA TRP A 736 7.69 30.64 7.88
C TRP A 736 8.16 29.39 8.63
N ASP A 737 8.17 28.24 7.97
CA ASP A 737 8.56 27.02 8.66
C ASP A 737 10.05 26.97 8.90
N ASN A 738 10.48 25.98 9.68
CA ASN A 738 11.88 25.84 10.07
C ASN A 738 12.65 25.15 8.94
N VAL A 739 13.48 25.91 8.25
CA VAL A 739 14.38 25.34 7.26
C VAL A 739 15.60 24.77 7.98
N ASP A 740 16.17 23.71 7.43
CA ASP A 740 17.33 23.07 8.03
C ASP A 740 18.54 23.99 8.00
N GLU A 741 19.64 23.56 8.62
CA GLU A 741 20.87 24.35 8.55
C GLU A 741 21.94 23.67 7.72
N GLU A 742 21.64 22.52 7.13
CA GLU A 742 22.55 21.85 6.21
C GLU A 742 22.18 22.07 4.77
N TYR A 743 21.04 22.68 4.49
CA TYR A 743 20.63 22.99 3.12
C TYR A 743 21.21 24.31 2.63
N LEU A 744 21.57 25.20 3.54
CA LEU A 744 21.97 26.57 3.21
C LEU A 744 23.46 26.75 3.06
N VAL A 745 24.20 25.72 2.66
CA VAL A 745 25.65 25.83 2.60
C VAL A 745 26.14 25.58 1.18
N VAL A 746 25.25 25.68 0.21
CA VAL A 746 25.62 25.53 -1.20
C VAL A 746 24.53 26.16 -2.07
N PRO A 747 24.89 27.03 -3.03
CA PRO A 747 23.87 27.64 -3.87
C PRO A 747 23.12 26.61 -4.70
N ARG A 748 21.82 26.46 -4.43
CA ARG A 748 21.03 25.46 -5.11
C ARG A 748 20.46 26.01 -6.41
N LYS A 749 20.49 25.19 -7.44
CA LYS A 749 20.04 25.58 -8.77
C LYS A 749 18.62 25.08 -9.00
N TRP A 750 17.88 25.84 -9.82
CA TRP A 750 16.52 25.47 -10.15
C TRP A 750 16.54 24.23 -11.04
N ASP A 751 15.86 23.17 -10.60
CA ASP A 751 15.84 21.90 -11.31
C ASP A 751 14.39 21.49 -11.56
N ALA A 752 14.05 21.25 -12.82
CA ALA A 752 12.72 20.79 -13.17
C ALA A 752 12.63 19.28 -13.05
N SER A 753 13.61 18.57 -13.61
CA SER A 753 13.62 17.12 -13.56
C SER A 753 13.58 16.63 -12.13
N SER A 754 14.25 17.34 -11.23
CA SER A 754 14.30 16.95 -9.82
C SER A 754 12.93 16.98 -9.18
N VAL A 755 12.01 17.79 -9.69
CA VAL A 755 10.64 17.82 -9.20
C VAL A 755 9.74 16.89 -10.00
N SER A 756 10.20 16.39 -11.15
CA SER A 756 9.47 15.39 -11.89
C SER A 756 9.81 13.97 -11.46
N LYS A 757 10.91 13.78 -10.73
CA LYS A 757 11.26 12.48 -10.18
C LYS A 757 10.88 12.33 -8.71
N PHE A 758 10.64 13.43 -8.01
CA PHE A 758 10.05 13.38 -6.68
C PHE A 758 8.52 13.26 -6.75
N MET A 759 7.97 13.47 -7.90
CA MET A 759 6.53 13.37 -8.11
C MET A 759 6.11 12.01 -8.61
N LEU A 760 6.98 11.29 -9.32
CA LEU A 760 6.72 9.91 -9.70
C LEU A 760 7.14 8.92 -8.62
N TRP A 761 7.85 9.36 -7.59
CA TRP A 761 8.42 8.44 -6.61
C TRP A 761 7.65 8.46 -5.30
N ILE A 762 7.37 9.63 -4.74
CA ILE A 762 6.72 9.71 -3.44
C ILE A 762 5.29 10.19 -3.68
N GLY A 763 4.95 10.38 -4.94
CA GLY A 763 3.60 10.75 -5.32
C GLY A 763 2.66 9.56 -5.35
N PRO A 764 2.99 8.53 -6.15
CA PRO A 764 2.09 7.37 -6.25
C PRO A 764 2.03 6.51 -4.99
N THR A 765 2.71 6.91 -3.92
CA THR A 765 2.57 6.22 -2.64
C THR A 765 1.33 6.69 -1.89
N SER A 766 0.68 7.74 -2.37
CA SER A 766 -0.62 8.14 -1.85
C SER A 766 -1.77 7.55 -2.65
N SER A 767 -1.52 7.03 -3.84
CA SER A 767 -2.56 6.35 -4.59
C SER A 767 -2.96 5.06 -3.91
N VAL A 768 -2.00 4.38 -3.29
CA VAL A 768 -2.24 3.11 -2.61
C VAL A 768 -3.29 3.32 -1.53
N PHE A 769 -3.19 4.44 -0.81
CA PHE A 769 -4.13 4.76 0.26
C PHE A 769 -5.25 5.65 -0.23
N ASP A 770 -5.38 5.80 -1.55
CA ASP A 770 -6.54 6.42 -2.16
C ASP A 770 -7.43 5.42 -2.87
N ILE A 771 -6.89 4.30 -3.38
CA ILE A 771 -7.71 3.20 -3.85
C ILE A 771 -8.31 2.41 -2.69
N THR A 772 -7.66 2.41 -1.52
CA THR A 772 -8.24 1.86 -0.32
C THR A 772 -9.46 2.64 0.14
N THR A 773 -9.35 3.96 0.28
CA THR A 773 -10.51 4.75 0.67
C THR A 773 -11.48 4.91 -0.45
N TYR A 774 -11.15 4.46 -1.65
CA TYR A 774 -12.13 4.27 -2.70
C TYR A 774 -13.02 3.07 -2.45
N LEU A 775 -12.48 2.01 -1.87
CA LEU A 775 -13.21 0.78 -1.63
C LEU A 775 -13.86 0.76 -0.26
N LEU A 776 -13.15 1.21 0.77
CA LEU A 776 -13.73 1.32 2.10
C LEU A 776 -14.97 2.21 2.03
N MET A 777 -14.84 3.36 1.38
CA MET A 777 -15.96 4.27 1.22
C MET A 777 -17.02 3.75 0.26
N PHE A 778 -16.73 2.66 -0.46
CA PHE A 778 -17.72 1.96 -1.26
C PHE A 778 -18.41 0.86 -0.46
N PHE A 779 -17.90 0.54 0.73
CA PHE A 779 -18.53 -0.48 1.57
C PHE A 779 -18.52 -0.10 3.05
N VAL A 780 -18.56 1.20 3.36
CA VAL A 780 -18.70 1.66 4.74
C VAL A 780 -19.83 2.68 4.81
N ILE A 781 -20.32 3.11 3.66
CA ILE A 781 -21.45 4.02 3.57
C ILE A 781 -22.62 3.38 2.82
N CYS A 782 -22.39 2.22 2.23
CA CYS A 782 -23.50 1.40 1.79
C CYS A 782 -24.46 1.12 2.96
N PRO A 783 -23.96 0.77 4.16
CA PRO A 783 -24.86 0.66 5.31
C PRO A 783 -25.29 1.97 5.92
N ALA A 784 -24.89 3.11 5.35
CA ALA A 784 -25.31 4.40 5.88
C ALA A 784 -26.71 4.74 5.40
N THR A 785 -27.65 3.81 5.61
CA THR A 785 -29.05 3.96 5.21
C THR A 785 -29.20 4.14 3.71
N PHE A 786 -28.09 4.05 2.97
CA PHE A 786 -28.14 4.26 1.53
C PHE A 786 -28.17 2.96 0.76
N GLY A 787 -28.06 1.81 1.43
CA GLY A 787 -28.12 0.52 0.78
C GLY A 787 -26.90 0.27 -0.08
N PRO A 788 -26.66 -0.99 -0.40
CA PRO A 788 -25.54 -1.32 -1.28
C PRO A 788 -25.75 -0.74 -2.66
N PHE A 789 -24.67 -0.38 -3.35
CA PHE A 789 -24.78 0.11 -4.72
C PHE A 789 -25.25 -1.02 -5.63
N SER A 790 -25.54 -0.69 -6.89
CA SER A 790 -26.08 -1.66 -7.84
C SER A 790 -27.41 -2.20 -7.37
N SER A 791 -28.05 -1.48 -6.45
CA SER A 791 -29.38 -1.79 -5.96
C SER A 791 -30.21 -0.51 -5.96
N LEU A 792 -29.52 0.62 -6.04
CA LEU A 792 -30.20 1.92 -6.02
C LEU A 792 -30.64 2.31 -7.43
N VAL A 793 -31.89 2.73 -7.54
CA VAL A 793 -32.37 3.24 -8.82
C VAL A 793 -31.66 4.56 -9.13
N PRO A 794 -31.47 4.92 -10.39
CA PRO A 794 -30.80 6.19 -10.68
C PRO A 794 -31.70 7.39 -10.44
N GLY A 795 -32.28 7.46 -9.24
CA GLY A 795 -33.22 8.52 -8.92
C GLY A 795 -32.66 9.51 -7.92
N SER A 796 -33.14 9.44 -6.67
CA SER A 796 -32.74 10.38 -5.65
C SER A 796 -32.71 9.64 -4.31
N VAL A 797 -32.52 10.41 -3.23
CA VAL A 797 -32.40 9.95 -1.85
C VAL A 797 -31.62 8.65 -1.78
N ALA A 798 -30.61 8.52 -2.64
CA ALA A 798 -29.84 7.29 -2.78
C ALA A 798 -28.68 7.57 -3.72
N TYR A 799 -28.90 7.38 -5.03
CA TYR A 799 -27.88 7.62 -6.04
C TYR A 799 -27.40 9.07 -5.97
N ILE A 800 -28.22 9.94 -5.41
CA ILE A 800 -27.83 11.32 -5.14
C ILE A 800 -27.14 11.45 -3.79
N GLY A 801 -27.61 10.71 -2.78
CA GLY A 801 -26.98 10.76 -1.48
C GLY A 801 -25.74 9.90 -1.38
N PHE A 802 -25.77 8.72 -2.01
CA PHE A 802 -24.63 7.83 -1.99
C PHE A 802 -23.41 8.50 -2.61
N ILE A 803 -23.62 9.17 -3.75
CA ILE A 803 -22.54 9.86 -4.42
C ILE A 803 -22.01 11.00 -3.56
N ALA A 804 -22.92 11.74 -2.92
CA ALA A 804 -22.53 12.85 -2.05
C ALA A 804 -21.67 12.35 -0.90
N LEU A 805 -22.06 11.23 -0.32
CA LEU A 805 -21.30 10.65 0.77
C LEU A 805 -19.97 10.08 0.33
N PHE A 806 -19.87 9.54 -0.88
CA PHE A 806 -18.57 9.17 -1.44
C PHE A 806 -17.69 10.38 -1.70
N HIS A 807 -18.27 11.53 -2.01
CA HIS A 807 -17.51 12.75 -2.15
C HIS A 807 -16.99 13.27 -0.81
N THR A 808 -17.85 13.24 0.21
CA THR A 808 -17.48 13.71 1.55
C THR A 808 -16.61 12.65 2.20
N GLY A 809 -16.21 11.67 1.41
CA GLY A 809 -15.31 10.62 1.82
C GLY A 809 -13.96 11.08 1.36
N TRP A 810 -13.58 10.71 0.14
CA TRP A 810 -12.29 11.15 -0.37
C TRP A 810 -12.36 12.62 -0.77
N PHE A 811 -12.97 13.44 0.09
CA PHE A 811 -12.64 14.85 0.22
C PHE A 811 -12.02 15.10 1.58
N VAL A 812 -12.73 14.72 2.63
CA VAL A 812 -12.27 14.88 3.99
C VAL A 812 -11.01 14.05 4.18
N GLU A 813 -11.00 12.83 3.64
CA GLU A 813 -9.83 11.98 3.73
C GLU A 813 -8.66 12.50 2.92
N SER A 814 -8.90 13.07 1.74
CA SER A 814 -7.82 13.60 0.92
C SER A 814 -7.29 14.93 1.43
N MET A 815 -8.05 15.62 2.27
CA MET A 815 -7.54 16.82 2.93
C MET A 815 -6.70 16.47 4.16
N TRP A 816 -7.00 15.38 4.84
CA TRP A 816 -6.23 14.95 6.00
C TRP A 816 -4.94 14.25 5.62
N THR A 817 -4.92 13.52 4.51
CA THR A 817 -3.78 12.66 4.16
C THR A 817 -2.74 13.41 3.32
N GLN A 818 -3.05 14.63 2.89
CA GLN A 818 -2.09 15.41 2.13
C GLN A 818 -1.65 16.67 2.87
N THR A 819 -2.31 17.01 3.97
CA THR A 819 -1.92 18.15 4.79
C THR A 819 -1.17 17.70 6.03
N LEU A 820 -1.28 16.42 6.41
CA LEU A 820 -0.56 15.89 7.57
C LEU A 820 0.63 15.04 7.17
N VAL A 821 0.91 14.88 5.88
CA VAL A 821 2.04 14.06 5.46
C VAL A 821 3.19 14.96 5.06
N ILE A 822 2.96 16.27 5.12
CA ILE A 822 4.04 17.23 4.90
C ILE A 822 5.05 17.22 6.02
N HIS A 823 4.61 17.03 7.27
CA HIS A 823 5.53 16.91 8.39
C HIS A 823 6.50 15.77 8.22
N MET A 824 6.15 14.75 7.43
CA MET A 824 7.03 13.63 7.17
C MET A 824 7.94 13.85 5.97
N ILE A 825 7.50 14.66 4.99
CA ILE A 825 8.28 14.87 3.78
C ILE A 825 9.06 16.18 3.85
N ARG A 826 8.62 17.13 4.66
CA ARG A 826 9.26 18.44 4.80
C ARG A 826 10.79 18.37 4.77
N THR A 827 11.37 17.52 5.59
CA THR A 827 12.80 17.47 5.77
C THR A 827 13.40 16.27 5.04
N PRO A 828 14.72 16.29 4.80
CA PRO A 828 15.43 15.06 4.44
C PRO A 828 15.42 14.10 5.62
N LYS A 829 16.16 12.99 5.55
CA LYS A 829 15.90 11.91 6.49
C LYS A 829 16.13 12.38 7.93
N ILE A 830 15.02 12.73 8.57
CA ILE A 830 14.89 13.16 9.95
C ILE A 830 13.44 12.87 10.33
N PRO A 831 13.17 11.92 11.21
CA PRO A 831 11.78 11.46 11.34
C PRO A 831 10.81 12.51 11.87
N PHE A 832 10.97 12.90 13.13
CA PHE A 832 10.10 13.92 13.71
C PHE A 832 10.78 14.74 14.80
N LEU A 833 12.04 14.50 15.11
CA LEU A 833 12.66 15.08 16.30
C LEU A 833 14.02 15.70 16.07
N GLN A 834 14.78 15.26 15.08
CA GLN A 834 16.07 15.88 14.81
C GLN A 834 15.93 17.18 14.04
N SER A 835 14.73 17.53 13.61
CA SER A 835 14.49 18.78 12.91
C SER A 835 13.46 19.68 13.57
N ARG A 836 12.77 19.22 14.63
CA ARG A 836 11.65 19.94 15.20
C ARG A 836 10.67 20.32 14.09
N ALA A 837 10.10 19.27 13.49
CA ALA A 837 9.33 19.38 12.26
C ALA A 837 8.39 20.57 12.28
N SER A 838 8.56 21.44 11.29
CA SER A 838 7.74 22.63 11.08
C SER A 838 7.90 23.66 12.18
N ALA A 839 7.55 24.90 11.87
CA ALA A 839 7.51 25.99 12.83
C ALA A 839 6.10 26.13 13.38
N PRO A 840 5.93 26.80 14.52
CA PRO A 840 4.57 26.93 15.07
C PRO A 840 3.59 27.56 14.11
N LEU A 841 4.04 28.46 13.24
CA LEU A 841 3.13 29.09 12.29
C LEU A 841 2.52 28.06 11.35
N THR A 842 3.34 27.25 10.71
CA THR A 842 2.87 26.35 9.67
C THR A 842 2.32 25.04 10.21
N ILE A 843 2.37 24.80 11.51
CA ILE A 843 1.67 23.65 12.08
C ILE A 843 0.35 24.16 12.64
N LEU A 844 0.38 25.33 13.28
CA LEU A 844 -0.84 25.92 13.81
C LEU A 844 -1.82 26.21 12.68
N THR A 845 -1.38 26.87 11.62
CA THR A 845 -2.26 27.11 10.49
C THR A 845 -2.69 25.81 9.83
N PHE A 846 -1.79 24.83 9.76
CA PHE A 846 -2.11 23.59 9.07
C PHE A 846 -3.26 22.87 9.77
N MET A 847 -3.16 22.70 11.09
CA MET A 847 -4.25 22.10 11.84
C MET A 847 -5.48 23.00 11.90
N GLY A 848 -5.31 24.33 11.87
CA GLY A 848 -6.45 25.21 11.90
C GLY A 848 -7.18 25.25 10.57
N ILE A 849 -6.57 24.68 9.54
CA ILE A 849 -7.22 24.57 8.24
C ILE A 849 -7.74 23.16 8.04
N ILE A 850 -7.13 22.17 8.71
CA ILE A 850 -7.74 20.85 8.77
C ILE A 850 -9.03 20.90 9.57
N GLY A 851 -9.06 21.72 10.62
CA GLY A 851 -10.26 21.96 11.39
C GLY A 851 -11.38 22.57 10.56
N LEU A 852 -11.12 22.82 9.27
CA LEU A 852 -12.16 23.14 8.31
C LEU A 852 -12.82 21.88 7.76
N THR A 853 -12.72 20.77 8.49
CA THR A 853 -13.57 19.60 8.26
C THR A 853 -14.91 19.87 8.93
N ILE A 854 -15.49 21.03 8.65
CA ILE A 854 -16.78 21.43 9.18
C ILE A 854 -17.60 21.94 8.01
N ILE A 855 -16.96 22.04 6.85
CA ILE A 855 -17.68 22.43 5.64
C ILE A 855 -18.82 21.46 5.32
N PRO A 856 -18.62 20.14 5.33
CA PRO A 856 -19.75 19.25 5.06
C PRO A 856 -20.92 19.42 6.02
N PHE A 857 -20.65 19.78 7.27
CA PHE A 857 -21.69 19.89 8.29
C PHE A 857 -22.27 21.29 8.40
N THR A 858 -22.27 22.05 7.31
CA THR A 858 -22.66 23.46 7.35
C THR A 858 -23.64 23.72 6.23
N SER A 859 -24.36 24.84 6.31
CA SER A 859 -25.25 25.27 5.23
C SER A 859 -24.47 25.35 3.92
N PHE A 860 -23.23 25.83 3.98
CA PHE A 860 -22.33 25.73 2.84
C PHE A 860 -21.70 24.36 2.82
N GLY A 861 -22.54 23.33 2.93
CA GLY A 861 -22.12 21.97 2.65
C GLY A 861 -22.95 21.50 1.50
N HIS A 862 -23.70 22.43 0.92
CA HIS A 862 -24.55 22.16 -0.23
C HIS A 862 -24.07 22.94 -1.44
N SER A 863 -22.76 22.94 -1.66
CA SER A 863 -22.20 23.20 -2.98
C SER A 863 -22.27 21.95 -3.84
N ILE A 864 -23.47 21.37 -3.89
CA ILE A 864 -23.81 20.04 -4.40
C ILE A 864 -22.91 18.98 -3.78
N GLY A 865 -23.51 17.87 -3.36
CA GLY A 865 -22.75 16.89 -2.60
C GLY A 865 -22.40 17.43 -1.24
N LEU A 866 -21.27 16.94 -0.71
CA LEU A 866 -20.74 17.38 0.57
C LEU A 866 -21.75 17.21 1.71
N MET A 867 -22.21 15.99 1.95
CA MET A 867 -23.20 15.76 3.00
C MET A 867 -22.53 15.29 4.28
N ALA A 868 -23.29 15.22 5.37
CA ALA A 868 -22.75 15.04 6.72
C ALA A 868 -22.10 13.67 6.84
N LEU A 869 -20.87 13.64 7.34
CA LEU A 869 -20.17 12.37 7.51
C LEU A 869 -20.73 11.63 8.73
N PRO A 870 -20.74 10.29 8.70
CA PRO A 870 -21.04 9.54 9.91
C PRO A 870 -19.83 9.48 10.83
N ILE A 871 -20.10 9.30 12.12
CA ILE A 871 -19.04 9.16 13.11
C ILE A 871 -18.18 7.94 12.81
N ASN A 872 -18.76 6.92 12.16
CA ASN A 872 -18.04 5.68 11.89
C ASN A 872 -16.83 5.90 11.01
N PHE A 873 -16.83 6.95 10.17
CA PHE A 873 -15.76 7.15 9.20
C PHE A 873 -14.44 7.51 9.86
N PHE A 874 -14.49 8.34 10.91
CA PHE A 874 -13.26 8.88 11.48
C PHE A 874 -12.31 7.82 12.04
N PRO A 875 -12.76 6.75 12.69
CA PRO A 875 -11.80 5.69 13.07
C PRO A 875 -11.03 5.12 11.89
N TRP A 876 -11.62 5.08 10.70
CA TRP A 876 -10.91 4.64 9.51
C TRP A 876 -10.05 5.73 8.92
N LEU A 877 -10.50 6.99 9.00
CA LEU A 877 -9.69 8.10 8.51
C LEU A 877 -8.39 8.20 9.30
N ILE A 878 -8.46 8.05 10.62
CA ILE A 878 -7.26 8.09 11.44
C ILE A 878 -6.32 6.95 11.07
N LEU A 879 -6.87 5.75 10.87
CA LEU A 879 -6.02 4.62 10.51
C LEU A 879 -5.34 4.84 9.17
N THR A 880 -6.07 5.41 8.21
CA THR A 880 -5.46 5.67 6.90
C THR A 880 -4.39 6.74 6.98
N VAL A 881 -4.64 7.84 7.70
CA VAL A 881 -3.64 8.91 7.78
C VAL A 881 -2.43 8.50 8.59
N VAL A 882 -2.56 7.52 9.49
CA VAL A 882 -1.40 6.95 10.16
C VAL A 882 -0.69 5.93 9.29
N MET A 883 -1.42 5.10 8.54
CA MET A 883 -0.82 4.13 7.64
C MET A 883 0.01 4.80 6.56
N TYR A 884 -0.48 5.92 6.03
CA TYR A 884 0.17 6.56 4.89
C TYR A 884 1.52 7.17 5.25
N MET A 885 1.68 7.68 6.46
CA MET A 885 2.94 8.29 6.85
C MET A 885 4.07 7.27 6.91
N MET A 886 3.77 6.03 7.31
CA MET A 886 4.82 5.01 7.33
C MET A 886 5.30 4.68 5.91
N LEU A 887 4.37 4.54 4.96
CA LEU A 887 4.75 4.28 3.59
C LEU A 887 5.54 5.45 3.02
N VAL A 888 5.13 6.68 3.36
CA VAL A 888 5.90 7.85 2.95
C VAL A 888 7.29 7.86 3.54
N THR A 889 7.46 7.43 4.80
CA THR A 889 8.79 7.29 5.37
C THR A 889 9.65 6.28 4.63
N ILE A 890 9.09 5.11 4.30
CA ILE A 890 9.85 4.14 3.52
C ILE A 890 10.26 4.66 2.16
N PHE A 891 9.33 5.28 1.42
CA PHE A 891 9.70 5.83 0.12
C PHE A 891 10.62 7.03 0.23
N LYS A 892 10.56 7.79 1.33
CA LYS A 892 11.55 8.82 1.59
C LYS A 892 12.94 8.23 1.72
N LYS A 893 13.07 7.14 2.47
CA LYS A 893 14.37 6.49 2.60
C LYS A 893 14.85 5.92 1.27
N ILE A 894 13.95 5.35 0.47
CA ILE A 894 14.34 4.88 -0.85
C ILE A 894 14.74 6.02 -1.79
N PHE A 895 14.09 7.18 -1.69
CA PHE A 895 14.38 8.32 -2.55
C PHE A 895 15.68 9.02 -2.18
N VAL A 896 15.95 9.19 -0.88
CA VAL A 896 17.18 9.84 -0.44
C VAL A 896 18.37 8.97 -0.83
N SER A 897 18.22 7.65 -0.71
CA SER A 897 19.33 6.75 -0.93
C SER A 897 19.46 6.34 -2.39
N LYS A 898 18.79 7.02 -3.31
CA LYS A 898 18.93 6.70 -4.73
C LYS A 898 19.40 7.94 -5.50
N TYR A 899 18.89 9.11 -5.13
CA TYR A 899 19.23 10.34 -5.84
C TYR A 899 20.22 11.17 -5.04
N GLY A 900 19.92 11.45 -3.78
CA GLY A 900 20.89 12.13 -2.93
C GLY A 900 20.32 13.20 -2.04
N GLU A 901 19.25 13.87 -2.48
CA GLU A 901 18.63 14.92 -1.67
C GLU A 901 17.12 14.83 -1.86
N LEU A 902 16.43 14.44 -0.78
CA LEU A 902 14.99 14.73 -0.62
C LEU A 902 14.81 16.20 -0.24
N LEU A 903 14.67 17.07 -1.23
CA LEU A 903 14.47 18.49 -0.95
C LEU A 903 12.98 18.84 -0.99
N PHE B 22 -38.45 -57.24 -14.56
CA PHE B 22 -39.58 -56.93 -13.71
C PHE B 22 -40.50 -58.14 -13.55
N ALA B 23 -39.92 -59.30 -13.27
CA ALA B 23 -40.69 -60.53 -13.10
C ALA B 23 -41.21 -60.56 -11.66
N LYS B 24 -42.47 -60.18 -11.49
CA LYS B 24 -43.08 -60.14 -10.17
C LYS B 24 -43.88 -61.41 -9.90
N THR B 25 -44.27 -61.58 -8.64
CA THR B 25 -45.06 -62.73 -8.23
C THR B 25 -46.54 -62.35 -8.17
N SER B 26 -47.13 -62.24 -9.35
CA SER B 26 -48.52 -61.84 -9.50
C SER B 26 -49.41 -62.98 -9.99
N THR B 27 -48.90 -64.21 -10.02
CA THR B 27 -49.68 -65.36 -10.44
C THR B 27 -50.53 -65.87 -9.27
N LYS B 28 -51.61 -65.13 -9.00
CA LYS B 28 -52.48 -65.44 -7.89
C LYS B 28 -53.58 -66.39 -8.32
N GLU B 29 -53.82 -67.42 -7.47
CA GLU B 29 -54.82 -68.46 -7.67
C GLU B 29 -54.38 -69.42 -8.79
N GLU B 30 -53.28 -69.08 -9.46
CA GLU B 30 -52.64 -69.97 -10.41
C GLU B 30 -51.52 -70.77 -9.74
N LEU B 31 -50.79 -70.13 -8.83
CA LEU B 31 -49.72 -70.78 -8.09
C LEU B 31 -50.21 -71.42 -6.79
N PHE B 32 -51.45 -71.17 -6.41
CA PHE B 32 -52.05 -71.83 -5.26
C PHE B 32 -52.80 -73.07 -5.69
N GLN B 33 -52.73 -74.11 -4.86
CA GLN B 33 -53.40 -75.39 -5.09
C GLN B 33 -52.78 -76.13 -6.27
N LYS B 34 -51.79 -75.51 -6.93
CA LYS B 34 -51.09 -76.13 -8.04
C LYS B 34 -49.71 -75.47 -8.15
N PHE B 35 -48.70 -76.30 -8.39
CA PHE B 35 -47.31 -75.85 -8.35
C PHE B 35 -46.96 -74.86 -9.46
N LYS B 36 -47.75 -74.80 -10.54
CA LYS B 36 -47.56 -73.90 -11.66
C LYS B 36 -46.33 -74.29 -12.47
N THR B 37 -45.57 -75.27 -11.98
CA THR B 37 -44.40 -75.80 -12.67
C THR B 37 -44.36 -77.31 -12.40
N SER B 38 -43.26 -77.94 -12.79
CA SER B 38 -43.10 -79.37 -12.55
C SER B 38 -42.79 -79.63 -11.09
N ASN B 39 -43.38 -80.70 -10.56
CA ASN B 39 -43.21 -81.08 -9.16
C ASN B 39 -41.94 -81.91 -9.02
N LYS B 40 -40.82 -81.19 -8.85
CA LYS B 40 -39.49 -81.75 -8.58
C LYS B 40 -38.93 -82.46 -9.81
N GLY B 41 -39.74 -82.66 -10.83
CA GLY B 41 -39.29 -83.27 -12.07
C GLY B 41 -38.87 -82.24 -13.10
N LEU B 42 -38.05 -81.28 -12.69
CA LEU B 42 -37.66 -80.20 -13.58
C LEU B 42 -36.84 -80.74 -14.76
N SER B 43 -37.33 -80.46 -15.97
CA SER B 43 -36.64 -80.90 -17.17
C SER B 43 -35.30 -80.19 -17.31
N GLU B 44 -34.32 -80.90 -17.87
CA GLU B 44 -33.00 -80.32 -18.07
C GLU B 44 -33.06 -79.11 -18.99
N GLU B 45 -33.82 -79.22 -20.10
CA GLU B 45 -34.01 -78.07 -20.97
C GLU B 45 -34.72 -76.94 -20.26
N GLN B 46 -35.74 -77.25 -19.46
CA GLN B 46 -36.44 -76.21 -18.72
C GLN B 46 -35.55 -75.64 -17.61
N VAL B 47 -34.71 -76.48 -17.01
CA VAL B 47 -33.75 -75.98 -16.02
C VAL B 47 -32.79 -74.99 -16.67
N GLU B 48 -32.27 -75.32 -17.85
CA GLU B 48 -31.38 -74.42 -18.56
C GLU B 48 -32.09 -73.13 -18.94
N ILE B 49 -33.34 -73.23 -19.39
CA ILE B 49 -34.10 -72.04 -19.76
C ILE B 49 -34.30 -71.14 -18.53
N SER B 50 -34.63 -71.74 -17.39
CA SER B 50 -34.83 -70.95 -16.17
C SER B 50 -33.54 -70.28 -15.73
N ARG B 51 -32.42 -71.00 -15.77
CA ARG B 51 -31.16 -70.41 -15.32
C ARG B 51 -30.61 -69.41 -16.32
N GLU B 52 -31.07 -69.45 -17.57
CA GLU B 52 -30.69 -68.43 -18.54
C GLU B 52 -31.54 -67.17 -18.35
N GLN B 53 -32.86 -67.33 -18.29
CA GLN B 53 -33.75 -66.17 -18.22
C GLN B 53 -33.78 -65.51 -16.86
N TYR B 54 -33.45 -66.24 -15.78
CA TYR B 54 -33.59 -65.69 -14.44
C TYR B 54 -32.33 -65.86 -13.61
N GLY B 55 -31.59 -66.93 -13.83
CA GLY B 55 -30.36 -67.18 -13.12
C GLY B 55 -30.56 -67.93 -11.80
N ASP B 56 -29.44 -68.31 -11.20
CA ASP B 56 -29.45 -69.05 -9.94
C ASP B 56 -29.49 -68.11 -8.75
N ASN B 57 -29.52 -68.72 -7.55
CA ASN B 57 -29.48 -67.95 -6.31
C ASN B 57 -28.04 -67.97 -5.78
N THR B 58 -27.32 -66.89 -6.09
CA THR B 58 -25.96 -66.71 -5.63
C THR B 58 -25.72 -65.24 -5.33
N ILE B 59 -24.77 -64.98 -4.43
CA ILE B 59 -24.43 -63.63 -4.03
C ILE B 59 -22.94 -63.41 -4.31
N THR B 60 -22.63 -62.35 -5.05
CA THR B 60 -21.26 -62.07 -5.47
C THR B 60 -20.67 -60.93 -4.64
N ARG B 61 -19.42 -61.12 -4.22
CA ARG B 61 -18.70 -60.13 -3.43
C ARG B 61 -17.23 -60.16 -3.81
N GLY B 62 -16.52 -59.08 -3.50
CA GLY B 62 -15.12 -58.99 -3.85
C GLY B 62 -14.42 -57.93 -3.04
N LYS B 63 -13.10 -57.86 -3.23
CA LYS B 63 -12.26 -56.90 -2.53
C LYS B 63 -11.29 -56.28 -3.53
N LYS B 64 -10.48 -55.34 -3.06
CA LYS B 64 -9.49 -54.68 -3.89
C LYS B 64 -8.23 -54.41 -3.07
N SER B 65 -7.08 -54.43 -3.75
CA SER B 65 -5.81 -54.14 -3.11
C SER B 65 -4.96 -53.15 -3.89
N SER B 66 -5.46 -52.65 -5.02
CA SER B 66 -4.75 -51.65 -5.82
C SER B 66 -5.26 -50.25 -5.53
N LEU B 67 -5.57 -49.98 -4.26
CA LEU B 67 -6.08 -48.67 -3.88
C LEU B 67 -5.08 -47.56 -4.18
N ILE B 68 -3.80 -47.91 -4.32
CA ILE B 68 -2.78 -46.90 -4.58
C ILE B 68 -3.07 -46.17 -5.89
N LYS B 69 -3.45 -46.92 -6.93
CA LYS B 69 -3.69 -46.32 -8.23
C LYS B 69 -4.82 -45.30 -8.17
N ARG B 70 -5.91 -45.66 -7.50
CA ARG B 70 -7.08 -44.78 -7.44
C ARG B 70 -7.03 -43.79 -6.30
N LEU B 71 -5.96 -43.81 -5.49
CA LEU B 71 -5.82 -42.83 -4.42
C LEU B 71 -4.66 -41.85 -4.63
N TYR B 72 -3.70 -42.16 -5.49
CA TYR B 72 -2.63 -41.20 -5.76
C TYR B 72 -3.17 -39.95 -6.44
N GLN B 73 -3.92 -40.12 -7.54
CA GLN B 73 -4.27 -38.99 -8.38
C GLN B 73 -5.34 -38.12 -7.71
N ALA B 74 -5.02 -36.84 -7.53
CA ALA B 74 -5.90 -35.87 -6.90
C ALA B 74 -5.20 -34.52 -6.80
N PHE B 75 -4.54 -34.30 -5.67
CA PHE B 75 -3.65 -33.16 -5.45
C PHE B 75 -2.19 -33.56 -5.62
N ILE B 76 -1.91 -34.83 -5.89
CA ILE B 76 -0.55 -35.26 -6.17
C ILE B 76 -0.09 -34.73 -7.52
N ASN B 77 -0.99 -34.68 -8.50
CA ASN B 77 -0.61 -34.27 -9.84
C ASN B 77 0.03 -32.89 -9.91
N PRO B 78 -0.43 -31.85 -9.20
CA PRO B 78 0.31 -30.58 -9.21
C PRO B 78 1.60 -30.64 -8.41
N PHE B 79 1.95 -31.82 -7.90
CA PHE B 79 3.28 -32.08 -7.37
C PHE B 79 4.16 -32.87 -8.31
N THR B 80 3.62 -33.91 -8.95
CA THR B 80 4.41 -34.63 -9.93
C THR B 80 4.66 -33.77 -11.17
N ILE B 81 3.78 -32.81 -11.46
CA ILE B 81 4.04 -31.89 -12.56
C ILE B 81 5.21 -30.96 -12.22
N ILE B 82 5.22 -30.45 -10.99
CA ILE B 82 6.35 -29.64 -10.54
C ILE B 82 7.62 -30.47 -10.53
N LEU B 83 7.52 -31.74 -10.13
CA LEU B 83 8.66 -32.64 -10.16
C LEU B 83 9.19 -32.80 -11.58
N PHE B 84 8.29 -33.04 -12.54
CA PHE B 84 8.70 -33.23 -13.93
C PHE B 84 9.32 -31.97 -14.51
N VAL B 85 8.77 -30.80 -14.19
CA VAL B 85 9.33 -29.55 -14.69
C VAL B 85 10.69 -29.26 -14.06
N LEU B 86 10.81 -29.41 -12.75
CA LEU B 86 12.01 -29.07 -12.02
C LEU B 86 13.11 -30.11 -12.16
N ALA B 87 12.79 -31.31 -12.60
CA ALA B 87 13.81 -32.28 -12.98
C ALA B 87 14.21 -32.14 -14.44
N LEU B 88 13.27 -31.77 -15.31
CA LEU B 88 13.65 -31.41 -16.67
C LEU B 88 14.54 -30.18 -16.69
N VAL B 89 14.37 -29.30 -15.70
CA VAL B 89 15.31 -28.18 -15.57
C VAL B 89 16.71 -28.70 -15.28
N SER B 90 16.84 -29.66 -14.37
CA SER B 90 18.14 -30.25 -14.09
C SER B 90 18.71 -30.95 -15.30
N ALA B 91 17.88 -31.66 -16.05
CA ALA B 91 18.33 -32.29 -17.29
C ALA B 91 18.82 -31.25 -18.29
N PHE B 92 18.09 -30.13 -18.39
CA PHE B 92 18.48 -29.07 -19.33
C PHE B 92 19.82 -28.46 -18.95
N THR B 93 20.03 -28.18 -17.66
CA THR B 93 21.34 -27.70 -17.26
C THR B 93 22.37 -28.82 -17.17
N ASP B 94 21.94 -30.07 -17.20
CA ASP B 94 22.86 -31.18 -17.39
C ASP B 94 23.21 -31.31 -18.88
N ILE B 95 24.11 -32.26 -19.16
CA ILE B 95 24.61 -32.54 -20.51
C ILE B 95 25.39 -31.34 -21.04
N ILE B 96 25.30 -30.21 -20.35
CA ILE B 96 26.01 -28.99 -20.72
C ILE B 96 26.90 -28.56 -19.57
N LEU B 97 26.30 -28.30 -18.41
CA LEU B 97 27.03 -27.90 -17.22
C LEU B 97 27.04 -29.02 -16.20
N ALA B 98 27.94 -28.88 -15.22
CA ALA B 98 28.11 -29.90 -14.19
C ALA B 98 27.66 -29.43 -12.82
N ALA B 99 28.23 -28.33 -12.32
CA ALA B 99 27.84 -27.80 -11.02
C ALA B 99 26.39 -27.33 -11.03
N PRO B 100 25.95 -26.51 -12.00
CA PRO B 100 24.52 -26.16 -12.04
C PRO B 100 23.61 -27.34 -12.28
N GLY B 101 24.07 -28.36 -13.00
CA GLY B 101 23.28 -29.53 -13.27
C GLY B 101 23.26 -30.56 -12.17
N GLU B 102 24.10 -30.43 -11.15
CA GLU B 102 24.06 -31.31 -10.01
C GLU B 102 23.70 -30.56 -8.72
N LYS B 103 23.55 -29.23 -8.77
CA LYS B 103 23.08 -28.49 -7.62
C LYS B 103 21.57 -28.42 -7.53
N ASN B 104 20.86 -28.98 -8.49
CA ASN B 104 19.40 -29.00 -8.51
C ASN B 104 18.77 -30.03 -7.56
N PRO B 105 19.33 -31.26 -7.41
CA PRO B 105 18.64 -32.29 -6.62
C PRO B 105 18.13 -31.86 -5.25
N GLN B 106 18.66 -30.79 -4.66
CA GLN B 106 18.08 -30.20 -3.46
C GLN B 106 16.65 -29.73 -3.76
N GLY B 107 16.25 -29.88 -5.02
CA GLY B 107 14.91 -29.70 -5.53
C GLY B 107 14.23 -31.05 -5.64
N LEU B 108 14.45 -31.73 -6.77
CA LEU B 108 13.89 -33.05 -7.08
C LEU B 108 13.72 -33.95 -5.87
N ILE B 109 14.72 -34.03 -4.97
CA ILE B 109 14.59 -34.92 -3.82
C ILE B 109 13.47 -34.43 -2.90
N ILE B 110 13.47 -33.13 -2.59
CA ILE B 110 12.43 -32.59 -1.71
C ILE B 110 11.06 -32.74 -2.33
N ILE B 111 10.94 -32.42 -3.61
CA ILE B 111 9.63 -32.48 -4.26
C ILE B 111 9.16 -33.93 -4.35
N THR B 112 10.07 -34.87 -4.58
CA THR B 112 9.69 -36.27 -4.67
C THR B 112 9.25 -36.82 -3.31
N THR B 113 9.98 -36.50 -2.25
CA THR B 113 9.52 -36.95 -0.94
C THR B 113 8.22 -36.28 -0.54
N MET B 114 7.98 -35.04 -0.99
CA MET B 114 6.68 -34.42 -0.78
C MET B 114 5.57 -35.14 -1.54
N VAL B 115 5.85 -35.56 -2.78
CA VAL B 115 4.88 -36.35 -3.54
C VAL B 115 4.54 -37.62 -2.80
N LEU B 116 5.57 -38.33 -2.32
CA LEU B 116 5.33 -39.58 -1.60
C LEU B 116 4.53 -39.35 -0.33
N ILE B 117 4.88 -38.30 0.42
CA ILE B 117 4.17 -38.03 1.68
C ILE B 117 2.71 -37.71 1.40
N SER B 118 2.45 -36.85 0.42
CA SER B 118 1.08 -36.45 0.12
C SER B 118 0.26 -37.63 -0.37
N GLY B 119 0.86 -38.47 -1.23
CA GLY B 119 0.16 -39.64 -1.70
C GLY B 119 -0.15 -40.64 -0.59
N ILE B 120 0.83 -40.89 0.28
CA ILE B 120 0.61 -41.81 1.39
C ILE B 120 -0.48 -41.27 2.31
N LEU B 121 -0.52 -39.95 2.51
CA LEU B 121 -1.53 -39.39 3.38
C LEU B 121 -2.93 -39.48 2.75
N ARG B 122 -3.03 -39.21 1.46
CA ARG B 122 -4.31 -39.39 0.79
C ARG B 122 -4.72 -40.86 0.82
N PHE B 123 -3.74 -41.76 0.84
CA PHE B 123 -4.04 -43.17 1.00
C PHE B 123 -4.63 -43.47 2.38
N VAL B 124 -3.97 -42.98 3.44
CA VAL B 124 -4.40 -43.37 4.78
C VAL B 124 -5.75 -42.74 5.11
N GLN B 125 -6.05 -41.57 4.52
CA GLN B 125 -7.36 -40.96 4.77
C GLN B 125 -8.51 -41.86 4.33
N GLU B 126 -8.25 -42.81 3.45
CA GLU B 126 -9.28 -43.77 3.04
C GLU B 126 -8.96 -45.22 3.42
N THR B 127 -7.75 -45.53 3.86
CA THR B 127 -7.38 -46.92 4.15
C THR B 127 -8.16 -47.50 5.31
N ARG B 128 -8.59 -46.65 6.25
CA ARG B 128 -9.33 -47.15 7.40
C ARG B 128 -10.66 -47.77 6.98
N SER B 129 -11.37 -47.15 6.04
CA SER B 129 -12.61 -47.72 5.54
C SER B 129 -12.37 -49.06 4.85
N GLY B 130 -11.32 -49.14 4.02
CA GLY B 130 -11.06 -50.37 3.29
C GLY B 130 -10.68 -51.52 4.21
N ASN B 131 -9.80 -51.26 5.18
CA ASN B 131 -9.32 -52.33 6.04
C ASN B 131 -10.22 -52.60 7.24
N ALA B 132 -11.20 -51.73 7.50
CA ALA B 132 -12.13 -51.91 8.61
C ALA B 132 -13.50 -52.41 8.17
N ALA B 133 -13.67 -52.74 6.89
CA ALA B 133 -14.93 -53.22 6.34
C ALA B 133 -14.84 -54.74 6.21
N GLU B 134 -15.63 -55.45 7.00
CA GLU B 134 -15.65 -56.92 7.02
C GLU B 134 -17.07 -57.43 6.93
N ASN B 135 -17.82 -56.91 5.96
CA ASN B 135 -19.22 -57.29 5.76
C ASN B 135 -19.37 -58.56 4.94
N LEU B 136 -18.33 -59.39 4.86
CA LEU B 136 -18.35 -60.60 4.03
C LEU B 136 -18.39 -61.89 4.83
N LEU B 137 -18.03 -61.86 6.12
CA LEU B 137 -17.92 -63.07 6.92
C LEU B 137 -19.24 -63.82 7.06
N LYS B 138 -20.33 -63.07 7.10
CA LYS B 138 -21.67 -63.58 7.34
C LYS B 138 -22.21 -64.18 6.02
N MET B 139 -23.48 -64.52 5.97
CA MET B 139 -24.22 -65.11 4.84
C MET B 139 -23.46 -66.31 4.26
N ILE B 140 -23.59 -66.55 2.95
CA ILE B 140 -23.16 -67.75 2.24
C ILE B 140 -23.56 -69.00 3.03
N THR B 141 -24.78 -68.98 3.57
CA THR B 141 -25.27 -70.10 4.37
C THR B 141 -25.48 -71.34 3.52
N THR B 142 -25.23 -72.50 4.12
CA THR B 142 -25.38 -73.80 3.49
C THR B 142 -26.05 -74.77 4.46
N THR B 143 -26.07 -76.05 4.10
CA THR B 143 -26.59 -77.13 4.94
C THR B 143 -28.05 -76.86 5.34
N THR B 144 -28.91 -76.82 4.32
CA THR B 144 -30.33 -76.52 4.52
C THR B 144 -31.12 -77.82 4.63
N ASN B 145 -31.99 -77.89 5.64
CA ASN B 145 -32.83 -79.06 5.87
C ASN B 145 -34.05 -78.97 4.96
N VAL B 146 -34.02 -79.69 3.83
CA VAL B 146 -35.03 -79.57 2.80
C VAL B 146 -35.51 -80.96 2.39
N HIS B 147 -36.73 -81.01 1.86
CA HIS B 147 -37.25 -82.21 1.18
C HIS B 147 -36.69 -82.25 -0.23
N ARG B 148 -35.95 -83.31 -0.54
CA ARG B 148 -35.42 -83.55 -1.88
C ARG B 148 -35.90 -84.90 -2.35
N LEU B 149 -35.95 -85.06 -3.67
CA LEU B 149 -36.33 -86.34 -4.27
C LEU B 149 -35.32 -87.43 -3.95
N GLU B 150 -34.09 -87.06 -3.55
CA GLU B 150 -33.06 -88.06 -3.30
C GLU B 150 -33.41 -88.94 -2.10
N SER B 151 -33.57 -88.32 -0.92
CA SER B 151 -33.83 -89.10 0.28
C SER B 151 -34.87 -88.46 1.19
N GLY B 152 -35.73 -87.60 0.68
CA GLY B 152 -36.73 -86.96 1.53
C GLY B 152 -36.14 -85.81 2.30
N SER B 153 -36.40 -85.77 3.60
CA SER B 153 -35.88 -84.71 4.45
C SER B 153 -34.39 -84.94 4.70
N GLN B 154 -33.56 -84.02 4.23
CA GLN B 154 -32.12 -84.19 4.38
C GLN B 154 -31.44 -82.83 4.35
N GLU B 155 -30.18 -82.81 4.80
CA GLU B 155 -29.33 -81.64 4.70
C GLU B 155 -28.76 -81.57 3.29
N ILE B 156 -29.00 -80.46 2.60
CA ILE B 156 -28.58 -80.31 1.21
C ILE B 156 -27.85 -78.98 1.08
N PRO B 157 -26.81 -78.90 0.23
CA PRO B 157 -26.15 -77.62 0.01
C PRO B 157 -27.07 -76.62 -0.67
N ILE B 158 -26.77 -75.33 -0.47
CA ILE B 158 -27.66 -74.26 -0.91
C ILE B 158 -27.75 -74.21 -2.43
N GLU B 159 -26.70 -74.63 -3.15
CA GLU B 159 -26.74 -74.51 -4.60
C GLU B 159 -27.64 -75.55 -5.25
N GLU B 160 -28.34 -76.38 -4.48
CA GLU B 160 -29.26 -77.36 -5.01
C GLU B 160 -30.71 -76.91 -4.93
N VAL B 161 -30.97 -75.74 -4.37
CA VAL B 161 -32.31 -75.17 -4.32
C VAL B 161 -32.41 -74.08 -5.38
N LEU B 162 -33.45 -74.13 -6.20
CA LEU B 162 -33.61 -73.28 -7.36
C LEU B 162 -35.04 -72.77 -7.42
N VAL B 163 -35.33 -71.97 -8.44
CA VAL B 163 -36.70 -71.49 -8.66
C VAL B 163 -37.58 -72.67 -9.04
N GLY B 164 -38.70 -72.81 -8.35
CA GLY B 164 -39.59 -73.93 -8.56
C GLY B 164 -39.31 -75.12 -7.68
N ASP B 165 -38.22 -75.09 -6.91
CA ASP B 165 -37.89 -76.20 -6.02
C ASP B 165 -38.81 -76.20 -4.81
N ILE B 166 -39.07 -77.40 -4.29
CA ILE B 166 -39.91 -77.59 -3.12
C ILE B 166 -39.02 -77.53 -1.88
N ILE B 167 -39.22 -76.50 -1.06
CA ILE B 167 -38.41 -76.26 0.13
C ILE B 167 -39.28 -76.36 1.36
N HIS B 168 -38.73 -76.94 2.43
CA HIS B 168 -39.44 -77.11 3.68
C HIS B 168 -38.70 -76.37 4.79
N LEU B 169 -39.45 -75.69 5.65
CA LEU B 169 -38.94 -75.00 6.81
C LEU B 169 -39.31 -75.79 8.05
N SER B 170 -38.30 -76.14 8.85
CA SER B 170 -38.51 -77.03 9.99
C SER B 170 -38.01 -76.41 11.29
N ALA B 171 -37.94 -77.20 12.35
CA ALA B 171 -37.47 -76.71 13.63
C ALA B 171 -35.95 -76.55 13.60
N GLY B 172 -35.49 -75.31 13.54
CA GLY B 172 -34.08 -74.98 13.61
C GLY B 172 -33.42 -74.67 12.28
N ASP B 173 -34.06 -75.00 11.16
CA ASP B 173 -33.46 -74.75 9.86
C ASP B 173 -33.70 -73.30 9.43
N MET B 174 -32.89 -72.84 8.48
CA MET B 174 -32.95 -71.48 8.00
C MET B 174 -33.39 -71.46 6.54
N VAL B 175 -34.22 -70.49 6.19
CA VAL B 175 -34.74 -70.36 4.83
C VAL B 175 -33.64 -69.79 3.94
N PRO B 176 -33.24 -70.49 2.87
CA PRO B 176 -32.18 -69.98 1.99
C PRO B 176 -32.65 -69.11 0.85
N ALA B 177 -33.94 -69.11 0.51
CA ALA B 177 -34.46 -68.29 -0.57
C ALA B 177 -35.95 -68.10 -0.35
N ASP B 178 -36.49 -67.04 -0.96
CA ASP B 178 -37.90 -66.71 -0.77
C ASP B 178 -38.78 -67.84 -1.30
N LEU B 179 -39.93 -68.02 -0.65
CA LEU B 179 -40.77 -69.18 -0.91
C LEU B 179 -42.22 -68.75 -1.05
N ARG B 180 -42.96 -69.46 -1.89
CA ARG B 180 -44.41 -69.37 -1.91
C ARG B 180 -44.98 -70.51 -1.07
N ILE B 181 -45.29 -70.20 0.19
CA ILE B 181 -45.65 -71.23 1.15
C ILE B 181 -47.00 -71.82 0.80
N ILE B 182 -47.07 -73.15 0.78
CA ILE B 182 -48.31 -73.86 0.45
C ILE B 182 -48.92 -74.56 1.65
N GLN B 183 -48.20 -74.68 2.76
CA GLN B 183 -48.74 -75.30 3.96
C GLN B 183 -48.17 -74.57 5.17
N ALA B 184 -49.04 -74.23 6.12
CA ALA B 184 -48.62 -73.54 7.34
C ALA B 184 -49.40 -74.09 8.51
N LYS B 185 -48.76 -74.07 9.69
CA LYS B 185 -49.40 -74.55 10.91
C LYS B 185 -48.85 -73.73 12.07
N ASP B 186 -49.54 -72.63 12.40
CA ASP B 186 -49.18 -71.75 13.51
C ASP B 186 -47.71 -71.36 13.47
N LEU B 187 -47.27 -70.93 12.28
CA LEU B 187 -45.87 -70.63 12.03
C LEU B 187 -45.59 -69.18 12.41
N PHE B 188 -44.55 -68.98 13.23
CA PHE B 188 -44.11 -67.65 13.62
C PHE B 188 -42.65 -67.46 13.24
N ILE B 189 -42.33 -66.28 12.72
CA ILE B 189 -40.99 -65.96 12.23
C ILE B 189 -40.58 -64.60 12.78
N SER B 190 -39.35 -64.49 13.26
CA SER B 190 -38.80 -63.22 13.72
C SER B 190 -38.14 -62.54 12.55
N GLN B 191 -38.70 -61.40 12.12
CA GLN B 191 -38.24 -60.69 10.94
C GLN B 191 -37.38 -59.48 11.29
N ALA B 192 -36.58 -59.57 12.36
CA ALA B 192 -35.67 -58.48 12.71
C ALA B 192 -34.57 -58.30 11.68
N SER B 193 -34.31 -59.32 10.85
CA SER B 193 -33.26 -59.20 9.85
C SER B 193 -33.62 -58.19 8.77
N LEU B 194 -34.90 -58.08 8.43
CA LEU B 194 -35.35 -57.15 7.39
C LEU B 194 -36.21 -56.02 7.91
N THR B 195 -37.08 -56.27 8.90
CA THR B 195 -37.91 -55.22 9.47
C THR B 195 -37.35 -54.64 10.76
N GLY B 196 -36.32 -55.26 11.33
CA GLY B 196 -35.72 -54.78 12.56
C GLY B 196 -36.49 -55.12 13.82
N GLU B 197 -37.59 -55.86 13.72
CA GLU B 197 -38.44 -56.18 14.85
C GLU B 197 -38.15 -57.60 15.31
N SER B 198 -37.69 -57.73 16.56
CA SER B 198 -37.42 -59.04 17.13
C SER B 198 -38.69 -59.79 17.53
N GLU B 199 -39.82 -59.10 17.62
CA GLU B 199 -41.07 -59.76 17.97
C GLU B 199 -41.52 -60.67 16.83
N PRO B 200 -41.81 -61.94 17.09
CA PRO B 200 -42.24 -62.82 16.00
C PRO B 200 -43.56 -62.37 15.40
N VAL B 201 -43.70 -62.62 14.10
CA VAL B 201 -44.92 -62.33 13.36
C VAL B 201 -45.38 -63.61 12.69
N GLU B 202 -46.69 -63.83 12.65
CA GLU B 202 -47.22 -65.05 12.08
C GLU B 202 -47.08 -65.05 10.56
N LYS B 203 -46.73 -66.20 10.01
CA LYS B 203 -46.57 -66.40 8.57
C LYS B 203 -47.42 -67.59 8.16
N LEU B 204 -48.28 -67.39 7.16
CA LEU B 204 -49.28 -68.37 6.79
C LEU B 204 -49.21 -68.64 5.29
N ASP B 205 -49.77 -69.80 4.90
CA ASP B 205 -49.74 -70.27 3.53
C ASP B 205 -50.89 -69.74 2.68
N LEU B 206 -51.88 -69.10 3.29
CA LEU B 206 -53.03 -68.64 2.52
C LEU B 206 -52.64 -67.49 1.60
N ALA B 207 -53.39 -67.38 0.50
CA ALA B 207 -53.17 -66.28 -0.44
C ALA B 207 -53.58 -64.97 0.18
N THR B 208 -52.73 -63.95 0.03
CA THR B 208 -53.01 -62.64 0.60
C THR B 208 -53.95 -61.85 -0.31
N ALA B 209 -54.12 -60.57 0.00
CA ALA B 209 -55.01 -59.72 -0.78
C ALA B 209 -54.48 -59.53 -2.19
N ALA B 210 -55.42 -59.39 -3.14
CA ALA B 210 -55.04 -59.26 -4.54
C ALA B 210 -54.20 -58.01 -4.77
N ALA B 211 -54.58 -56.89 -4.16
CA ALA B 211 -53.78 -55.68 -4.22
C ALA B 211 -52.54 -55.76 -3.35
N ALA B 212 -52.47 -56.73 -2.43
CA ALA B 212 -51.33 -56.96 -1.57
C ALA B 212 -50.97 -55.74 -0.73
N ALA B 213 -49.75 -55.71 -0.21
CA ALA B 213 -49.27 -54.62 0.63
C ALA B 213 -47.77 -54.52 0.43
N SER B 214 -47.09 -53.86 1.38
CA SER B 214 -45.64 -53.78 1.34
C SER B 214 -45.04 -55.19 1.42
N ILE B 215 -43.76 -55.28 1.01
CA ILE B 215 -43.11 -56.58 0.91
C ILE B 215 -42.96 -57.25 2.27
N THR B 216 -42.71 -56.48 3.33
CA THR B 216 -42.54 -57.07 4.66
C THR B 216 -43.83 -57.68 5.17
N GLU B 217 -44.98 -57.13 4.77
CA GLU B 217 -46.28 -57.63 5.18
C GLU B 217 -46.84 -58.68 4.22
N SER B 218 -46.07 -59.06 3.20
CA SER B 218 -46.49 -60.10 2.26
C SER B 218 -46.38 -61.44 2.97
N VAL B 219 -47.48 -61.85 3.61
CA VAL B 219 -47.49 -63.09 4.38
C VAL B 219 -47.31 -64.30 3.48
N ASN B 220 -47.78 -64.21 2.23
CA ASN B 220 -47.75 -65.34 1.31
C ASN B 220 -46.34 -65.71 0.85
N LEU B 221 -45.36 -64.82 1.03
CA LEU B 221 -44.00 -65.08 0.57
C LEU B 221 -43.01 -64.91 1.72
N ALA B 222 -42.00 -65.78 1.74
CA ALA B 222 -41.00 -65.81 2.79
C ALA B 222 -39.84 -64.86 2.46
N PHE B 223 -38.92 -64.74 3.40
CA PHE B 223 -37.79 -63.83 3.26
C PHE B 223 -36.51 -64.53 3.68
N MET B 224 -35.48 -64.39 2.85
CA MET B 224 -34.17 -64.96 3.16
C MET B 224 -33.60 -64.30 4.40
N GLY B 225 -32.92 -65.10 5.23
CA GLY B 225 -32.29 -64.60 6.43
C GLY B 225 -33.14 -64.64 7.67
N SER B 226 -34.41 -65.00 7.57
CA SER B 226 -35.30 -65.09 8.72
C SER B 226 -35.08 -66.41 9.43
N ASN B 227 -35.20 -66.38 10.76
CA ASN B 227 -34.91 -67.54 11.60
C ASN B 227 -36.21 -68.19 12.06
N VAL B 228 -36.27 -69.52 11.94
CA VAL B 228 -37.43 -70.28 12.39
C VAL B 228 -36.99 -71.21 13.53
N ILE B 229 -37.73 -71.15 14.63
CA ILE B 229 -37.39 -71.93 15.81
C ILE B 229 -38.18 -73.24 15.87
N SER B 230 -39.44 -73.22 15.43
CA SER B 230 -40.28 -74.41 15.50
C SER B 230 -41.30 -74.36 14.37
N GLY B 231 -41.91 -75.50 14.10
CA GLY B 231 -42.90 -75.63 13.07
C GLY B 231 -42.30 -75.95 11.71
N SER B 232 -43.13 -76.50 10.83
CA SER B 232 -42.73 -76.88 9.49
C SER B 232 -43.71 -76.32 8.48
N ALA B 233 -43.20 -76.03 7.29
CA ALA B 233 -44.00 -75.43 6.23
C ALA B 233 -43.40 -75.80 4.88
N TYR B 234 -44.27 -75.99 3.90
CA TYR B 234 -43.85 -76.33 2.54
C TYR B 234 -44.04 -75.11 1.65
N GLY B 235 -43.10 -74.93 0.71
CA GLY B 235 -43.20 -73.82 -0.21
C GLY B 235 -42.44 -74.11 -1.49
N VAL B 236 -42.66 -73.25 -2.48
CA VAL B 236 -41.99 -73.34 -3.77
C VAL B 236 -41.27 -72.03 -4.04
N VAL B 237 -39.99 -72.12 -4.43
CA VAL B 237 -39.20 -70.93 -4.71
C VAL B 237 -39.67 -70.32 -6.03
N ILE B 238 -39.96 -69.03 -6.01
CA ILE B 238 -40.45 -68.33 -7.19
C ILE B 238 -39.45 -67.26 -7.61
N ALA B 239 -38.66 -66.79 -6.66
CA ALA B 239 -37.73 -65.71 -6.93
C ALA B 239 -36.36 -66.04 -6.33
N THR B 240 -35.32 -65.71 -7.08
CA THR B 240 -33.93 -65.83 -6.67
C THR B 240 -33.15 -64.65 -7.24
N GLY B 241 -31.83 -64.72 -7.14
CA GLY B 241 -31.00 -63.70 -7.76
C GLY B 241 -31.22 -62.32 -7.18
N ASP B 242 -31.33 -61.33 -8.08
CA ASP B 242 -31.44 -59.94 -7.67
C ASP B 242 -32.82 -59.56 -7.14
N ALA B 243 -33.84 -60.37 -7.39
CA ALA B 243 -35.19 -60.08 -6.91
C ALA B 243 -35.35 -60.36 -5.44
N THR B 244 -34.44 -61.10 -4.83
CA THR B 244 -34.47 -61.29 -3.38
C THR B 244 -34.12 -59.98 -2.70
N ILE B 245 -34.96 -59.56 -1.75
CA ILE B 245 -34.66 -58.37 -0.98
C ILE B 245 -33.38 -58.56 -0.18
N PHE B 246 -33.23 -59.73 0.45
CA PHE B 246 -32.02 -60.02 1.21
C PHE B 246 -30.85 -60.23 0.27
N GLY B 247 -31.08 -60.90 -0.86
CA GLY B 247 -30.09 -60.91 -1.90
C GLY B 247 -29.73 -59.51 -2.34
N GLU B 248 -30.72 -58.62 -2.35
CA GLU B 248 -30.48 -57.22 -2.72
C GLU B 248 -29.57 -56.52 -1.73
N MET B 249 -29.82 -56.63 -0.42
CA MET B 249 -28.98 -55.85 0.49
C MET B 249 -27.59 -56.47 0.56
N ALA B 250 -27.50 -57.79 0.42
CA ALA B 250 -26.18 -58.42 0.35
C ALA B 250 -25.39 -57.96 -0.86
N LYS B 251 -26.05 -57.85 -2.02
CA LYS B 251 -25.34 -57.44 -3.23
C LYS B 251 -25.06 -55.94 -3.25
N SER B 252 -25.86 -55.15 -2.53
CA SER B 252 -25.66 -53.70 -2.54
C SER B 252 -24.47 -53.29 -1.67
N VAL B 253 -24.15 -54.08 -0.65
CA VAL B 253 -23.07 -53.72 0.28
C VAL B 253 -21.76 -54.25 -0.32
N THR B 254 -21.19 -53.47 -1.23
CA THR B 254 -19.88 -53.75 -1.80
C THR B 254 -19.01 -52.51 -1.69
N GLU B 255 -17.86 -52.50 -2.38
CA GLU B 255 -16.98 -51.35 -2.30
C GLU B 255 -17.45 -50.23 -3.22
N ASP B 256 -18.73 -49.86 -3.08
CA ASP B 256 -19.28 -48.71 -3.79
C ASP B 256 -19.25 -47.48 -2.89
N SER B 257 -18.07 -47.22 -2.35
CA SER B 257 -17.89 -46.09 -1.44
C SER B 257 -17.83 -44.80 -2.23
N THR B 258 -18.94 -44.06 -2.25
CA THR B 258 -18.99 -42.81 -2.99
C THR B 258 -18.09 -41.77 -2.33
N LYS B 259 -17.56 -40.88 -3.16
CA LYS B 259 -16.74 -39.78 -2.68
C LYS B 259 -17.58 -38.87 -1.79
N THR B 260 -17.22 -38.76 -0.53
CA THR B 260 -17.99 -37.96 0.41
C THR B 260 -17.79 -36.48 0.12
N THR B 261 -18.40 -35.64 0.96
CA THR B 261 -18.29 -34.20 0.78
C THR B 261 -16.85 -33.71 0.94
N PHE B 262 -16.13 -34.29 1.91
CA PHE B 262 -14.76 -33.83 2.16
C PHE B 262 -13.87 -34.03 0.96
N GLU B 263 -13.94 -35.21 0.34
CA GLU B 263 -13.07 -35.50 -0.80
C GLU B 263 -13.34 -34.55 -1.95
N LYS B 264 -14.62 -34.32 -2.26
CA LYS B 264 -14.96 -33.39 -3.31
C LYS B 264 -14.54 -31.96 -2.99
N GLY B 265 -14.68 -31.53 -1.74
CA GLY B 265 -14.23 -30.22 -1.34
C GLY B 265 -12.74 -30.03 -1.52
N VAL B 266 -11.96 -31.02 -1.07
CA VAL B 266 -10.51 -30.93 -1.21
C VAL B 266 -10.11 -30.94 -2.68
N ASN B 267 -10.77 -31.78 -3.49
CA ASN B 267 -10.49 -31.78 -4.92
C ASN B 267 -10.81 -30.44 -5.55
N SER B 268 -11.91 -29.81 -5.13
CA SER B 268 -12.26 -28.52 -5.71
C SER B 268 -11.29 -27.43 -5.30
N VAL B 269 -10.79 -27.48 -4.06
CA VAL B 269 -9.77 -26.53 -3.63
C VAL B 269 -8.49 -26.72 -4.44
N SER B 270 -8.07 -27.97 -4.62
CA SER B 270 -6.89 -28.23 -5.42
C SER B 270 -7.08 -27.75 -6.85
N TRP B 271 -8.30 -27.88 -7.38
CA TRP B 271 -8.55 -27.42 -8.73
C TRP B 271 -8.57 -25.90 -8.82
N VAL B 272 -8.99 -25.22 -7.75
CA VAL B 272 -8.86 -23.76 -7.72
C VAL B 272 -7.39 -23.36 -7.78
N LEU B 273 -6.55 -24.05 -6.99
CA LEU B 273 -5.12 -23.76 -7.04
C LEU B 273 -4.54 -24.05 -8.41
N ILE B 274 -4.99 -25.12 -9.06
CA ILE B 274 -4.49 -25.44 -10.39
C ILE B 274 -4.96 -24.42 -11.42
N ARG B 275 -6.19 -23.94 -11.30
CA ARG B 275 -6.71 -22.92 -12.20
C ARG B 275 -5.98 -21.60 -12.04
N PHE B 276 -5.51 -21.30 -10.84
CA PHE B 276 -4.66 -20.13 -10.64
C PHE B 276 -3.25 -20.35 -11.17
N MET B 277 -2.69 -21.54 -10.95
CA MET B 277 -1.33 -21.81 -11.38
C MET B 277 -1.21 -21.80 -12.90
N LEU B 278 -2.15 -22.41 -13.59
CA LEU B 278 -2.05 -22.49 -15.05
C LEU B 278 -2.45 -21.18 -15.73
N VAL B 279 -2.94 -20.20 -14.97
CA VAL B 279 -3.12 -18.85 -15.49
C VAL B 279 -1.93 -17.96 -15.19
N MET B 280 -1.32 -18.08 -14.01
CA MET B 280 -0.18 -17.26 -13.64
C MET B 280 1.14 -17.71 -14.27
N VAL B 281 1.37 -19.02 -14.36
CA VAL B 281 2.68 -19.51 -14.83
C VAL B 281 2.96 -19.13 -16.28
N PRO B 282 2.10 -19.43 -17.25
CA PRO B 282 2.42 -19.04 -18.63
C PRO B 282 2.59 -17.56 -18.81
N PHE B 283 1.88 -16.76 -18.02
CA PHE B 283 1.98 -15.31 -18.13
C PHE B 283 3.38 -14.83 -17.75
N VAL B 284 3.88 -15.29 -16.61
CA VAL B 284 5.22 -14.89 -16.19
C VAL B 284 6.28 -15.51 -17.11
N LEU B 285 6.02 -16.71 -17.63
CA LEU B 285 6.95 -17.30 -18.58
C LEU B 285 7.09 -16.42 -19.82
N LEU B 286 5.95 -15.98 -20.37
CA LEU B 286 5.99 -15.13 -21.55
C LEU B 286 6.66 -13.79 -21.24
N ILE B 287 6.35 -13.20 -20.08
CA ILE B 287 6.94 -11.92 -19.74
C ILE B 287 8.46 -12.04 -19.65
N ASN B 288 8.96 -13.03 -18.91
CA ASN B 288 10.39 -13.12 -18.69
C ASN B 288 11.13 -13.74 -19.86
N GLY B 289 10.42 -14.33 -20.82
CA GLY B 289 11.08 -14.78 -22.02
C GLY B 289 11.19 -13.68 -23.06
N PHE B 290 10.11 -12.92 -23.24
CA PHE B 290 10.13 -11.85 -24.23
C PHE B 290 10.91 -10.64 -23.75
N THR B 291 10.87 -10.34 -22.45
CA THR B 291 11.34 -9.06 -21.97
C THR B 291 12.86 -8.95 -21.94
N LYS B 292 13.51 -9.75 -21.11
CA LYS B 292 14.94 -9.53 -20.93
C LYS B 292 15.78 -10.79 -21.04
N GLY B 293 15.29 -11.91 -20.50
CA GLY B 293 16.19 -13.02 -20.23
C GLY B 293 16.13 -14.12 -21.26
N ASP B 294 17.11 -15.01 -21.17
CA ASP B 294 17.07 -16.25 -21.91
C ASP B 294 15.94 -17.12 -21.39
N TRP B 295 15.39 -17.96 -22.27
CA TRP B 295 14.23 -18.76 -21.90
C TRP B 295 14.54 -19.75 -20.79
N MET B 296 15.81 -20.03 -20.53
CA MET B 296 16.14 -20.78 -19.32
C MET B 296 15.80 -19.98 -18.08
N GLU B 297 16.11 -18.69 -18.08
CA GLU B 297 15.73 -17.83 -16.96
C GLU B 297 14.22 -17.74 -16.84
N ALA B 298 13.52 -17.69 -17.97
CA ALA B 298 12.06 -17.66 -17.93
C ALA B 298 11.50 -18.97 -17.37
N ALA B 299 12.09 -20.10 -17.74
CA ALA B 299 11.64 -21.37 -17.19
C ALA B 299 11.85 -21.44 -15.69
N LEU B 300 13.02 -20.99 -15.22
CA LEU B 300 13.25 -20.94 -13.78
C LEU B 300 12.26 -20.00 -13.10
N PHE B 301 11.97 -18.86 -13.73
CA PHE B 301 11.06 -17.88 -13.16
C PHE B 301 9.64 -18.44 -13.05
N ALA B 302 9.19 -19.17 -14.06
CA ALA B 302 7.87 -19.80 -14.02
C ALA B 302 7.83 -20.96 -13.04
N LEU B 303 8.93 -21.72 -12.92
CA LEU B 303 9.00 -22.76 -11.91
C LEU B 303 8.87 -22.17 -10.51
N ALA B 304 9.46 -20.99 -10.29
CA ALA B 304 9.35 -20.34 -9.00
C ALA B 304 7.89 -20.05 -8.66
N VAL B 305 7.14 -19.49 -9.62
CA VAL B 305 5.71 -19.21 -9.39
C VAL B 305 4.86 -20.46 -9.30
N ALA B 306 5.28 -21.55 -9.95
CA ALA B 306 4.55 -22.81 -9.79
C ALA B 306 4.78 -23.41 -8.41
N VAL B 307 6.02 -23.32 -7.90
CA VAL B 307 6.32 -23.85 -6.57
C VAL B 307 5.66 -23.00 -5.49
N GLY B 308 5.74 -21.68 -5.61
CA GLY B 308 5.25 -20.83 -4.54
C GLY B 308 3.75 -20.90 -4.38
N LEU B 309 3.01 -20.98 -5.48
CA LEU B 309 1.56 -20.97 -5.40
C LEU B 309 1.04 -22.18 -4.65
N THR B 310 1.61 -23.35 -4.88
CA THR B 310 1.08 -24.57 -4.31
C THR B 310 1.59 -24.75 -2.89
N PRO B 311 0.72 -24.75 -1.87
CA PRO B 311 1.17 -25.09 -0.52
C PRO B 311 1.54 -26.56 -0.45
N GLU B 312 2.83 -26.84 -0.26
CA GLU B 312 3.31 -28.20 -0.41
C GLU B 312 2.81 -29.12 0.70
N MET B 313 2.69 -28.61 1.92
CA MET B 313 2.31 -29.44 3.06
C MET B 313 0.83 -29.34 3.39
N LEU B 314 0.01 -28.88 2.45
CA LEU B 314 -1.44 -28.84 2.70
C LEU B 314 -2.02 -30.22 3.02
N PRO B 315 -1.69 -31.30 2.30
CA PRO B 315 -2.23 -32.60 2.70
C PRO B 315 -1.84 -33.00 4.12
N MET B 316 -0.64 -32.65 4.55
CA MET B 316 -0.25 -32.96 5.92
C MET B 316 -1.10 -32.22 6.93
N ILE B 317 -1.40 -30.94 6.68
CA ILE B 317 -2.23 -30.18 7.61
C ILE B 317 -3.66 -30.70 7.61
N VAL B 318 -4.18 -31.05 6.44
CA VAL B 318 -5.52 -31.62 6.37
C VAL B 318 -5.59 -32.92 7.16
N THR B 319 -4.59 -33.79 6.97
CA THR B 319 -4.58 -35.06 7.68
C THR B 319 -4.44 -34.85 9.18
N THR B 320 -3.64 -33.88 9.61
CA THR B 320 -3.49 -33.67 11.04
C THR B 320 -4.75 -33.07 11.65
N CYS B 321 -5.48 -32.23 10.92
CA CYS B 321 -6.77 -31.75 11.44
C CYS B 321 -7.76 -32.90 11.59
N LEU B 322 -7.84 -33.76 10.57
CA LEU B 322 -8.74 -34.90 10.66
C LEU B 322 -8.34 -35.84 11.79
N ALA B 323 -7.04 -36.04 11.97
CA ALA B 323 -6.56 -36.90 13.04
C ALA B 323 -6.89 -36.31 14.41
N LYS B 324 -6.77 -34.99 14.55
CA LYS B 324 -7.14 -34.36 15.82
C LYS B 324 -8.62 -34.57 16.10
N GLY B 325 -9.46 -34.39 15.09
CA GLY B 325 -10.88 -34.62 15.29
C GLY B 325 -11.18 -36.05 15.70
N ALA B 326 -10.59 -37.01 14.99
CA ALA B 326 -10.84 -38.42 15.30
C ALA B 326 -10.32 -38.79 16.69
N VAL B 327 -9.15 -38.28 17.06
CA VAL B 327 -8.59 -38.58 18.38
C VAL B 327 -9.47 -37.99 19.47
N THR B 328 -9.96 -36.76 19.27
CA THR B 328 -10.84 -36.15 20.26
C THR B 328 -12.12 -36.96 20.42
N MET B 329 -12.70 -37.42 19.30
CA MET B 329 -13.92 -38.20 19.33
C MET B 329 -13.69 -39.65 19.75
N SER B 330 -12.43 -40.07 19.84
CA SER B 330 -12.10 -41.40 20.33
C SER B 330 -12.03 -41.47 21.85
N LYS B 331 -12.22 -40.34 22.53
CA LYS B 331 -12.23 -40.30 23.99
C LYS B 331 -13.63 -40.22 24.58
N GLU B 332 -14.59 -39.73 23.80
CA GLU B 332 -16.00 -39.74 24.18
C GLU B 332 -16.56 -41.17 24.08
N LYS B 333 -15.68 -42.14 23.84
CA LYS B 333 -16.02 -43.55 23.74
C LYS B 333 -16.81 -43.85 22.47
N THR B 334 -16.20 -43.57 21.32
CA THR B 334 -16.80 -43.88 20.03
C THR B 334 -15.74 -44.27 19.00
N ILE B 335 -15.77 -45.51 18.54
CA ILE B 335 -14.89 -45.96 17.46
C ILE B 335 -15.20 -45.14 16.21
N ILE B 336 -14.15 -44.75 15.48
CA ILE B 336 -14.30 -43.74 14.44
C ILE B 336 -14.04 -44.39 13.07
N LYS B 337 -13.92 -45.72 13.06
CA LYS B 337 -13.58 -46.51 11.88
C LYS B 337 -12.78 -45.72 10.85
N ASN B 338 -13.48 -45.07 9.92
CA ASN B 338 -12.82 -44.30 8.87
C ASN B 338 -12.35 -42.97 9.42
N LEU B 339 -11.08 -42.63 9.17
CA LEU B 339 -10.51 -41.40 9.72
C LEU B 339 -11.20 -40.17 9.16
N ASN B 340 -11.79 -40.28 7.97
CA ASN B 340 -12.45 -39.15 7.31
C ASN B 340 -13.94 -39.11 7.62
N SER B 341 -14.36 -39.65 8.75
CA SER B 341 -15.78 -39.65 9.08
C SER B 341 -16.19 -38.44 9.90
N ILE B 342 -15.28 -37.88 10.68
CA ILE B 342 -15.70 -36.85 11.63
C ILE B 342 -15.90 -35.50 10.94
N GLN B 343 -15.13 -35.21 9.89
CA GLN B 343 -15.41 -33.99 9.15
C GLN B 343 -16.76 -34.09 8.45
N ASN B 344 -17.09 -35.27 7.92
CA ASN B 344 -18.40 -35.46 7.30
C ASN B 344 -19.50 -35.35 8.35
N LEU B 345 -19.24 -35.83 9.57
CA LEU B 345 -20.19 -35.63 10.65
C LEU B 345 -20.39 -34.14 10.94
N GLY B 346 -19.30 -33.38 10.94
CA GLY B 346 -19.41 -31.95 11.16
C GLY B 346 -20.21 -31.26 10.09
N SER B 347 -19.97 -31.62 8.84
CA SER B 347 -20.69 -31.03 7.71
C SER B 347 -22.03 -31.69 7.45
N MET B 348 -22.51 -32.51 8.38
CA MET B 348 -23.79 -33.18 8.19
C MET B 348 -24.92 -32.16 8.13
N ASN B 349 -25.79 -32.32 7.14
CA ASN B 349 -26.93 -31.44 6.96
C ASN B 349 -28.25 -32.09 7.31
N ILE B 350 -28.47 -33.34 6.89
CA ILE B 350 -29.69 -34.08 7.17
C ILE B 350 -29.29 -35.44 7.75
N LEU B 351 -29.87 -35.77 8.90
CA LEU B 351 -29.60 -37.04 9.57
C LEU B 351 -30.81 -37.96 9.35
N CYS B 352 -30.62 -39.00 8.56
CA CYS B 352 -31.65 -40.01 8.36
C CYS B 352 -31.44 -41.13 9.36
N THR B 353 -32.47 -41.45 10.13
CA THR B 353 -32.31 -42.35 11.26
C THR B 353 -33.34 -43.47 11.21
N ASP B 354 -32.88 -44.69 11.48
CA ASP B 354 -33.79 -45.81 11.66
C ASP B 354 -34.57 -45.65 12.95
N LYS B 355 -35.78 -46.21 12.99
CA LYS B 355 -36.63 -46.07 14.17
C LYS B 355 -36.49 -47.26 15.11
N THR B 356 -36.69 -48.46 14.59
CA THR B 356 -36.70 -49.66 15.43
C THR B 356 -35.33 -49.93 16.01
N GLY B 357 -35.20 -49.78 17.33
CA GLY B 357 -33.99 -50.10 18.03
C GLY B 357 -32.95 -48.99 18.07
N THR B 358 -33.11 -47.94 17.28
CA THR B 358 -32.15 -46.85 17.26
C THR B 358 -32.57 -45.73 18.22
N LEU B 359 -33.74 -45.14 17.98
CA LEU B 359 -34.31 -44.18 18.92
C LEU B 359 -35.25 -44.84 19.92
N THR B 360 -35.99 -45.85 19.49
CA THR B 360 -36.73 -46.69 20.44
C THR B 360 -35.77 -47.78 20.91
N GLN B 361 -36.26 -48.66 21.78
CA GLN B 361 -35.39 -49.67 22.38
C GLN B 361 -35.93 -51.08 22.25
N ASP B 362 -36.80 -51.34 21.27
CA ASP B 362 -37.38 -52.67 20.98
C ASP B 362 -37.72 -53.45 22.25
N LYS B 363 -38.18 -52.73 23.27
CA LYS B 363 -38.51 -53.28 24.57
C LYS B 363 -39.95 -52.90 24.89
N VAL B 364 -40.83 -53.89 24.96
CA VAL B 364 -42.23 -53.62 25.26
C VAL B 364 -42.36 -53.21 26.72
N VAL B 365 -43.00 -52.07 26.95
CA VAL B 365 -43.20 -51.51 28.29
C VAL B 365 -44.60 -50.92 28.33
N LEU B 366 -45.30 -51.14 29.44
CA LEU B 366 -46.65 -50.61 29.57
C LEU B 366 -46.64 -49.10 29.56
N MET B 367 -47.44 -48.52 28.68
CA MET B 367 -47.65 -47.07 28.67
C MET B 367 -49.10 -46.66 28.84
N ARG B 368 -50.06 -47.41 28.31
CA ARG B 368 -51.48 -47.17 28.54
C ARG B 368 -52.10 -48.45 29.08
N HIS B 369 -52.58 -48.40 30.32
CA HIS B 369 -53.32 -49.52 30.89
C HIS B 369 -54.38 -48.90 31.82
N LEU B 370 -55.57 -48.70 31.27
CA LEU B 370 -56.59 -47.91 31.93
C LEU B 370 -57.90 -48.67 31.94
N ASP B 371 -58.83 -48.21 32.76
CA ASP B 371 -60.17 -48.79 32.79
C ASP B 371 -60.93 -48.42 31.52
N ILE B 372 -62.18 -48.89 31.44
CA ILE B 372 -63.00 -48.60 30.26
C ILE B 372 -63.46 -47.15 30.21
N HIS B 373 -63.09 -46.33 31.20
CA HIS B 373 -63.36 -44.90 31.17
C HIS B 373 -62.13 -44.09 30.81
N GLY B 374 -60.94 -44.69 30.81
CA GLY B 374 -59.74 -44.00 30.39
C GLY B 374 -58.84 -43.54 31.51
N GLN B 375 -58.90 -44.21 32.66
CA GLN B 375 -58.02 -43.93 33.79
C GLN B 375 -57.44 -45.23 34.32
N GLU B 376 -56.22 -45.15 34.85
CA GLU B 376 -55.52 -46.34 35.30
C GLU B 376 -56.27 -47.04 36.41
N ASN B 377 -56.43 -48.36 36.28
CA ASN B 377 -57.09 -49.19 37.28
C ASN B 377 -56.03 -50.02 37.98
N ILE B 378 -55.90 -49.83 39.29
CA ILE B 378 -54.89 -50.56 40.06
C ILE B 378 -55.24 -52.04 40.15
N ARG B 379 -56.53 -52.35 40.32
CA ARG B 379 -56.94 -53.74 40.50
C ARG B 379 -56.61 -54.60 39.28
N VAL B 380 -56.88 -54.08 38.09
CA VAL B 380 -56.68 -54.89 36.88
C VAL B 380 -55.20 -55.12 36.62
N LEU B 381 -54.36 -54.10 36.85
CA LEU B 381 -52.94 -54.27 36.64
C LEU B 381 -52.35 -55.17 37.72
N ARG B 382 -52.88 -55.10 38.93
CA ARG B 382 -52.42 -55.99 39.99
C ARG B 382 -52.79 -57.45 39.68
N HIS B 383 -53.97 -57.67 39.12
CA HIS B 383 -54.35 -59.00 38.68
C HIS B 383 -53.41 -59.50 37.58
N GLY B 384 -53.08 -58.62 36.63
CA GLY B 384 -52.10 -58.99 35.62
C GLY B 384 -50.73 -59.30 36.22
N PHE B 385 -50.34 -58.53 37.23
CA PHE B 385 -49.08 -58.78 37.92
C PHE B 385 -49.09 -60.15 38.57
N LEU B 386 -50.19 -60.53 39.19
CA LEU B 386 -50.31 -61.88 39.75
C LEU B 386 -50.17 -62.94 38.66
N ASN B 387 -50.93 -62.79 37.57
CA ASN B 387 -50.92 -63.81 36.52
C ASN B 387 -49.56 -63.88 35.83
N SER B 388 -48.76 -62.82 35.92
CA SER B 388 -47.44 -62.81 35.30
C SER B 388 -46.32 -63.20 36.26
N TYR B 389 -46.52 -63.01 37.56
CA TYR B 389 -45.49 -63.31 38.55
C TYR B 389 -45.60 -64.74 39.07
N TYR B 390 -46.80 -65.32 39.04
CA TYR B 390 -46.94 -66.77 39.16
C TYR B 390 -46.97 -67.46 37.79
N GLN B 391 -46.62 -66.75 36.73
CA GLN B 391 -46.57 -67.35 35.39
C GLN B 391 -45.35 -68.24 35.28
N THR B 392 -45.49 -69.50 35.71
CA THR B 392 -44.40 -70.46 35.64
C THR B 392 -44.48 -71.38 34.43
N GLY B 393 -45.54 -71.28 33.64
CA GLY B 393 -45.71 -72.15 32.49
C GLY B 393 -44.86 -71.75 31.30
N LEU B 394 -45.10 -70.55 30.78
CA LEU B 394 -44.38 -70.04 29.61
C LEU B 394 -44.12 -68.56 29.78
N LYS B 395 -42.86 -68.17 29.68
CA LYS B 395 -42.48 -66.76 29.78
C LYS B 395 -42.52 -66.12 28.40
N ASN B 396 -43.14 -64.94 28.33
CA ASN B 396 -43.31 -64.22 27.08
C ASN B 396 -43.01 -62.75 27.32
N LEU B 397 -42.47 -62.10 26.27
CA LEU B 397 -41.96 -60.73 26.42
C LEU B 397 -43.01 -59.79 27.01
N MET B 398 -44.28 -59.96 26.63
CA MET B 398 -45.32 -59.12 27.22
C MET B 398 -45.47 -59.39 28.71
N ASP B 399 -45.25 -60.64 29.14
CA ASP B 399 -45.31 -60.93 30.58
C ASP B 399 -44.19 -60.21 31.33
N LEU B 400 -42.97 -60.19 30.75
CA LEU B 400 -41.91 -59.37 31.33
C LEU B 400 -42.30 -57.90 31.35
N ALA B 401 -43.00 -57.43 30.32
CA ALA B 401 -43.48 -56.05 30.32
C ALA B 401 -44.40 -55.80 31.51
N ILE B 402 -45.34 -56.72 31.75
CA ILE B 402 -46.27 -56.55 32.87
C ILE B 402 -45.50 -56.51 34.19
N ILE B 403 -44.58 -57.44 34.40
CA ILE B 403 -43.92 -57.50 35.71
C ILE B 403 -43.04 -56.28 35.92
N GLU B 404 -42.32 -55.84 34.88
CA GLU B 404 -41.46 -54.67 35.04
C GLU B 404 -42.29 -53.42 35.27
N GLY B 405 -43.44 -53.32 34.60
CA GLY B 405 -44.33 -52.19 34.85
C GLY B 405 -44.95 -52.23 36.23
N ALA B 406 -45.09 -53.42 36.82
CA ALA B 406 -45.59 -53.51 38.19
C ALA B 406 -44.65 -52.81 39.17
N GLU B 407 -43.34 -53.03 39.02
CA GLU B 407 -42.38 -52.33 39.86
C GLU B 407 -42.20 -50.87 39.46
N ALA B 408 -42.33 -50.55 38.17
CA ALA B 408 -42.27 -49.15 37.75
C ALA B 408 -43.47 -48.36 38.26
N LYS B 409 -44.56 -49.06 38.60
CA LYS B 409 -45.79 -48.45 39.09
C LYS B 409 -45.66 -47.90 40.51
N GLN B 410 -44.64 -48.34 41.25
CA GLN B 410 -44.27 -47.97 42.62
C GLN B 410 -45.26 -48.47 43.67
N ASP B 411 -46.34 -49.14 43.28
CA ASP B 411 -47.19 -49.81 44.24
C ASP B 411 -46.57 -51.15 44.61
N LYS B 412 -46.44 -51.39 45.91
CA LYS B 412 -45.55 -52.44 46.40
C LYS B 412 -46.06 -53.84 46.04
N ASN B 413 -45.12 -54.70 45.69
CA ASN B 413 -45.37 -56.10 45.34
C ASN B 413 -45.59 -57.06 46.52
N PRO B 414 -44.92 -56.91 47.68
CA PRO B 414 -44.90 -58.04 48.63
C PRO B 414 -46.27 -58.46 49.12
N GLU B 415 -47.22 -57.54 49.25
CA GLU B 415 -48.58 -57.92 49.60
C GLU B 415 -49.11 -58.93 48.60
N LEU B 416 -49.05 -58.58 47.31
CA LEU B 416 -49.34 -59.57 46.27
C LEU B 416 -48.38 -60.74 46.36
N GLY B 417 -47.12 -60.48 46.67
CA GLY B 417 -46.20 -61.57 46.95
C GLY B 417 -46.65 -62.42 48.12
N GLY B 418 -47.21 -61.78 49.15
CA GLY B 418 -47.82 -62.52 50.23
C GLY B 418 -49.17 -63.09 49.86
N LEU B 419 -49.79 -62.56 48.80
CA LEU B 419 -51.09 -63.06 48.37
C LEU B 419 -50.99 -64.48 47.82
N SER B 420 -49.77 -64.98 47.58
CA SER B 420 -49.61 -66.39 47.28
C SER B 420 -50.16 -67.26 48.41
N SER B 421 -50.08 -66.79 49.65
CA SER B 421 -50.67 -67.52 50.76
C SER B 421 -52.18 -67.38 50.80
N LYS B 422 -52.74 -66.37 50.13
CA LYS B 422 -54.18 -66.16 50.09
C LYS B 422 -54.76 -66.37 48.70
N TYR B 423 -54.24 -65.68 47.69
CA TYR B 423 -54.83 -65.75 46.35
C TYR B 423 -54.16 -66.90 45.59
N THR B 424 -54.20 -68.07 46.24
CA THR B 424 -53.26 -69.16 45.93
C THR B 424 -53.43 -69.67 44.51
N LYS B 425 -52.29 -69.87 43.84
CA LYS B 425 -52.24 -70.39 42.47
C LYS B 425 -52.64 -71.86 42.48
N VAL B 426 -53.89 -72.14 42.12
CA VAL B 426 -54.34 -73.52 42.02
C VAL B 426 -53.72 -74.21 40.80
N ASP B 427 -53.80 -73.56 39.64
CA ASP B 427 -53.31 -74.15 38.40
C ASP B 427 -53.19 -73.06 37.35
N GLU B 428 -52.61 -73.42 36.21
CA GLU B 428 -52.55 -72.51 35.07
C GLU B 428 -52.60 -73.29 33.77
N ILE B 429 -53.37 -72.79 32.81
CA ILE B 429 -53.22 -73.17 31.42
C ILE B 429 -52.36 -72.08 30.80
N PRO B 430 -51.10 -72.37 30.44
CA PRO B 430 -50.18 -71.32 29.99
C PRO B 430 -50.59 -70.70 28.67
N PHE B 431 -49.78 -69.77 28.16
CA PHE B 431 -50.15 -69.05 26.95
C PHE B 431 -50.02 -69.98 25.75
N ASP B 432 -50.99 -70.86 25.59
CA ASP B 432 -51.02 -71.75 24.43
C ASP B 432 -51.40 -70.97 23.19
N PHE B 433 -50.67 -71.20 22.10
CA PHE B 433 -50.85 -70.36 20.91
C PHE B 433 -52.01 -70.84 20.04
N GLU B 434 -52.51 -72.06 20.27
CA GLU B 434 -53.62 -72.54 19.45
C GLU B 434 -54.91 -71.78 19.75
N ARG B 435 -55.10 -71.38 21.01
CA ARG B 435 -56.27 -70.60 21.40
C ARG B 435 -55.91 -69.17 21.81
N ARG B 436 -54.63 -68.81 21.74
CA ARG B 436 -54.11 -67.52 22.21
C ARG B 436 -54.80 -67.08 23.50
N ARG B 437 -54.77 -67.96 24.50
CA ARG B 437 -55.37 -67.72 25.80
C ARG B 437 -54.45 -68.29 26.87
N MET B 438 -54.11 -67.48 27.88
CA MET B 438 -53.47 -67.99 29.07
C MET B 438 -54.40 -67.72 30.23
N SER B 439 -54.76 -68.77 30.96
CA SER B 439 -55.75 -68.70 32.03
C SER B 439 -55.18 -69.27 33.32
N VAL B 440 -55.01 -68.43 34.32
CA VAL B 440 -54.57 -68.86 35.63
C VAL B 440 -55.82 -69.07 36.49
N VAL B 441 -55.93 -70.26 37.06
CA VAL B 441 -57.06 -70.63 37.91
C VAL B 441 -56.58 -70.59 39.35
N VAL B 442 -57.02 -69.59 40.10
CA VAL B 442 -56.51 -69.36 41.45
C VAL B 442 -57.67 -69.05 42.38
N LYS B 443 -57.55 -69.51 43.62
CA LYS B 443 -58.61 -69.37 44.62
C LYS B 443 -58.35 -68.16 45.50
N SER B 444 -59.42 -67.51 45.94
CA SER B 444 -59.35 -66.31 46.77
C SER B 444 -59.58 -66.70 48.22
N ASN B 445 -58.51 -67.08 48.92
CA ASN B 445 -58.58 -67.37 50.35
C ASN B 445 -58.65 -66.04 51.08
N THR B 446 -59.87 -65.53 51.25
CA THR B 446 -60.10 -64.24 51.88
C THR B 446 -60.33 -64.44 53.37
N ASN B 447 -59.51 -63.77 54.19
CA ASN B 447 -59.61 -63.79 55.64
C ASN B 447 -59.46 -65.18 56.23
N GLY B 448 -58.77 -66.07 55.53
CA GLY B 448 -58.48 -67.41 56.03
C GLY B 448 -59.39 -68.50 55.50
N ALA B 449 -60.55 -68.16 54.95
CA ALA B 449 -61.48 -69.15 54.46
C ALA B 449 -61.27 -69.39 52.96
N THR B 450 -61.51 -70.63 52.53
CA THR B 450 -61.37 -71.03 51.14
C THR B 450 -62.65 -70.63 50.42
N SER B 451 -62.64 -69.46 49.80
CA SER B 451 -63.80 -68.94 49.10
C SER B 451 -63.82 -69.47 47.66
N LYS B 452 -64.66 -68.86 46.82
CA LYS B 452 -64.77 -69.24 45.42
C LYS B 452 -63.44 -69.06 44.70
N THR B 453 -63.35 -69.67 43.52
CA THR B 453 -62.13 -69.63 42.72
C THR B 453 -62.38 -68.83 41.45
N GLN B 454 -61.43 -67.96 41.10
CA GLN B 454 -61.53 -67.18 39.88
C GLN B 454 -60.40 -67.57 38.94
N MET B 455 -60.71 -67.61 37.65
CA MET B 455 -59.65 -67.78 36.66
C MET B 455 -59.59 -66.56 35.76
N ILE B 456 -58.37 -66.07 35.54
CA ILE B 456 -58.12 -64.89 34.73
C ILE B 456 -57.41 -65.36 33.46
N THR B 457 -58.03 -65.06 32.32
CA THR B 457 -57.49 -65.40 31.01
C THR B 457 -57.20 -64.11 30.26
N LYS B 458 -56.02 -64.02 29.67
CA LYS B 458 -55.73 -62.96 28.71
C LYS B 458 -55.32 -63.56 27.38
N GLY B 459 -55.51 -62.76 26.33
CA GLY B 459 -55.18 -63.22 24.99
C GLY B 459 -55.54 -62.18 23.95
N ALA B 460 -55.46 -62.59 22.69
CA ALA B 460 -55.71 -61.69 21.58
C ALA B 460 -57.15 -61.17 21.62
N ALA B 461 -57.33 -59.95 21.12
CA ALA B 461 -58.63 -59.30 21.20
C ALA B 461 -59.71 -60.04 20.42
N GLU B 462 -59.34 -60.80 19.39
CA GLU B 462 -60.33 -61.45 18.54
C GLU B 462 -61.19 -62.43 19.34
N GLU B 463 -60.55 -63.48 19.87
CA GLU B 463 -61.30 -64.51 20.59
C GLU B 463 -61.99 -63.94 21.82
N MET B 464 -61.33 -63.02 22.53
CA MET B 464 -61.95 -62.42 23.70
C MET B 464 -63.22 -61.67 23.33
N LEU B 465 -63.19 -60.91 22.24
CA LEU B 465 -64.39 -60.20 21.81
C LEU B 465 -65.47 -61.17 21.35
N ASP B 466 -65.08 -62.30 20.75
CA ASP B 466 -66.09 -63.28 20.36
C ASP B 466 -66.75 -63.94 21.57
N ILE B 467 -65.98 -64.24 22.62
CA ILE B 467 -66.50 -65.03 23.72
C ILE B 467 -66.98 -64.20 24.91
N CYS B 468 -66.66 -62.91 24.97
CA CYS B 468 -67.01 -62.10 26.12
C CYS B 468 -68.43 -61.56 25.98
N THR B 469 -69.25 -61.80 27.00
CA THR B 469 -70.58 -61.21 27.09
C THR B 469 -70.85 -60.55 28.43
N LEU B 470 -69.93 -60.66 29.40
CA LEU B 470 -70.04 -60.02 30.69
C LEU B 470 -68.94 -58.96 30.80
N VAL B 471 -69.32 -57.77 31.23
CA VAL B 471 -68.42 -56.63 31.27
C VAL B 471 -68.56 -55.91 32.60
N GLU B 472 -67.43 -55.55 33.20
CA GLU B 472 -67.41 -54.79 34.44
C GLU B 472 -67.50 -53.30 34.08
N ASP B 473 -68.68 -52.72 34.27
CA ASP B 473 -68.91 -51.31 33.97
C ASP B 473 -69.63 -50.67 35.15
N LYS B 474 -69.37 -49.38 35.34
CA LYS B 474 -69.87 -48.55 36.43
C LYS B 474 -69.83 -49.26 37.78
N GLY B 475 -68.78 -50.04 38.03
CA GLY B 475 -68.59 -50.69 39.30
C GLY B 475 -69.36 -51.99 39.50
N ASN B 476 -70.16 -52.40 38.53
CA ASN B 476 -70.91 -53.64 38.59
C ASN B 476 -70.62 -54.48 37.35
N VAL B 477 -71.31 -55.61 37.25
CA VAL B 477 -71.17 -56.54 36.14
C VAL B 477 -72.46 -56.52 35.35
N VAL B 478 -72.38 -56.19 34.06
CA VAL B 478 -73.55 -56.13 33.20
C VAL B 478 -73.27 -56.93 31.93
N HIS B 479 -74.31 -57.07 31.11
CA HIS B 479 -74.14 -57.74 29.83
C HIS B 479 -73.44 -56.82 28.84
N LEU B 480 -72.75 -57.43 27.87
CA LEU B 480 -72.07 -56.67 26.85
C LEU B 480 -73.06 -56.16 25.82
N THR B 481 -73.67 -55.01 26.08
CA THR B 481 -74.66 -54.44 25.18
C THR B 481 -73.97 -53.87 23.94
N PRO B 482 -74.72 -53.70 22.85
CA PRO B 482 -74.13 -53.11 21.64
C PRO B 482 -73.48 -51.75 21.88
N GLU B 483 -74.01 -50.93 22.78
CA GLU B 483 -73.35 -49.67 23.10
C GLU B 483 -72.05 -49.89 23.85
N LEU B 484 -72.01 -50.89 24.73
CA LEU B 484 -70.75 -51.25 25.38
C LEU B 484 -69.76 -51.83 24.39
N ARG B 485 -70.26 -52.61 23.41
CA ARG B 485 -69.41 -53.09 22.34
C ARG B 485 -68.82 -51.93 21.55
N ALA B 486 -69.64 -50.91 21.26
CA ALA B 486 -69.16 -49.74 20.55
C ALA B 486 -68.10 -49.00 21.36
N TYR B 487 -68.32 -48.87 22.68
CA TYR B 487 -67.33 -48.22 23.53
C TYR B 487 -66.01 -48.98 23.53
N ILE B 488 -66.09 -50.31 23.68
CA ILE B 488 -64.87 -51.12 23.70
C ILE B 488 -64.15 -51.04 22.37
N LEU B 489 -64.90 -51.06 21.26
CA LEU B 489 -64.30 -50.93 19.96
C LEU B 489 -63.65 -49.57 19.77
N LYS B 490 -64.25 -48.52 20.34
CA LYS B 490 -63.66 -47.19 20.24
C LYS B 490 -62.35 -47.11 21.01
N LYS B 491 -62.29 -47.73 22.20
CA LYS B 491 -61.02 -47.79 22.93
C LYS B 491 -59.98 -48.58 22.14
N VAL B 492 -60.40 -49.70 21.53
CA VAL B 492 -59.50 -50.48 20.70
C VAL B 492 -58.98 -49.63 19.55
N ASP B 493 -59.84 -48.78 18.98
CA ASP B 493 -59.42 -47.95 17.86
C ASP B 493 -58.45 -46.86 18.28
N GLU B 494 -58.68 -46.22 19.43
CA GLU B 494 -57.71 -45.22 19.90
C GLU B 494 -56.38 -45.87 20.25
N LEU B 495 -56.39 -47.12 20.71
CA LEU B 495 -55.13 -47.80 20.97
C LEU B 495 -54.44 -48.24 19.68
N ASN B 496 -55.22 -48.65 18.67
CA ASN B 496 -54.64 -49.16 17.44
C ASN B 496 -54.15 -48.04 16.52
N GLU B 497 -54.82 -46.89 16.54
CA GLU B 497 -54.45 -45.80 15.64
C GLU B 497 -53.02 -45.34 15.86
N GLU B 498 -52.48 -45.56 17.06
CA GLU B 498 -51.06 -45.37 17.34
C GLU B 498 -50.24 -46.60 16.95
N GLY B 499 -50.87 -47.59 16.33
CA GLY B 499 -50.17 -48.81 15.95
C GLY B 499 -49.74 -49.65 17.13
N MET B 500 -50.59 -49.77 18.15
CA MET B 500 -50.28 -50.55 19.33
C MET B 500 -51.31 -51.69 19.45
N ARG B 501 -50.81 -52.91 19.63
CA ARG B 501 -51.66 -54.08 19.75
C ARG B 501 -52.27 -54.16 21.14
N VAL B 502 -53.48 -54.68 21.23
CA VAL B 502 -54.24 -54.74 22.48
C VAL B 502 -54.48 -56.20 22.83
N ILE B 503 -54.17 -56.56 24.08
CA ILE B 503 -54.42 -57.88 24.62
C ILE B 503 -55.48 -57.76 25.70
N LEU B 504 -56.55 -58.53 25.58
CA LEU B 504 -57.66 -58.45 26.51
C LEU B 504 -57.46 -59.40 27.68
N VAL B 505 -57.78 -58.91 28.87
CA VAL B 505 -57.67 -59.65 30.12
C VAL B 505 -59.05 -59.70 30.76
N ALA B 506 -59.44 -60.87 31.24
CA ALA B 506 -60.76 -61.05 31.83
C ALA B 506 -60.71 -62.08 32.93
N GLN B 507 -61.45 -61.83 34.00
CA GLN B 507 -61.58 -62.78 35.09
C GLN B 507 -63.00 -63.33 35.11
N LYS B 508 -63.11 -64.58 35.55
CA LYS B 508 -64.42 -65.19 35.77
C LYS B 508 -64.43 -65.83 37.15
N THR B 509 -65.54 -65.63 37.86
CA THR B 509 -65.79 -66.29 39.13
C THR B 509 -66.41 -67.67 38.87
N ASN B 510 -66.08 -68.63 39.75
CA ASN B 510 -66.64 -69.96 39.64
C ASN B 510 -66.50 -70.67 40.98
N PRO B 511 -67.40 -71.59 41.31
CA PRO B 511 -67.19 -72.44 42.47
C PRO B 511 -65.98 -73.34 42.26
N SER B 512 -65.46 -73.87 43.38
CA SER B 512 -64.27 -74.71 43.38
C SER B 512 -64.37 -75.80 42.31
N PRO B 513 -63.52 -75.75 41.28
CA PRO B 513 -63.65 -76.69 40.16
C PRO B 513 -63.12 -78.08 40.51
N ILE B 514 -64.03 -79.02 40.71
CA ILE B 514 -63.62 -80.41 40.89
C ILE B 514 -63.09 -80.97 39.58
N ASP B 515 -63.67 -80.59 38.45
CA ASP B 515 -63.25 -81.02 37.14
C ASP B 515 -62.33 -79.97 36.52
N THR B 516 -61.78 -80.29 35.34
CA THR B 516 -60.94 -79.37 34.62
C THR B 516 -61.80 -78.33 33.89
N PHE B 517 -61.15 -77.28 33.42
CA PHE B 517 -61.82 -76.17 32.74
C PHE B 517 -61.73 -76.34 31.23
N SER B 518 -62.85 -76.10 30.56
CA SER B 518 -62.97 -76.26 29.12
C SER B 518 -62.98 -74.89 28.44
N VAL B 519 -62.86 -74.92 27.11
CA VAL B 519 -62.86 -73.69 26.33
C VAL B 519 -64.24 -73.04 26.36
N GLN B 520 -65.30 -73.86 26.25
CA GLN B 520 -66.65 -73.32 26.24
C GLN B 520 -67.04 -72.69 27.57
N ASP B 521 -66.44 -73.14 28.67
CA ASP B 521 -66.71 -72.53 29.97
C ASP B 521 -66.00 -71.20 30.14
N GLU B 522 -64.94 -70.95 29.37
CA GLU B 522 -64.15 -69.72 29.47
C GLU B 522 -64.84 -68.52 28.82
N SER B 523 -65.99 -68.73 28.19
CA SER B 523 -66.76 -67.65 27.61
C SER B 523 -67.52 -66.91 28.71
N GLU B 524 -68.39 -65.97 28.32
CA GLU B 524 -69.13 -65.08 29.22
C GLU B 524 -68.28 -64.65 30.40
N MET B 525 -67.06 -64.21 30.15
CA MET B 525 -66.10 -63.88 31.19
C MET B 525 -65.94 -62.36 31.30
N VAL B 526 -65.76 -61.88 32.52
CA VAL B 526 -65.86 -60.45 32.83
C VAL B 526 -64.52 -59.81 32.51
N LEU B 527 -64.48 -58.99 31.46
CA LEU B 527 -63.24 -58.36 31.04
C LEU B 527 -62.93 -57.14 31.89
N MET B 528 -61.63 -56.93 32.16
CA MET B 528 -61.20 -55.80 32.98
C MET B 528 -60.99 -54.55 32.14
N GLY B 529 -60.07 -54.61 31.19
CA GLY B 529 -59.73 -53.44 30.41
C GLY B 529 -58.84 -53.79 29.24
N TYR B 530 -57.88 -52.91 28.99
CA TYR B 530 -57.00 -52.99 27.82
C TYR B 530 -55.56 -52.74 28.23
N LEU B 531 -54.64 -53.20 27.37
CA LEU B 531 -53.21 -53.10 27.62
C LEU B 531 -52.52 -52.48 26.42
N ALA B 532 -51.44 -51.73 26.68
CA ALA B 532 -50.62 -51.12 25.64
C ALA B 532 -49.16 -51.23 26.04
N PHE B 533 -48.42 -52.09 25.31
CA PHE B 533 -46.99 -52.30 25.55
C PHE B 533 -46.22 -51.62 24.42
N LEU B 534 -45.94 -50.33 24.60
CA LEU B 534 -45.23 -49.58 23.57
C LEU B 534 -43.73 -49.79 23.71
N ASP B 535 -43.00 -49.50 22.64
CA ASP B 535 -41.56 -49.45 22.69
C ASP B 535 -41.13 -48.01 22.89
N PRO B 536 -40.88 -47.57 24.11
CA PRO B 536 -40.65 -46.15 24.36
C PRO B 536 -39.34 -45.70 23.75
N PRO B 537 -39.27 -44.46 23.27
CA PRO B 537 -38.00 -43.93 22.78
C PRO B 537 -37.00 -43.82 23.92
N LYS B 538 -35.72 -43.91 23.57
CA LYS B 538 -34.68 -43.76 24.58
C LYS B 538 -34.78 -42.40 25.25
N GLU B 539 -34.48 -42.38 26.55
CA GLU B 539 -34.69 -41.18 27.35
C GLU B 539 -33.92 -39.98 26.84
N SER B 540 -32.85 -40.20 26.09
CA SER B 540 -32.06 -39.11 25.53
C SER B 540 -32.44 -38.79 24.08
N THR B 541 -33.43 -39.48 23.51
CA THR B 541 -33.77 -39.27 22.11
C THR B 541 -34.32 -37.87 21.88
N ALA B 542 -35.23 -37.41 22.75
CA ALA B 542 -35.81 -36.09 22.58
C ALA B 542 -34.74 -35.00 22.68
N LYS B 543 -33.86 -35.12 23.68
CA LYS B 543 -32.80 -34.13 23.84
C LYS B 543 -31.84 -34.16 22.65
N ALA B 544 -31.54 -35.36 22.13
CA ALA B 544 -30.67 -35.45 20.96
C ALA B 544 -31.31 -34.81 19.75
N ILE B 545 -32.61 -35.03 19.54
CA ILE B 545 -33.31 -34.41 18.41
C ILE B 545 -33.29 -32.90 18.55
N LYS B 546 -33.55 -32.40 19.76
CA LYS B 546 -33.54 -30.96 19.98
C LYS B 546 -32.16 -30.37 19.73
N ALA B 547 -31.11 -31.04 20.20
CA ALA B 547 -29.76 -30.56 19.98
C ALA B 547 -29.41 -30.57 18.49
N LEU B 548 -29.81 -31.61 17.77
CA LEU B 548 -29.56 -31.67 16.34
C LEU B 548 -30.27 -30.54 15.61
N ASN B 549 -31.51 -30.25 16.00
CA ASN B 549 -32.23 -29.14 15.38
C ASN B 549 -31.60 -27.80 15.74
N LYS B 550 -30.98 -27.70 16.92
CA LYS B 550 -30.34 -26.44 17.31
C LYS B 550 -29.17 -26.12 16.40
N TYR B 551 -28.39 -27.13 16.00
CA TYR B 551 -27.21 -26.94 15.16
C TYR B 551 -27.53 -27.03 13.67
N GLY B 552 -28.76 -26.69 13.28
CA GLY B 552 -29.08 -26.60 11.88
C GLY B 552 -29.12 -27.92 11.13
N VAL B 553 -29.31 -29.03 11.83
CA VAL B 553 -29.34 -30.35 11.20
C VAL B 553 -30.78 -30.84 11.24
N SER B 554 -31.38 -30.98 10.07
CA SER B 554 -32.69 -31.59 9.98
C SER B 554 -32.60 -33.08 10.27
N VAL B 555 -33.69 -33.64 10.79
CA VAL B 555 -33.75 -35.06 11.12
C VAL B 555 -34.91 -35.68 10.34
N LYS B 556 -34.63 -36.77 9.65
CA LYS B 556 -35.64 -37.54 8.94
C LYS B 556 -35.59 -38.98 9.42
N ILE B 557 -36.71 -39.69 9.28
CA ILE B 557 -36.84 -41.04 9.80
C ILE B 557 -37.06 -41.99 8.62
N LEU B 558 -36.29 -43.07 8.58
CA LEU B 558 -36.40 -44.10 7.55
C LEU B 558 -36.54 -45.43 8.26
N THR B 559 -37.76 -45.97 8.30
CA THR B 559 -38.03 -47.23 8.98
C THR B 559 -38.96 -48.09 8.14
N GLY B 560 -38.80 -49.40 8.26
CA GLY B 560 -39.68 -50.34 7.61
C GLY B 560 -40.92 -50.71 8.39
N ASP B 561 -41.11 -50.13 9.58
CA ASP B 561 -42.24 -50.46 10.41
C ASP B 561 -43.52 -49.82 9.85
N ASN B 562 -44.65 -50.19 10.46
CA ASN B 562 -45.94 -49.67 10.02
C ASN B 562 -46.03 -48.17 10.29
N ASP B 563 -46.78 -47.47 9.43
CA ASP B 563 -46.87 -46.02 9.54
C ASP B 563 -47.50 -45.58 10.85
N LYS B 564 -48.45 -46.36 11.38
CA LYS B 564 -49.16 -45.94 12.58
C LYS B 564 -48.23 -45.84 13.78
N VAL B 565 -47.35 -46.85 13.95
CA VAL B 565 -46.46 -46.84 15.10
C VAL B 565 -45.42 -45.73 14.97
N THR B 566 -44.99 -45.40 13.75
CA THR B 566 -44.02 -44.33 13.60
C THR B 566 -44.67 -42.96 13.49
N ARG B 567 -46.00 -42.89 13.51
CA ARG B 567 -46.66 -41.64 13.88
C ARG B 567 -46.74 -41.52 15.40
N SER B 568 -47.10 -42.62 16.07
CA SER B 568 -47.16 -42.63 17.53
C SER B 568 -45.82 -42.20 18.12
N VAL B 569 -44.77 -42.98 17.87
CA VAL B 569 -43.42 -42.47 18.04
C VAL B 569 -43.21 -41.37 17.02
N CYS B 570 -42.45 -40.35 17.40
CA CYS B 570 -42.22 -39.08 16.71
C CYS B 570 -43.43 -38.16 16.84
N LYS B 571 -44.58 -38.65 17.31
CA LYS B 571 -45.55 -37.76 17.94
C LYS B 571 -45.33 -37.67 19.44
N GLN B 572 -44.33 -38.40 19.94
CA GLN B 572 -43.93 -38.37 21.34
C GLN B 572 -42.54 -37.78 21.56
N VAL B 573 -41.68 -37.81 20.54
CA VAL B 573 -40.33 -37.26 20.66
C VAL B 573 -40.27 -35.79 20.31
N GLY B 574 -41.31 -35.23 19.69
CA GLY B 574 -41.34 -33.83 19.32
C GLY B 574 -41.07 -33.56 17.85
N LEU B 575 -40.63 -34.54 17.09
CA LEU B 575 -40.37 -34.33 15.67
C LEU B 575 -41.69 -34.09 14.95
N PRO B 576 -41.79 -33.06 14.11
CA PRO B 576 -43.05 -32.81 13.39
C PRO B 576 -43.37 -33.97 12.46
N VAL B 577 -44.50 -34.63 12.73
CA VAL B 577 -44.97 -35.75 11.93
C VAL B 577 -46.06 -35.20 11.02
N ASP B 578 -45.78 -35.19 9.72
CA ASP B 578 -46.70 -34.66 8.72
C ASP B 578 -46.66 -35.54 7.49
N LYS B 579 -47.83 -36.09 7.12
CA LYS B 579 -48.03 -36.88 5.90
C LYS B 579 -46.88 -37.86 5.67
N THR B 580 -46.76 -38.81 6.59
CA THR B 580 -45.73 -39.83 6.51
C THR B 580 -45.83 -40.58 5.18
N ILE B 581 -44.77 -40.49 4.39
CA ILE B 581 -44.73 -41.13 3.08
C ILE B 581 -44.57 -42.63 3.26
N LEU B 582 -45.41 -43.40 2.57
CA LEU B 582 -45.36 -44.84 2.60
C LEU B 582 -44.40 -45.36 1.53
N GLY B 583 -44.02 -46.64 1.66
CA GLY B 583 -43.05 -47.20 0.74
C GLY B 583 -43.55 -47.27 -0.68
N SER B 584 -44.83 -47.62 -0.85
CA SER B 584 -45.38 -47.73 -2.20
C SER B 584 -45.30 -46.42 -2.95
N ASP B 585 -45.53 -45.30 -2.26
CA ASP B 585 -45.51 -44.00 -2.90
C ASP B 585 -44.13 -43.70 -3.49
N ILE B 586 -43.07 -43.94 -2.72
CA ILE B 586 -41.73 -43.65 -3.25
C ILE B 586 -41.33 -44.70 -4.28
N ASP B 587 -41.86 -45.93 -4.17
CA ASP B 587 -41.59 -46.93 -5.21
C ASP B 587 -42.19 -46.50 -6.55
N GLN B 588 -43.40 -45.96 -6.55
CA GLN B 588 -44.02 -45.55 -7.80
C GLN B 588 -43.58 -44.16 -8.25
N LEU B 589 -42.74 -43.48 -7.48
CA LEU B 589 -42.40 -42.09 -7.74
C LEU B 589 -41.05 -42.02 -8.46
N ASP B 590 -40.96 -41.08 -9.41
CA ASP B 590 -39.78 -40.88 -10.23
C ASP B 590 -38.77 -40.03 -9.47
N ASP B 591 -37.53 -40.06 -9.94
CA ASP B 591 -36.40 -39.59 -9.14
C ASP B 591 -36.47 -38.10 -8.83
N ASN B 592 -36.83 -37.28 -9.82
CA ASN B 592 -36.80 -35.83 -9.62
C ASN B 592 -37.82 -35.39 -8.58
N GLU B 593 -39.08 -35.80 -8.75
CA GLU B 593 -40.09 -35.47 -7.75
C GLU B 593 -39.85 -36.23 -6.47
N LEU B 594 -39.16 -37.37 -6.52
CA LEU B 594 -38.76 -38.04 -5.29
C LEU B 594 -37.82 -37.15 -4.48
N ALA B 595 -36.83 -36.55 -5.13
CA ALA B 595 -35.93 -35.62 -4.44
C ALA B 595 -36.69 -34.40 -3.96
N ALA B 596 -37.62 -33.90 -4.77
CA ALA B 596 -38.40 -32.73 -4.37
C ALA B 596 -39.23 -33.03 -3.13
N VAL B 597 -39.87 -34.20 -3.08
CA VAL B 597 -40.69 -34.56 -1.93
C VAL B 597 -39.83 -34.81 -0.70
N ALA B 598 -38.75 -35.59 -0.85
CA ALA B 598 -37.99 -36.06 0.30
C ALA B 598 -37.39 -34.89 1.07
N ALA B 599 -36.84 -33.90 0.37
CA ALA B 599 -36.22 -32.77 1.04
C ALA B 599 -37.24 -31.99 1.85
N ALA B 600 -38.43 -31.77 1.30
CA ALA B 600 -39.46 -30.98 1.95
C ALA B 600 -40.47 -31.84 2.72
N ALA B 601 -40.05 -32.95 3.29
CA ALA B 601 -40.96 -33.86 3.96
C ALA B 601 -40.29 -34.38 5.23
N SER B 602 -40.84 -35.46 5.78
CA SER B 602 -40.48 -35.97 7.09
C SER B 602 -40.62 -37.48 7.09
N VAL B 603 -40.84 -38.04 8.27
CA VAL B 603 -40.81 -39.48 8.53
C VAL B 603 -41.43 -40.31 7.41
N PHE B 604 -40.69 -41.32 6.95
CA PHE B 604 -41.15 -42.26 5.94
C PHE B 604 -41.38 -43.62 6.60
N ALA B 605 -42.28 -44.41 6.02
CA ALA B 605 -42.68 -45.67 6.61
C ALA B 605 -42.70 -46.79 5.57
N LYS B 606 -42.49 -48.02 6.06
CA LYS B 606 -42.58 -49.23 5.24
C LYS B 606 -41.61 -49.18 4.07
N LEU B 607 -40.32 -49.12 4.39
CA LEU B 607 -39.28 -49.03 3.38
C LEU B 607 -38.41 -50.28 3.38
N SER B 608 -38.11 -50.77 2.19
CA SER B 608 -37.11 -51.81 1.98
C SER B 608 -35.72 -51.20 1.97
N PRO B 609 -34.67 -52.01 2.19
CA PRO B 609 -33.31 -51.44 2.20
C PRO B 609 -32.96 -50.67 0.93
N GLN B 610 -33.39 -51.17 -0.23
CA GLN B 610 -33.14 -50.45 -1.47
C GLN B 610 -33.86 -49.10 -1.47
N GLN B 611 -35.06 -49.05 -0.89
CA GLN B 611 -35.78 -47.79 -0.78
C GLN B 611 -35.00 -46.79 0.08
N LYS B 612 -34.47 -47.25 1.21
CA LYS B 612 -33.68 -46.37 2.07
C LYS B 612 -32.45 -45.86 1.35
N ALA B 613 -31.75 -46.75 0.66
CA ALA B 613 -30.56 -46.34 -0.07
C ALA B 613 -30.90 -45.34 -1.16
N ARG B 614 -32.01 -45.57 -1.88
CA ARG B 614 -32.40 -44.63 -2.92
C ARG B 614 -32.75 -43.27 -2.34
N ILE B 615 -33.48 -43.26 -1.21
CA ILE B 615 -33.86 -41.99 -0.61
C ILE B 615 -32.63 -41.21 -0.17
N VAL B 616 -31.68 -41.91 0.47
CA VAL B 616 -30.45 -41.23 0.90
C VAL B 616 -29.67 -40.71 -0.30
N THR B 617 -29.61 -41.50 -1.38
CA THR B 617 -28.87 -41.07 -2.56
C THR B 617 -29.51 -39.83 -3.20
N THR B 618 -30.83 -39.81 -3.32
CA THR B 618 -31.49 -38.63 -3.88
C THR B 618 -31.31 -37.42 -2.99
N LEU B 619 -31.37 -37.60 -1.67
CA LEU B 619 -31.09 -36.48 -0.78
C LEU B 619 -29.68 -35.97 -0.98
N ARG B 620 -28.74 -36.88 -1.23
CA ARG B 620 -27.37 -36.48 -1.54
C ARG B 620 -27.31 -35.67 -2.83
N ASN B 621 -28.02 -36.12 -3.87
CA ASN B 621 -27.96 -35.45 -5.17
C ASN B 621 -28.57 -34.06 -5.13
N SER B 622 -29.46 -33.77 -4.19
CA SER B 622 -30.02 -32.44 -4.07
C SER B 622 -29.02 -31.43 -3.54
N GLY B 623 -27.86 -31.88 -3.06
CA GLY B 623 -26.86 -31.00 -2.51
C GLY B 623 -26.71 -31.03 -1.00
N ASN B 624 -27.30 -32.02 -0.34
CA ASN B 624 -27.26 -32.12 1.12
C ASN B 624 -26.30 -33.23 1.52
N SER B 625 -25.41 -32.92 2.46
CA SER B 625 -24.53 -33.93 3.04
C SER B 625 -25.32 -34.70 4.07
N VAL B 626 -25.71 -35.94 3.74
CA VAL B 626 -26.66 -36.70 4.54
C VAL B 626 -25.91 -37.75 5.33
N GLY B 627 -26.09 -37.72 6.65
CA GLY B 627 -25.61 -38.79 7.51
C GLY B 627 -26.74 -39.76 7.80
N TYR B 628 -26.38 -40.97 8.21
CA TYR B 628 -27.37 -41.99 8.51
C TYR B 628 -27.01 -42.69 9.81
N MET B 629 -28.03 -43.12 10.54
CA MET B 629 -27.87 -43.89 11.76
C MET B 629 -28.83 -45.06 11.75
N GLY B 630 -28.40 -46.20 12.28
CA GLY B 630 -29.26 -47.36 12.34
C GLY B 630 -28.60 -48.49 13.07
N ASP B 631 -29.33 -49.60 13.18
CA ASP B 631 -28.82 -50.79 13.87
C ASP B 631 -29.03 -52.09 13.12
N GLY B 632 -30.02 -52.18 12.24
CA GLY B 632 -30.40 -53.44 11.62
C GLY B 632 -29.61 -53.74 10.36
N ILE B 633 -29.73 -55.00 9.93
CA ILE B 633 -29.06 -55.43 8.70
C ILE B 633 -29.67 -54.74 7.49
N ASN B 634 -30.97 -54.45 7.54
CA ASN B 634 -31.61 -53.76 6.42
C ASN B 634 -31.06 -52.35 6.24
N ASP B 635 -30.48 -51.77 7.28
CA ASP B 635 -29.95 -50.42 7.22
C ASP B 635 -28.54 -50.35 6.66
N ALA B 636 -27.94 -51.49 6.28
CA ALA B 636 -26.56 -51.47 5.82
C ALA B 636 -26.42 -50.69 4.51
N ALA B 637 -27.36 -50.87 3.58
CA ALA B 637 -27.28 -50.15 2.31
C ALA B 637 -27.38 -48.65 2.53
N ALA B 638 -28.28 -48.21 3.41
CA ALA B 638 -28.38 -46.80 3.73
C ALA B 638 -27.13 -46.29 4.44
N MET B 639 -26.56 -47.10 5.33
CA MET B 639 -25.33 -46.71 6.02
C MET B 639 -24.21 -46.47 5.03
N LYS B 640 -24.05 -47.38 4.07
CA LYS B 640 -22.98 -47.26 3.09
C LYS B 640 -23.25 -46.19 2.04
N SER B 641 -24.51 -45.89 1.74
CA SER B 641 -24.84 -44.88 0.76
C SER B 641 -24.76 -43.46 1.30
N SER B 642 -24.60 -43.29 2.60
CA SER B 642 -24.57 -41.98 3.21
C SER B 642 -23.14 -41.45 3.29
N ASP B 643 -23.02 -40.15 3.55
CA ASP B 643 -21.71 -39.55 3.76
C ASP B 643 -21.03 -40.13 4.99
N VAL B 644 -21.77 -40.29 6.07
CA VAL B 644 -21.25 -40.82 7.32
C VAL B 644 -22.32 -41.72 7.93
N GLY B 645 -21.98 -43.00 8.12
CA GLY B 645 -22.92 -43.95 8.66
C GLY B 645 -22.58 -44.28 10.11
N ILE B 646 -23.53 -44.02 10.99
CA ILE B 646 -23.33 -44.25 12.42
C ILE B 646 -24.10 -45.50 12.81
N SER B 647 -23.78 -46.02 14.00
CA SER B 647 -24.46 -47.21 14.51
C SER B 647 -24.45 -47.17 16.03
N VAL B 648 -25.62 -47.31 16.64
CA VAL B 648 -25.75 -47.36 18.09
C VAL B 648 -25.24 -48.71 18.57
N ASP B 649 -25.09 -48.86 19.88
CA ASP B 649 -24.44 -50.06 20.43
C ASP B 649 -25.20 -51.33 20.06
N SER B 650 -26.53 -51.29 20.08
CA SER B 650 -27.32 -52.49 19.82
C SER B 650 -27.28 -52.93 18.37
N ALA B 651 -26.46 -52.28 17.53
CA ALA B 651 -26.40 -52.64 16.12
C ALA B 651 -25.85 -54.04 15.94
N VAL B 652 -26.36 -54.74 14.93
CA VAL B 652 -25.86 -56.07 14.60
C VAL B 652 -24.44 -55.95 14.03
N ASP B 653 -23.74 -57.09 14.00
CA ASP B 653 -22.33 -57.09 13.63
C ASP B 653 -22.11 -56.56 12.22
N ILE B 654 -22.92 -57.00 11.26
CA ILE B 654 -22.77 -56.53 9.88
C ILE B 654 -23.00 -55.03 9.81
N ALA B 655 -24.02 -54.54 10.51
CA ALA B 655 -24.24 -53.09 10.57
C ALA B 655 -23.06 -52.39 11.22
N LYS B 656 -22.44 -53.02 12.21
CA LYS B 656 -21.25 -52.45 12.83
C LYS B 656 -20.12 -52.31 11.82
N GLU B 657 -19.90 -53.35 11.00
CA GLU B 657 -18.84 -53.29 9.99
C GLU B 657 -19.16 -52.24 8.93
N SER B 658 -20.43 -52.12 8.55
CA SER B 658 -20.81 -51.11 7.57
C SER B 658 -20.81 -49.70 8.14
N ALA B 659 -20.68 -49.55 9.46
CA ALA B 659 -20.74 -48.25 10.08
C ALA B 659 -19.45 -47.47 9.87
N ASP B 660 -19.45 -46.22 10.33
CA ASP B 660 -18.26 -45.39 10.28
C ASP B 660 -17.95 -44.79 11.65
N VAL B 661 -18.99 -44.43 12.40
CA VAL B 661 -18.82 -43.76 13.68
C VAL B 661 -19.50 -44.57 14.77
N ILE B 662 -19.44 -45.89 14.67
CA ILE B 662 -20.08 -46.82 15.58
C ILE B 662 -19.93 -46.38 17.03
N LEU B 663 -21.05 -46.28 17.75
CA LEU B 663 -21.06 -45.82 19.12
C LEU B 663 -20.91 -46.99 20.08
N LEU B 664 -20.80 -46.67 21.36
CA LEU B 664 -20.63 -47.75 22.34
C LEU B 664 -21.61 -47.70 23.50
N GLU B 665 -21.98 -46.52 23.99
CA GLU B 665 -22.69 -46.47 25.26
C GLU B 665 -24.17 -46.81 25.09
N LYS B 666 -24.92 -45.92 24.41
CA LYS B 666 -26.36 -45.96 24.20
C LYS B 666 -26.90 -44.54 24.09
N ASP B 667 -26.21 -43.59 24.70
CA ASP B 667 -26.63 -42.21 24.71
C ASP B 667 -26.36 -41.57 23.35
N LEU B 668 -27.37 -40.88 22.81
CA LEU B 668 -27.21 -40.18 21.55
C LEU B 668 -26.73 -38.75 21.73
N MET B 669 -26.64 -38.26 22.97
CA MET B 669 -26.16 -36.91 23.22
C MET B 669 -24.77 -36.70 22.62
N VAL B 670 -23.93 -37.74 22.66
CA VAL B 670 -22.58 -37.63 22.13
C VAL B 670 -22.60 -37.22 20.67
N LEU B 671 -23.71 -37.42 19.96
CA LEU B 671 -23.82 -36.95 18.60
C LEU B 671 -23.48 -35.48 18.49
N GLU B 672 -24.05 -34.65 19.36
CA GLU B 672 -23.72 -33.23 19.31
C GLU B 672 -22.24 -33.01 19.60
N LYS B 673 -21.67 -33.78 20.54
CA LYS B 673 -20.25 -33.68 20.83
C LYS B 673 -19.42 -34.00 19.60
N GLY B 674 -19.97 -34.73 18.64
CA GLY B 674 -19.34 -34.90 17.35
C GLY B 674 -19.64 -33.73 16.45
N ILE B 675 -20.93 -33.37 16.33
CA ILE B 675 -21.34 -32.35 15.37
C ILE B 675 -20.68 -31.02 15.69
N ILE B 676 -20.52 -30.71 16.98
CA ILE B 676 -19.72 -29.56 17.36
C ILE B 676 -18.28 -29.76 16.89
N GLU B 677 -17.65 -30.84 17.37
CA GLU B 677 -16.22 -31.02 17.16
C GLU B 677 -15.89 -31.09 15.68
N GLY B 678 -16.67 -31.86 14.92
CA GLY B 678 -16.43 -31.94 13.50
C GLY B 678 -16.41 -30.57 12.85
N ARG B 679 -17.36 -29.71 13.22
CA ARG B 679 -17.36 -28.37 12.67
C ARG B 679 -16.09 -27.61 13.04
N LYS B 680 -15.69 -27.70 14.30
CA LYS B 680 -14.48 -27.00 14.69
C LYS B 680 -13.23 -27.62 14.10
N THR B 681 -13.36 -28.79 13.46
CA THR B 681 -12.28 -29.26 12.60
C THR B 681 -12.32 -28.55 11.25
N TYR B 682 -13.49 -28.54 10.61
CA TYR B 682 -13.58 -28.00 9.26
C TYR B 682 -13.13 -26.55 9.23
N ALA B 683 -13.61 -25.74 10.19
CA ALA B 683 -13.17 -24.36 10.26
C ALA B 683 -11.65 -24.29 10.32
N ASN B 684 -11.04 -25.05 11.24
CA ASN B 684 -9.59 -25.03 11.36
C ASN B 684 -8.91 -25.54 10.11
N MET B 685 -9.62 -26.32 9.28
CA MET B 685 -9.07 -26.72 7.99
C MET B 685 -9.45 -25.74 6.89
N ILE B 686 -10.61 -25.09 6.98
CA ILE B 686 -10.96 -24.07 6.00
C ILE B 686 -10.30 -22.74 6.30
N LYS B 687 -9.79 -22.57 7.52
CA LYS B 687 -8.97 -21.39 7.81
C LYS B 687 -7.64 -21.49 7.06
N TYR B 688 -6.84 -22.50 7.40
CA TYR B 688 -5.54 -22.69 6.79
C TYR B 688 -5.63 -22.67 5.28
N ILE B 689 -6.57 -23.43 4.71
CA ILE B 689 -6.66 -23.56 3.26
C ILE B 689 -6.81 -22.20 2.61
N LYS B 690 -7.56 -21.29 3.23
CA LYS B 690 -7.60 -19.92 2.72
C LYS B 690 -6.39 -19.14 3.19
N MET B 691 -6.09 -19.23 4.47
CA MET B 691 -5.03 -18.46 5.12
C MET B 691 -3.65 -18.79 4.60
N THR B 692 -3.49 -19.90 3.87
CA THR B 692 -2.23 -20.19 3.18
C THR B 692 -2.35 -20.08 1.67
N ALA B 693 -3.56 -20.04 1.12
CA ALA B 693 -3.70 -19.81 -0.31
C ALA B 693 -3.69 -18.32 -0.64
N SER B 694 -4.11 -17.47 0.30
CA SER B 694 -4.00 -16.04 0.08
C SER B 694 -2.54 -15.60 0.12
N SER B 695 -1.83 -15.89 1.20
CA SER B 695 -0.45 -15.47 1.33
C SER B 695 0.41 -16.01 0.20
N ASN B 696 0.31 -17.31 -0.07
CA ASN B 696 1.06 -17.90 -1.17
C ASN B 696 0.72 -17.27 -2.50
N PHE B 697 -0.49 -16.74 -2.65
CA PHE B 697 -0.80 -15.97 -3.85
C PHE B 697 -0.06 -14.65 -3.84
N GLY B 698 -0.14 -13.92 -2.73
CA GLY B 698 0.51 -12.62 -2.66
C GLY B 698 2.00 -12.73 -2.87
N ASN B 699 2.64 -13.69 -2.19
CA ASN B 699 4.07 -13.91 -2.37
C ASN B 699 4.39 -14.20 -3.84
N MET B 700 3.50 -14.90 -4.54
CA MET B 700 3.71 -15.19 -5.94
C MET B 700 3.12 -14.15 -6.86
N PHE B 701 2.37 -13.17 -6.33
CA PHE B 701 1.96 -12.06 -7.17
C PHE B 701 3.12 -11.13 -7.45
N SER B 702 3.94 -10.85 -6.44
CA SER B 702 5.07 -9.95 -6.57
C SER B 702 6.19 -10.53 -7.42
N VAL B 703 6.18 -11.83 -7.68
CA VAL B 703 7.18 -12.43 -8.56
C VAL B 703 6.61 -12.47 -9.96
N LEU B 704 5.47 -11.80 -10.16
CA LEU B 704 4.89 -11.68 -11.49
C LEU B 704 4.92 -10.24 -12.00
N ILE B 705 4.27 -9.31 -11.29
CA ILE B 705 4.20 -7.94 -11.76
C ILE B 705 5.49 -7.18 -11.55
N ALA B 706 6.45 -7.79 -10.86
CA ALA B 706 7.82 -7.28 -10.77
C ALA B 706 8.81 -8.25 -11.40
N SER B 707 8.33 -9.12 -12.28
CA SER B 707 9.17 -10.10 -12.94
C SER B 707 9.86 -9.56 -14.18
N ALA B 708 9.61 -8.29 -14.52
CA ALA B 708 10.26 -7.67 -15.66
C ALA B 708 11.24 -6.57 -15.29
N PHE B 709 11.12 -5.98 -14.10
CA PHE B 709 12.03 -4.92 -13.69
C PHE B 709 13.25 -5.45 -12.96
N LEU B 710 13.13 -6.59 -12.29
CA LEU B 710 14.25 -7.17 -11.58
C LEU B 710 15.17 -7.88 -12.55
N PRO B 711 16.46 -7.51 -12.65
CA PRO B 711 17.37 -8.21 -13.54
C PRO B 711 17.79 -9.60 -13.06
N PHE B 712 17.18 -10.10 -12.00
CA PHE B 712 17.44 -11.44 -11.50
C PHE B 712 16.23 -11.90 -10.71
N ILE B 713 16.07 -13.22 -10.60
CA ILE B 713 14.90 -13.75 -9.89
C ILE B 713 14.96 -13.33 -8.43
N PRO B 714 13.87 -12.86 -7.83
CA PRO B 714 13.96 -12.37 -6.44
C PRO B 714 14.31 -13.44 -5.43
N MET B 715 13.60 -14.57 -5.44
CA MET B 715 13.87 -15.66 -4.53
C MET B 715 13.89 -16.97 -5.33
N LEU B 716 14.95 -17.75 -5.19
CA LEU B 716 15.09 -18.94 -6.01
C LEU B 716 14.01 -19.97 -5.66
N SER B 717 14.01 -21.06 -6.43
CA SER B 717 13.05 -22.13 -6.19
C SER B 717 13.24 -22.76 -4.83
N ILE B 718 14.48 -23.10 -4.46
CA ILE B 718 14.72 -23.78 -3.20
C ILE B 718 14.40 -22.90 -2.01
N HIS B 719 14.64 -21.59 -2.10
CA HIS B 719 14.25 -20.70 -1.01
C HIS B 719 12.74 -20.67 -0.81
N ILE B 720 11.97 -20.63 -1.89
CA ILE B 720 10.52 -20.67 -1.76
C ILE B 720 10.03 -22.02 -1.25
N LEU B 721 10.68 -23.11 -1.65
CA LEU B 721 10.34 -24.40 -1.05
C LEU B 721 10.58 -24.38 0.45
N LEU B 722 11.71 -23.81 0.89
CA LEU B 722 11.96 -23.69 2.32
C LEU B 722 10.90 -22.84 2.99
N LEU B 723 10.52 -21.73 2.37
CA LEU B 723 9.51 -20.85 2.96
C LEU B 723 8.17 -21.56 3.10
N ASN B 724 7.74 -22.27 2.05
CA ASN B 724 6.46 -22.98 2.09
C ASN B 724 6.50 -24.23 2.94
N LEU B 725 7.69 -24.75 3.25
CA LEU B 725 7.81 -25.91 4.14
C LEU B 725 7.85 -25.49 5.60
N ILE B 726 8.77 -24.61 5.97
CA ILE B 726 8.96 -24.27 7.37
C ILE B 726 7.76 -23.51 7.91
N TYR B 727 7.12 -22.69 7.09
CA TYR B 727 5.92 -22.00 7.54
C TYR B 727 4.76 -22.97 7.70
N ASP B 728 4.68 -23.99 6.85
CA ASP B 728 3.60 -24.96 6.93
C ASP B 728 3.71 -25.87 8.15
N PHE B 729 4.81 -25.81 8.89
CA PHE B 729 4.91 -26.56 10.13
C PHE B 729 4.27 -25.83 11.30
N SER B 730 3.98 -24.54 11.15
CA SER B 730 3.14 -23.84 12.10
C SER B 730 1.66 -24.16 11.89
N CYS B 731 1.26 -24.32 10.63
CA CYS B 731 -0.07 -24.81 10.35
C CYS B 731 -0.25 -26.25 10.81
N THR B 732 0.83 -26.94 11.15
CA THR B 732 0.68 -28.18 11.92
C THR B 732 0.05 -27.90 13.27
N ALA B 733 0.33 -26.73 13.85
CA ALA B 733 -0.31 -26.32 15.09
C ALA B 733 -1.57 -25.50 14.86
N ILE B 734 -1.91 -25.17 13.61
CA ILE B 734 -3.17 -24.47 13.34
C ILE B 734 -4.40 -25.24 13.78
N PRO B 735 -4.45 -26.59 13.79
CA PRO B 735 -5.69 -27.25 14.21
C PRO B 735 -6.06 -27.00 15.66
N TRP B 736 -5.13 -26.56 16.50
CA TRP B 736 -5.44 -26.28 17.90
C TRP B 736 -5.81 -24.81 18.13
N ASP B 737 -5.96 -24.03 17.07
CA ASP B 737 -6.40 -22.65 17.20
C ASP B 737 -7.86 -22.60 17.63
N ASN B 738 -8.23 -21.51 18.30
CA ASN B 738 -9.56 -21.35 18.87
C ASN B 738 -10.52 -20.78 17.84
N VAL B 739 -11.51 -21.57 17.43
CA VAL B 739 -12.62 -21.06 16.65
C VAL B 739 -13.66 -20.50 17.63
N ASP B 740 -14.16 -19.30 17.34
CA ASP B 740 -14.63 -18.46 18.44
C ASP B 740 -15.84 -19.03 19.18
N GLU B 741 -17.06 -18.83 18.66
CA GLU B 741 -18.20 -19.65 19.04
C GLU B 741 -19.28 -19.61 17.97
N GLU B 742 -19.05 -18.85 16.89
CA GLU B 742 -20.12 -18.50 15.97
C GLU B 742 -20.07 -19.28 14.67
N TYR B 743 -18.91 -19.77 14.27
CA TYR B 743 -18.84 -20.68 13.14
C TYR B 743 -19.58 -21.98 13.41
N LEU B 744 -19.78 -22.33 14.67
CA LEU B 744 -20.32 -23.63 15.07
C LEU B 744 -21.84 -23.60 15.26
N VAL B 745 -22.59 -23.08 14.30
CA VAL B 745 -24.05 -23.11 14.43
C VAL B 745 -24.71 -23.57 13.15
N VAL B 746 -23.97 -23.56 12.04
CA VAL B 746 -24.53 -23.94 10.75
C VAL B 746 -23.64 -24.98 10.09
N PRO B 747 -24.20 -26.05 9.52
CA PRO B 747 -23.39 -26.98 8.73
C PRO B 747 -22.89 -26.29 7.47
N ARG B 748 -21.58 -26.09 7.40
CA ARG B 748 -20.97 -25.33 6.33
C ARG B 748 -20.68 -26.20 5.12
N LYS B 749 -20.93 -25.66 3.94
CA LYS B 749 -20.68 -26.35 2.69
C LYS B 749 -19.28 -26.01 2.18
N TRP B 750 -18.68 -26.97 1.47
CA TRP B 750 -17.32 -26.83 0.97
C TRP B 750 -17.35 -25.91 -0.24
N ASP B 751 -17.37 -24.60 0.03
CA ASP B 751 -17.46 -23.59 -1.01
C ASP B 751 -16.04 -23.20 -1.43
N ALA B 752 -15.54 -23.81 -2.49
CA ALA B 752 -14.20 -23.50 -2.97
C ALA B 752 -14.17 -22.16 -3.70
N SER B 753 -15.28 -21.74 -4.30
CA SER B 753 -15.31 -20.46 -5.00
C SER B 753 -15.02 -19.32 -4.06
N SER B 754 -15.54 -19.38 -2.82
CA SER B 754 -15.21 -18.38 -1.83
C SER B 754 -13.71 -18.30 -1.57
N VAL B 755 -13.00 -19.43 -1.68
CA VAL B 755 -11.55 -19.39 -1.61
C VAL B 755 -10.96 -18.57 -2.76
N SER B 756 -11.47 -18.75 -3.97
CA SER B 756 -10.92 -18.02 -5.12
C SER B 756 -11.20 -16.52 -5.02
N LYS B 757 -12.24 -16.13 -4.30
CA LYS B 757 -12.49 -14.72 -4.06
C LYS B 757 -11.62 -14.18 -2.94
N PHE B 758 -11.58 -14.90 -1.81
CA PHE B 758 -10.84 -14.42 -0.66
C PHE B 758 -9.37 -14.20 -0.99
N MET B 759 -8.76 -15.17 -1.68
CA MET B 759 -7.33 -15.04 -1.98
C MET B 759 -7.09 -14.03 -3.09
N LEU B 760 -8.15 -13.57 -3.76
CA LEU B 760 -8.02 -12.43 -4.67
C LEU B 760 -8.27 -11.10 -3.98
N TRP B 761 -8.74 -11.11 -2.74
CA TRP B 761 -9.05 -9.88 -2.01
C TRP B 761 -8.01 -9.57 -0.94
N ILE B 762 -7.62 -10.57 -0.15
CA ILE B 762 -6.67 -10.33 0.92
C ILE B 762 -5.24 -10.62 0.47
N GLY B 763 -5.05 -11.50 -0.50
CA GLY B 763 -3.73 -11.85 -0.98
C GLY B 763 -2.94 -10.71 -1.58
N PRO B 764 -3.54 -9.95 -2.50
CA PRO B 764 -2.81 -8.83 -3.10
C PRO B 764 -2.37 -7.76 -2.12
N THR B 765 -3.05 -7.64 -0.98
CA THR B 765 -2.66 -6.62 0.00
C THR B 765 -1.25 -6.86 0.54
N SER B 766 -0.78 -8.10 0.49
CA SER B 766 0.61 -8.37 0.84
C SER B 766 1.55 -8.00 -0.30
N SER B 767 1.11 -8.20 -1.54
CA SER B 767 2.00 -8.05 -2.69
C SER B 767 2.59 -6.65 -2.75
N VAL B 768 1.77 -5.63 -2.50
CA VAL B 768 2.27 -4.26 -2.52
C VAL B 768 3.45 -4.12 -1.57
N PHE B 769 3.32 -4.67 -0.36
CA PHE B 769 4.44 -4.57 0.57
C PHE B 769 5.61 -5.42 0.12
N ASP B 770 5.33 -6.56 -0.53
CA ASP B 770 6.42 -7.34 -1.11
C ASP B 770 7.10 -6.57 -2.23
N ILE B 771 6.46 -5.53 -2.75
CA ILE B 771 7.15 -4.59 -3.63
C ILE B 771 7.87 -3.51 -2.83
N THR B 772 7.28 -3.04 -1.73
CA THR B 772 7.99 -2.12 -0.85
C THR B 772 9.26 -2.76 -0.32
N THR B 773 9.22 -4.05 0.01
CA THR B 773 10.44 -4.75 0.38
C THR B 773 11.41 -4.89 -0.79
N TYR B 774 10.89 -4.97 -2.01
CA TYR B 774 11.76 -5.05 -3.19
C TYR B 774 12.59 -3.78 -3.31
N LEU B 775 11.93 -2.66 -3.58
CA LEU B 775 12.63 -1.41 -3.85
C LEU B 775 13.59 -1.08 -2.72
N LEU B 776 13.08 -1.06 -1.49
CA LEU B 776 13.91 -0.91 -0.31
C LEU B 776 15.19 -1.72 -0.43
N MET B 777 15.02 -3.04 -0.53
CA MET B 777 16.16 -3.93 -0.45
C MET B 777 16.98 -3.93 -1.73
N PHE B 778 16.51 -3.28 -2.78
CA PHE B 778 17.31 -3.10 -3.98
C PHE B 778 18.04 -1.78 -4.00
N PHE B 779 17.71 -0.84 -3.10
CA PHE B 779 18.20 0.51 -3.27
C PHE B 779 18.96 1.05 -2.07
N VAL B 780 18.56 0.68 -0.86
CA VAL B 780 19.20 1.27 0.31
C VAL B 780 19.92 0.22 1.16
N ILE B 781 19.42 -1.01 1.17
CA ILE B 781 20.02 -2.02 2.04
C ILE B 781 21.11 -2.79 1.30
N CYS B 782 20.75 -3.42 0.19
CA CYS B 782 21.74 -4.17 -0.58
C CYS B 782 22.88 -3.28 -1.09
N PRO B 783 22.63 -2.12 -1.70
CA PRO B 783 23.74 -1.28 -2.14
C PRO B 783 24.62 -0.76 -1.00
N ALA B 784 24.12 -0.77 0.24
CA ALA B 784 24.91 -0.28 1.35
C ALA B 784 26.16 -1.12 1.56
N THR B 785 26.00 -2.44 1.61
CA THR B 785 27.14 -3.30 1.88
C THR B 785 27.92 -3.62 0.62
N PHE B 786 27.22 -3.82 -0.50
CA PHE B 786 27.82 -4.36 -1.71
C PHE B 786 27.84 -3.35 -2.86
N GLY B 787 27.74 -2.06 -2.56
CA GLY B 787 27.80 -1.05 -3.59
C GLY B 787 26.54 -1.01 -4.42
N PRO B 788 26.28 0.13 -5.07
CA PRO B 788 25.08 0.25 -5.90
C PRO B 788 25.09 -0.75 -7.04
N PHE B 789 23.90 -1.22 -7.39
CA PHE B 789 23.76 -2.12 -8.52
C PHE B 789 24.05 -1.36 -9.81
N SER B 790 23.96 -2.07 -10.93
CA SER B 790 24.31 -1.55 -12.26
C SER B 790 25.75 -1.07 -12.32
N SER B 791 26.55 -1.42 -11.30
CA SER B 791 27.96 -1.10 -11.29
C SER B 791 28.80 -2.31 -10.92
N LEU B 792 28.20 -3.50 -10.86
CA LEU B 792 28.89 -4.73 -10.51
C LEU B 792 29.01 -5.60 -11.76
N VAL B 793 30.13 -6.32 -11.86
CA VAL B 793 30.34 -7.17 -13.03
C VAL B 793 29.27 -8.26 -13.04
N PRO B 794 28.53 -8.43 -14.15
CA PRO B 794 27.43 -9.41 -14.14
C PRO B 794 27.89 -10.84 -13.93
N GLY B 795 29.15 -11.15 -14.20
CA GLY B 795 29.63 -12.50 -14.00
C GLY B 795 29.63 -12.90 -12.55
N SER B 796 30.53 -12.33 -11.76
CA SER B 796 30.60 -12.58 -10.33
C SER B 796 31.65 -11.67 -9.72
N VAL B 797 31.41 -11.27 -8.47
CA VAL B 797 32.33 -10.52 -7.62
C VAL B 797 31.60 -10.22 -6.32
N ALA B 798 30.75 -9.21 -6.32
CA ALA B 798 29.71 -9.03 -5.32
C ALA B 798 28.33 -9.22 -5.92
N TYR B 799 28.25 -9.41 -7.23
CA TYR B 799 27.00 -9.76 -7.89
C TYR B 799 26.37 -10.97 -7.21
N ILE B 800 27.17 -11.99 -6.91
CA ILE B 800 26.67 -13.13 -6.17
C ILE B 800 26.23 -12.70 -4.78
N GLY B 801 27.02 -11.85 -4.13
CA GLY B 801 26.67 -11.38 -2.80
C GLY B 801 25.41 -10.53 -2.79
N PHE B 802 25.30 -9.62 -3.77
CA PHE B 802 24.10 -8.79 -3.88
C PHE B 802 22.86 -9.66 -4.07
N ILE B 803 22.94 -10.61 -5.00
CA ILE B 803 21.79 -11.48 -5.28
C ILE B 803 21.43 -12.28 -4.04
N ALA B 804 22.43 -12.83 -3.36
CA ALA B 804 22.17 -13.61 -2.15
C ALA B 804 21.58 -12.77 -1.04
N LEU B 805 22.04 -11.53 -0.86
CA LEU B 805 21.47 -10.66 0.15
C LEU B 805 20.03 -10.30 -0.15
N PHE B 806 19.70 -9.99 -1.41
CA PHE B 806 18.30 -9.80 -1.76
C PHE B 806 17.48 -11.04 -1.47
N HIS B 807 18.00 -12.22 -1.84
CA HIS B 807 17.28 -13.46 -1.60
C HIS B 807 16.98 -13.65 -0.13
N THR B 808 18.00 -13.57 0.72
CA THR B 808 17.77 -13.83 2.14
C THR B 808 16.92 -12.76 2.79
N GLY B 809 17.06 -11.51 2.37
CA GLY B 809 16.22 -10.47 2.93
C GLY B 809 14.76 -10.64 2.58
N TRP B 810 14.46 -10.94 1.31
CA TRP B 810 13.07 -11.19 0.98
C TRP B 810 12.57 -12.47 1.65
N PHE B 811 13.41 -13.48 1.79
CA PHE B 811 13.08 -14.66 2.59
C PHE B 811 12.56 -14.25 3.95
N VAL B 812 13.39 -13.53 4.70
CA VAL B 812 13.04 -13.16 6.07
C VAL B 812 11.78 -12.32 6.10
N GLU B 813 11.71 -11.29 5.26
CA GLU B 813 10.57 -10.39 5.30
C GLU B 813 9.28 -11.10 4.92
N SER B 814 9.30 -11.91 3.87
CA SER B 814 8.10 -12.61 3.45
C SER B 814 7.64 -13.59 4.51
N MET B 815 8.57 -14.31 5.12
CA MET B 815 8.19 -15.25 6.17
C MET B 815 7.53 -14.51 7.34
N TRP B 816 8.18 -13.45 7.81
CA TRP B 816 7.62 -12.67 8.92
C TRP B 816 6.23 -12.14 8.59
N THR B 817 6.10 -11.48 7.44
CA THR B 817 4.86 -10.80 7.09
C THR B 817 3.76 -11.75 6.68
N GLN B 818 4.07 -13.00 6.31
CA GLN B 818 3.05 -13.95 5.95
C GLN B 818 2.66 -14.88 7.09
N THR B 819 3.48 -15.00 8.12
CA THR B 819 3.10 -15.80 9.27
C THR B 819 2.72 -14.97 10.50
N LEU B 820 2.88 -13.65 10.46
CA LEU B 820 2.38 -12.82 11.54
C LEU B 820 1.01 -12.23 11.26
N VAL B 821 0.60 -12.17 9.99
CA VAL B 821 -0.73 -11.68 9.64
C VAL B 821 -1.82 -12.68 9.99
N ILE B 822 -1.43 -13.90 10.38
CA ILE B 822 -2.42 -14.94 10.63
C ILE B 822 -3.28 -14.58 11.83
N HIS B 823 -2.68 -13.95 12.85
CA HIS B 823 -3.46 -13.44 13.97
C HIS B 823 -4.50 -12.42 13.53
N MET B 824 -4.26 -11.73 12.41
CA MET B 824 -5.17 -10.72 11.90
C MET B 824 -6.22 -11.28 10.95
N ILE B 825 -5.92 -12.37 10.27
CA ILE B 825 -6.84 -12.91 9.26
C ILE B 825 -7.76 -13.97 9.84
N ARG B 826 -7.31 -14.72 10.85
CA ARG B 826 -8.04 -15.89 11.30
C ARG B 826 -9.46 -15.56 11.74
N THR B 827 -9.62 -14.47 12.45
CA THR B 827 -10.91 -14.14 13.04
C THR B 827 -11.53 -12.94 12.35
N PRO B 828 -12.85 -12.79 12.44
CA PRO B 828 -13.48 -11.54 11.98
C PRO B 828 -13.07 -10.35 12.84
N LYS B 829 -13.67 -9.19 12.56
CA LYS B 829 -13.19 -7.88 12.99
C LYS B 829 -12.77 -7.82 14.46
N ILE B 830 -11.80 -6.95 14.75
CA ILE B 830 -11.26 -6.69 16.08
C ILE B 830 -10.66 -7.98 16.65
N PRO B 831 -9.50 -8.38 16.20
CA PRO B 831 -8.80 -9.52 16.81
C PRO B 831 -8.21 -9.12 18.16
N PHE B 832 -7.48 -10.05 18.76
CA PHE B 832 -6.97 -9.89 20.12
C PHE B 832 -8.10 -9.53 21.09
N LEU B 833 -8.28 -8.23 21.33
CA LEU B 833 -9.17 -7.69 22.35
C LEU B 833 -10.51 -8.41 22.40
N GLN B 834 -11.23 -8.50 21.28
CA GLN B 834 -12.53 -9.13 21.30
C GLN B 834 -12.42 -10.65 21.27
N SER B 835 -11.88 -11.20 20.19
CA SER B 835 -11.70 -12.64 20.05
C SER B 835 -10.24 -12.93 20.35
N ARG B 836 -9.96 -13.38 21.56
CA ARG B 836 -8.59 -13.68 21.95
C ARG B 836 -8.08 -14.78 21.02
N ALA B 837 -7.20 -14.40 20.11
CA ALA B 837 -6.81 -15.24 19.00
C ALA B 837 -5.60 -16.09 19.37
N SER B 838 -5.28 -17.01 18.47
CA SER B 838 -4.04 -17.79 18.53
C SER B 838 -3.87 -18.45 19.91
N ALA B 839 -4.75 -19.43 20.15
CA ALA B 839 -4.62 -20.32 21.29
C ALA B 839 -3.17 -20.73 21.47
N PRO B 840 -2.69 -20.89 22.70
CA PRO B 840 -1.23 -20.85 22.95
C PRO B 840 -0.42 -21.80 22.09
N LEU B 841 -0.99 -22.92 21.66
CA LEU B 841 -0.24 -23.84 20.79
C LEU B 841 0.17 -23.15 19.50
N THR B 842 -0.79 -22.54 18.80
CA THR B 842 -0.51 -21.91 17.52
C THR B 842 0.46 -20.74 17.66
N ILE B 843 0.21 -19.84 18.62
CA ILE B 843 1.07 -18.68 18.76
C ILE B 843 2.48 -19.10 19.17
N LEU B 844 2.58 -20.12 20.03
CA LEU B 844 3.88 -20.64 20.42
C LEU B 844 4.64 -21.19 19.22
N THR B 845 3.96 -21.98 18.38
CA THR B 845 4.64 -22.54 17.22
C THR B 845 5.05 -21.45 16.23
N PHE B 846 4.19 -20.45 16.05
CA PHE B 846 4.52 -19.34 15.15
C PHE B 846 5.79 -18.63 15.61
N MET B 847 5.83 -18.20 16.86
CA MET B 847 7.03 -17.51 17.32
C MET B 847 8.21 -18.45 17.52
N GLY B 848 8.00 -19.77 17.52
CA GLY B 848 9.10 -20.68 17.52
C GLY B 848 9.62 -21.04 16.15
N ILE B 849 8.87 -20.70 15.11
CA ILE B 849 9.31 -21.02 13.74
C ILE B 849 9.80 -19.74 13.05
N ILE B 850 9.31 -18.58 13.47
CA ILE B 850 9.93 -17.34 13.02
C ILE B 850 11.35 -17.26 13.52
N GLY B 851 11.58 -17.65 14.78
CA GLY B 851 12.91 -17.74 15.32
C GLY B 851 13.78 -18.76 14.61
N LEU B 852 13.20 -19.64 13.81
CA LEU B 852 13.96 -20.60 13.02
C LEU B 852 14.30 -20.02 11.65
N THR B 853 13.31 -19.45 10.96
CA THR B 853 13.57 -18.91 9.63
C THR B 853 14.41 -17.63 9.70
N ILE B 854 14.43 -16.96 10.86
CA ILE B 854 15.17 -15.71 11.00
C ILE B 854 16.65 -16.04 11.14
N ILE B 855 17.00 -17.32 11.03
CA ILE B 855 18.41 -17.72 11.13
C ILE B 855 18.91 -18.31 9.82
N PRO B 856 19.06 -17.51 8.74
CA PRO B 856 20.00 -17.90 7.69
C PRO B 856 21.39 -17.35 7.94
N PHE B 857 21.90 -17.50 9.17
CA PHE B 857 23.24 -17.05 9.51
C PHE B 857 24.19 -18.20 9.78
N THR B 858 23.73 -19.45 9.68
CA THR B 858 24.51 -20.61 10.05
C THR B 858 25.27 -21.16 8.85
N SER B 859 25.88 -22.32 9.06
CA SER B 859 26.48 -23.05 7.95
C SER B 859 25.43 -23.49 6.93
N PHE B 860 24.16 -23.45 7.31
CA PHE B 860 23.08 -23.65 6.37
C PHE B 860 22.83 -22.36 5.61
N GLY B 861 23.91 -21.79 5.07
CA GLY B 861 23.83 -20.62 4.22
C GLY B 861 24.34 -20.96 2.85
N HIS B 862 24.71 -22.22 2.65
CA HIS B 862 24.99 -22.76 1.34
C HIS B 862 23.73 -23.10 0.58
N SER B 863 22.57 -22.64 1.05
CA SER B 863 21.32 -22.74 0.31
C SER B 863 21.29 -21.67 -0.76
N ILE B 864 22.47 -21.13 -1.07
CA ILE B 864 22.72 -20.11 -2.09
C ILE B 864 22.18 -18.78 -1.57
N GLY B 865 22.09 -18.64 -0.26
CA GLY B 865 22.13 -17.34 0.36
C GLY B 865 22.16 -17.39 1.86
N LEU B 866 23.17 -16.76 2.47
CA LEU B 866 23.14 -16.53 3.91
C LEU B 866 23.15 -15.04 4.18
N MET B 867 24.20 -14.35 3.71
CA MET B 867 24.29 -12.90 3.71
C MET B 867 23.68 -12.30 4.97
N ALA B 868 24.22 -12.63 6.13
CA ALA B 868 23.66 -12.21 7.40
C ALA B 868 23.21 -10.76 7.34
N LEU B 869 21.92 -10.55 7.57
CA LEU B 869 21.28 -9.27 7.33
C LEU B 869 21.90 -8.19 8.20
N PRO B 870 22.13 -7.00 7.67
CA PRO B 870 22.59 -5.90 8.52
C PRO B 870 21.51 -5.51 9.51
N ILE B 871 21.90 -5.01 10.68
CA ILE B 871 20.96 -4.65 11.73
C ILE B 871 20.01 -3.59 11.21
N ASN B 872 20.47 -2.80 10.25
CA ASN B 872 19.68 -1.70 9.69
C ASN B 872 18.39 -2.18 9.07
N PHE B 873 18.33 -3.44 8.67
CA PHE B 873 17.16 -3.96 7.95
C PHE B 873 15.96 -4.18 8.87
N PHE B 874 16.20 -4.73 10.06
CA PHE B 874 15.13 -5.14 10.96
C PHE B 874 14.17 -4.01 11.35
N PRO B 875 14.64 -2.78 11.59
CA PRO B 875 13.69 -1.67 11.77
C PRO B 875 12.77 -1.50 10.58
N TRP B 876 13.27 -1.74 9.38
CA TRP B 876 12.44 -1.66 8.18
C TRP B 876 11.58 -2.89 7.98
N LEU B 877 11.93 -4.00 8.64
CA LEU B 877 11.08 -5.18 8.62
C LEU B 877 9.89 -5.04 9.57
N ILE B 878 10.12 -4.51 10.77
CA ILE B 878 9.03 -4.32 11.72
C ILE B 878 8.05 -3.26 11.20
N LEU B 879 8.57 -2.18 10.62
CA LEU B 879 7.71 -1.16 10.04
C LEU B 879 6.85 -1.70 8.91
N THR B 880 7.38 -2.64 8.12
CA THR B 880 6.56 -3.29 7.11
C THR B 880 5.53 -4.24 7.72
N VAL B 881 5.93 -5.01 8.74
CA VAL B 881 5.03 -5.98 9.33
C VAL B 881 3.82 -5.29 9.95
N VAL B 882 4.05 -4.24 10.73
CA VAL B 882 2.96 -3.56 11.42
C VAL B 882 1.98 -2.94 10.42
N MET B 883 2.53 -2.25 9.43
CA MET B 883 1.67 -1.54 8.49
C MET B 883 0.92 -2.53 7.60
N TYR B 884 1.54 -3.67 7.26
CA TYR B 884 0.83 -4.71 6.54
C TYR B 884 -0.30 -5.28 7.38
N MET B 885 -0.05 -5.49 8.68
CA MET B 885 -1.09 -6.04 9.54
C MET B 885 -2.30 -5.12 9.57
N MET B 886 -2.07 -3.81 9.69
CA MET B 886 -3.20 -2.89 9.72
C MET B 886 -3.88 -2.73 8.36
N LEU B 887 -3.12 -2.77 7.25
CA LEU B 887 -3.76 -2.78 5.94
C LEU B 887 -4.64 -4.01 5.75
N VAL B 888 -4.15 -5.16 6.21
CA VAL B 888 -4.95 -6.37 6.16
C VAL B 888 -6.19 -6.23 7.03
N THR B 889 -6.10 -5.50 8.14
CA THR B 889 -7.30 -5.22 8.92
C THR B 889 -8.33 -4.46 8.08
N ILE B 890 -7.88 -3.44 7.35
CA ILE B 890 -8.82 -2.69 6.49
C ILE B 890 -9.45 -3.60 5.45
N PHE B 891 -8.62 -4.39 4.76
CA PHE B 891 -9.15 -5.23 3.69
C PHE B 891 -10.03 -6.36 4.23
N LYS B 892 -9.74 -6.82 5.44
CA LYS B 892 -10.60 -7.78 6.11
C LYS B 892 -11.96 -7.18 6.40
N LYS B 893 -11.99 -5.92 6.85
CA LYS B 893 -13.27 -5.25 7.06
C LYS B 893 -14.05 -5.16 5.75
N ILE B 894 -13.37 -4.79 4.67
CA ILE B 894 -14.05 -4.67 3.37
C ILE B 894 -14.61 -6.02 2.94
N PHE B 895 -13.80 -7.08 3.06
CA PHE B 895 -14.24 -8.40 2.64
C PHE B 895 -15.41 -8.90 3.47
N VAL B 896 -15.36 -8.68 4.80
CA VAL B 896 -16.47 -9.10 5.64
C VAL B 896 -17.74 -8.33 5.27
N SER B 897 -17.61 -7.04 5.01
CA SER B 897 -18.76 -6.24 4.65
C SER B 897 -19.22 -6.47 3.21
N LYS B 898 -18.47 -7.21 2.41
CA LYS B 898 -18.86 -7.42 1.02
C LYS B 898 -19.69 -8.68 0.80
N TYR B 899 -19.15 -9.87 1.08
CA TYR B 899 -19.84 -11.09 0.69
C TYR B 899 -20.70 -11.65 1.82
N GLY B 900 -20.13 -12.32 2.80
CA GLY B 900 -20.85 -12.56 4.03
C GLY B 900 -20.01 -12.52 5.30
N GLU B 901 -18.73 -12.86 5.16
CA GLU B 901 -17.84 -13.09 6.30
C GLU B 901 -16.48 -13.50 5.74
N LEU B 902 -15.49 -13.55 6.64
CA LEU B 902 -14.33 -14.44 6.47
C LEU B 902 -14.72 -15.87 6.81
N LEU B 903 -13.86 -16.80 6.40
CA LEU B 903 -14.01 -18.19 6.80
C LEU B 903 -12.78 -18.62 7.58
#